data_6ZIT
#
_entry.id   6ZIT
#
_cell.length_a   1.00
_cell.length_b   1.00
_cell.length_c   1.00
_cell.angle_alpha   90.00
_cell.angle_beta   90.00
_cell.angle_gamma   90.00
#
_symmetry.space_group_name_H-M   'P 1'
#
loop_
_entity.id
_entity.type
_entity.pdbx_description
1 polymer 'ATP synthase protein 8'
2 polymer 'ATP synthase subunit a'
3 polymer 'ATP synthase subunit d, mitochondrial'
4 polymer 'ATP synthase subunit e, mitochondrial'
5 polymer 'ATP synthase subunit f, mitochondrial'
6 polymer 'ATP synthase subunit g, mitochondrial'
7 polymer 'ATP synthase subunit ATP5MPL, mitochondrial'
8 polymer 'ATP synthase membrane subunit DAPIT, mitochondrial'
9 polymer 'ATP synthase F(0) complex subunit C2, mitochondrial'
10 polymer 'ATP synthase F(0) complex subunit B1, mitochondrial'
11 polymer 'ATP synthase-coupling factor 6, mitochondrial'
12 polymer 'ATP synthase subunit O, mitochondrial'
13 polymer 'ATP synthase subunit alpha, mitochondrial'
#
loop_
_entity_poly.entity_id
_entity_poly.type
_entity_poly.pdbx_seq_one_letter_code
_entity_poly.pdbx_strand_id
1 'polypeptide(L)' MPQLDTSTWLTMILSMFLTLFIIFQLKVSKHNFYHNPELTPTKMLKQNTPWETKWTKIYLPLLLPL 8
2 'polypeptide(L)'
;MNENLFTSFITPVILGLPLVTLIVLFPSLLFPTSNRLVSNRFVTLQQWMLQLVSKQMMSIHNSKGQTWTLMLMSLILFIG
STNLLGLLPHSFTPTTQLSMNLGMAIPLWAGAVITGFRNKTKASLAHFLPQGTPTPLIPMLVIIETISLFIQPMALAVRL
TANITAGHLLIHLIGGATLALMSISTTTALITFTILILLTILEFAVAMIQAYVFTLLVSLYLHDNT
;
a
3 'polypeptide(L)'
;AGRKLALKTIDWVAFGEIIPRNQKAVANSLKSWNETLTSRLATLPEKPPAIDWAYYKANVAKAGLVDDFEKKFNALKVPI
PEDKYTAQVDAEEKEDVKSCAEFLTQSKTRIQEYEKELEKMRNIIPFDQMTIEDLNEVFPETKLDKKKYPYWPHRPIETL
;
d
4 'polypeptide(L)' VPPVQVSPLIKLGRYSALFLGMAYGAKRYNYLKPRAEEERRLAAEEKKKRDEQKRIERELAEAQEDTILK e
5 'polypeptide(L)'
;ASVVPLKEKKLLEVKLGELPSWILMRDFTPSGIAGAFQRGYYRYYNKYVNVKKGSIAGLSMVLAAYVFLNYCRSYKELKH
ERLRKYH
;
f
6 'polypeptide(L)'
;AEFVRNLAEKAPALVNAAVTYSKPRLATFWYYAKVELVPPTPAEIPTAIQSLKKIINSAKTGSFKQLTVKEALLNGLVAT
EVWMWFYVGEIIGKRGIIGYDV
;
g
7 'polypeptide(L)' MLQSLIKKVWIPMKPYYTQAYQEIWVGTGLMAYIVYKIRSADKRSKALKASSAAPAHGHH j
8 'polypeptide(L)' AGPEADAQFHFTGIKKYFNSYTLTGRMNCVLATYGSIALIVLYFKLRSKKTPAVKAT k
9 'polypeptide(L)' DIDTAAKFIGAGAATVGVAGSGAGIGTVFGSLIIGYARNPSL(M3L)QQLFSYAILGFALSEAMGLFCLMVAFLILFAM R,K,L
10 'polypeptide(L)'
;PVPPLPEHGGKVRFGLIPEEFFQFLYPKTGVTGPYVLGTGLILYLLSKEIYVITPETFSAISTIGFLVYIVKKYGASVGE
FADKLNEQKIAQLEEVKQASIKQIQDAIDMEKSQQALVQKRHYLFDVQRNNIAMALEVTYRERLHRVYREVKNRLDYHIS
VQNMMRQKEQEHMINWVEKRVVQSISAQQEKETIAKCIADLKLLSKKAQAQPVM
;
b
11 'polypeptide(L)' NKELDPVQKLFVDKIREYRTKRQTSGGPVDAGPEYQQDLDRELFKLKQMYGKADMNTFPNFTFEDPKFEVVEKPQS h
12 'polypeptide(L)'
;FAKLVRPPVQIYGIEGRYATALYSAASKQNKLEQVEKELLRVGQILKEPKMAASLLNPYVKRSVKVKSLSDMTAKEKFSP
LTSNLINLLAENGRLTNTPAVISAFSTMMSVHRGEVPCTVTTASALDEATLTELKTVLKSFLSKGQVLKLEVKIDPSIMG
GMIVRIGEKYVDMSAKTKIQKLSRAMREIL
;
S
13 'polypeptide(L)'
;EKTGTAEVSSILEERILGADTSVDLEETGRVLSIGDGIARVHGLRNVQAEEMVEFSSGLKGMSLNLEPDNVGVVVFGNDK
LIKEGDIVKRTGAIVDVPVGEELLGRVVDALGNAIDGKGPIGSKARRRVGLKAPGIIPRISVREPMQTGIKAVDSLVPIG
RGQRELIIGDRQTGKTSIAIDTIINQKRFNDGTDEKKKLYCIYVAIGQKRSTVAQLVKRLTDADAMKYTIVVSATASDAA
PLQYLAPYSGCSMGEYFRDNGKHALIIYDDLSKQAVAYRQMSLLLRRPPGREAYPGDVFYLHSRLLERAAKMNDAFGGGS
LTALPVIETQAGDVSAYIPTNVISITDGQIFLETELFYKGIRPAINVGLSVSRVGSAAQTRAMKQVAGTMKLELAQYREV
AAFAQFGSDLDAATQQLLSRGVRLTELLKQGQYSPMAIEEQVAVIYAGVRGYLDKLEPSKITKFENAFLSHVISQHQALL
SKIRTDGKISEESDAKLKEIVTNFLAGFEA
;
C
#
# COMPACT_ATOMS: atom_id res chain seq x y z
N MET A 1 -40.61 35.39 -41.52
CA MET A 1 -40.11 34.95 -40.18
C MET A 1 -38.66 35.34 -40.02
N PRO A 2 -38.36 36.28 -39.11
CA PRO A 2 -36.96 36.67 -38.92
C PRO A 2 -36.06 35.49 -38.65
N GLN A 3 -36.59 34.48 -37.95
CA GLN A 3 -35.79 33.30 -37.66
C GLN A 3 -35.39 32.58 -38.93
N LEU A 4 -36.32 32.44 -39.87
CA LEU A 4 -36.13 31.58 -41.03
C LEU A 4 -35.52 32.30 -42.22
N ASP A 5 -35.34 33.61 -42.15
CA ASP A 5 -34.86 34.36 -43.32
C ASP A 5 -33.39 34.05 -43.55
N THR A 6 -33.12 33.18 -44.52
CA THR A 6 -31.77 32.70 -44.78
C THR A 6 -30.77 33.83 -45.02
N SER A 7 -31.23 35.08 -45.16
CA SER A 7 -30.36 36.21 -45.49
C SER A 7 -28.97 36.16 -44.84
N THR A 8 -28.92 35.84 -43.55
CA THR A 8 -27.70 35.95 -42.76
C THR A 8 -27.16 34.60 -42.30
N TRP A 9 -27.75 33.50 -42.77
CA TRP A 9 -27.36 32.20 -42.25
C TRP A 9 -25.88 31.97 -42.43
N LEU A 10 -25.34 32.30 -43.61
CA LEU A 10 -23.91 32.13 -43.84
C LEU A 10 -23.12 32.76 -42.71
N THR A 11 -23.47 34.00 -42.33
CA THR A 11 -22.70 34.69 -41.30
C THR A 11 -22.70 33.90 -40.01
N MET A 12 -23.84 33.32 -39.64
CA MET A 12 -23.87 32.50 -38.43
C MET A 12 -22.86 31.37 -38.53
N ILE A 13 -22.87 30.63 -39.62
CA ILE A 13 -22.18 29.34 -39.64
C ILE A 13 -20.70 29.54 -39.36
N LEU A 14 -20.05 30.44 -40.08
CA LEU A 14 -18.65 30.71 -39.82
C LEU A 14 -18.46 31.13 -38.37
N SER A 15 -19.30 32.06 -37.90
CA SER A 15 -19.20 32.49 -36.52
C SER A 15 -19.18 31.30 -35.58
N MET A 16 -20.00 30.29 -35.87
CA MET A 16 -19.97 29.09 -35.06
C MET A 16 -18.57 28.50 -35.04
N PHE A 17 -18.07 28.05 -36.19
CA PHE A 17 -16.82 27.33 -36.22
C PHE A 17 -15.72 28.12 -35.53
N LEU A 18 -15.55 29.38 -35.94
CA LEU A 18 -14.59 30.26 -35.30
C LEU A 18 -14.60 30.09 -33.80
N THR A 19 -15.78 30.25 -33.19
CA THR A 19 -15.88 30.03 -31.76
C THR A 19 -15.60 28.57 -31.42
N LEU A 20 -16.42 27.66 -31.95
CA LEU A 20 -16.45 26.32 -31.39
C LEU A 20 -15.19 25.54 -31.75
N PHE A 21 -14.77 25.61 -33.00
CA PHE A 21 -13.67 24.77 -33.46
C PHE A 21 -12.30 25.40 -33.24
N ILE A 22 -12.23 26.69 -32.94
CA ILE A 22 -10.95 27.41 -32.88
C ILE A 22 -10.73 28.08 -31.53
N ILE A 23 -11.76 28.69 -30.98
CA ILE A 23 -11.58 29.38 -29.71
C ILE A 23 -11.73 28.38 -28.57
N PHE A 24 -12.94 27.85 -28.39
CA PHE A 24 -13.20 27.06 -27.20
C PHE A 24 -12.25 25.87 -27.13
N GLN A 25 -12.02 25.20 -28.25
CA GLN A 25 -11.04 24.13 -28.27
C GLN A 25 -9.77 24.54 -27.55
N LEU A 26 -9.10 25.58 -28.05
CA LEU A 26 -7.84 25.98 -27.44
C LEU A 26 -8.01 26.22 -25.95
N LYS A 27 -9.10 26.88 -25.57
CA LYS A 27 -9.30 27.20 -24.17
C LYS A 27 -9.39 25.92 -23.35
N VAL A 28 -10.12 24.92 -23.83
CA VAL A 28 -10.17 23.64 -23.15
C VAL A 28 -9.05 22.73 -23.61
N SER A 29 -8.20 23.19 -24.52
CA SER A 29 -6.93 22.53 -24.76
C SER A 29 -5.83 23.08 -23.86
N LYS A 30 -6.19 23.96 -22.92
CA LYS A 30 -5.23 24.56 -22.01
C LYS A 30 -5.55 24.20 -20.56
N HIS A 31 -5.86 22.92 -20.34
CA HIS A 31 -5.78 22.30 -19.02
C HIS A 31 -4.98 21.03 -19.18
N ASN A 32 -4.63 20.41 -18.06
CA ASN A 32 -3.79 19.23 -18.10
C ASN A 32 -4.44 17.99 -17.51
N PHE A 33 -4.96 18.05 -16.29
CA PHE A 33 -5.37 16.85 -15.56
C PHE A 33 -4.17 15.95 -15.32
N TYR A 34 -3.10 16.54 -14.80
CA TYR A 34 -1.83 15.82 -14.68
C TYR A 34 -2.04 14.46 -14.05
N HIS A 35 -1.24 13.49 -14.47
CA HIS A 35 -1.24 12.20 -13.80
C HIS A 35 -0.84 12.43 -12.34
N ASN A 36 -1.77 12.19 -11.44
CA ASN A 36 -1.46 12.33 -10.04
C ASN A 36 -0.45 11.26 -9.63
N PRO A 37 0.64 11.61 -8.93
CA PRO A 37 1.62 10.59 -8.54
C PRO A 37 1.01 9.40 -7.82
N GLU A 38 1.81 8.36 -7.65
CA GLU A 38 1.38 7.12 -7.03
C GLU A 38 2.01 6.93 -5.65
N MET B 1 -49.59 42.87 -32.96
CA MET B 1 -48.62 41.91 -32.37
C MET B 1 -48.22 40.85 -33.37
N ASN B 2 -47.66 41.28 -34.50
CA ASN B 2 -47.15 40.37 -35.51
C ASN B 2 -45.63 40.20 -35.39
N GLU B 3 -44.89 41.31 -35.51
CA GLU B 3 -43.46 41.33 -35.24
C GLU B 3 -43.14 42.28 -34.11
N ASN B 4 -44.15 42.79 -33.42
CA ASN B 4 -43.97 43.53 -32.18
C ASN B 4 -43.71 42.62 -31.01
N LEU B 5 -43.43 41.36 -31.30
CA LEU B 5 -43.03 40.36 -30.33
C LEU B 5 -41.79 39.57 -30.74
N PHE B 6 -41.64 39.25 -32.02
CA PHE B 6 -40.41 38.63 -32.51
C PHE B 6 -39.28 39.62 -32.72
N THR B 7 -39.45 40.86 -32.26
CA THR B 7 -38.46 41.89 -32.55
C THR B 7 -37.07 41.49 -32.07
N SER B 8 -36.99 40.73 -30.99
CA SER B 8 -35.69 40.37 -30.42
C SER B 8 -35.04 39.17 -31.09
N PHE B 9 -35.80 38.40 -31.87
CA PHE B 9 -35.20 37.26 -32.58
C PHE B 9 -34.49 37.69 -33.85
N ILE B 10 -34.66 38.94 -34.27
CA ILE B 10 -33.97 39.45 -35.45
C ILE B 10 -32.49 39.16 -35.34
N THR B 11 -31.86 38.90 -36.48
CA THR B 11 -30.41 38.86 -36.49
C THR B 11 -29.89 40.27 -36.31
N PRO B 12 -29.15 40.58 -35.25
CA PRO B 12 -28.74 41.97 -35.01
C PRO B 12 -27.52 42.33 -35.83
N VAL B 13 -27.66 43.33 -36.69
CA VAL B 13 -26.54 43.95 -37.38
C VAL B 13 -26.66 45.45 -37.20
N ILE B 14 -25.79 46.02 -36.37
CA ILE B 14 -25.86 47.45 -36.09
C ILE B 14 -25.80 48.24 -37.39
N LEU B 15 -24.86 47.88 -38.27
CA LEU B 15 -24.80 48.39 -39.62
C LEU B 15 -24.75 47.19 -40.55
N GLY B 16 -24.50 47.42 -41.83
CA GLY B 16 -24.40 46.30 -42.75
C GLY B 16 -23.14 45.49 -42.47
N LEU B 17 -23.02 45.00 -41.25
CA LEU B 17 -21.82 44.35 -40.76
C LEU B 17 -22.22 43.21 -39.82
N PRO B 18 -21.32 42.27 -39.59
CA PRO B 18 -21.65 41.13 -38.70
C PRO B 18 -21.34 41.43 -37.24
N LEU B 19 -22.15 42.31 -36.63
CA LEU B 19 -22.05 42.51 -35.20
C LEU B 19 -22.23 41.19 -34.46
N VAL B 20 -23.15 40.36 -34.95
CA VAL B 20 -23.57 39.19 -34.19
C VAL B 20 -22.39 38.30 -33.82
N THR B 21 -21.31 38.34 -34.59
CA THR B 21 -20.17 37.49 -34.27
C THR B 21 -19.65 37.78 -32.87
N LEU B 22 -19.54 39.05 -32.50
CA LEU B 22 -19.19 39.38 -31.13
C LEU B 22 -20.15 38.70 -30.16
N ILE B 23 -21.44 38.84 -30.40
CA ILE B 23 -22.42 38.15 -29.57
C ILE B 23 -22.11 36.66 -29.54
N VAL B 24 -21.80 36.09 -30.72
CA VAL B 24 -21.50 34.67 -30.76
C VAL B 24 -20.29 34.36 -29.90
N LEU B 25 -19.26 35.20 -29.97
CA LEU B 25 -17.96 34.84 -29.44
C LEU B 25 -17.74 35.28 -28.00
N PHE B 26 -18.55 36.19 -27.49
CA PHE B 26 -18.38 36.67 -26.12
C PHE B 26 -18.26 35.52 -25.12
N PRO B 27 -19.09 34.49 -25.15
CA PRO B 27 -18.99 33.44 -24.13
C PRO B 27 -17.57 32.96 -23.89
N SER B 28 -16.77 32.84 -24.94
CA SER B 28 -15.40 32.36 -24.77
C SER B 28 -14.73 33.04 -23.59
N LEU B 29 -14.54 34.35 -23.66
CA LEU B 29 -13.69 34.99 -22.69
C LEU B 29 -14.25 34.92 -21.29
N LEU B 30 -15.39 34.26 -21.08
CA LEU B 30 -15.81 33.92 -19.72
C LEU B 30 -15.14 32.67 -19.20
N PHE B 31 -14.22 32.08 -19.97
CA PHE B 31 -13.56 30.81 -19.62
C PHE B 31 -12.05 31.01 -19.64
N PRO B 32 -11.48 31.67 -18.64
CA PRO B 32 -10.03 31.87 -18.62
C PRO B 32 -9.30 30.54 -18.53
N THR B 33 -7.99 30.60 -18.73
CA THR B 33 -7.10 29.47 -18.58
C THR B 33 -6.04 29.81 -17.53
N SER B 34 -5.06 28.93 -17.37
CA SER B 34 -3.98 29.16 -16.44
C SER B 34 -3.01 27.98 -16.52
N ASN B 35 -1.89 28.12 -15.81
CA ASN B 35 -0.91 27.07 -15.69
C ASN B 35 -0.40 26.96 -14.25
N ARG B 36 -1.26 27.27 -13.29
CA ARG B 36 -0.89 27.30 -11.89
C ARG B 36 -1.43 26.06 -11.19
N LEU B 37 -0.59 25.43 -10.39
CA LEU B 37 -1.05 24.31 -9.58
C LEU B 37 -2.17 24.75 -8.65
N VAL B 38 -2.26 26.04 -8.38
CA VAL B 38 -3.39 26.63 -7.64
C VAL B 38 -3.74 27.91 -8.37
N SER B 39 -4.83 27.89 -9.13
CA SER B 39 -5.31 29.05 -9.85
C SER B 39 -6.47 29.68 -9.08
N ASN B 40 -7.00 30.77 -9.64
CA ASN B 40 -8.09 31.45 -8.98
C ASN B 40 -9.30 30.53 -8.85
N ARG B 41 -10.28 30.97 -8.07
CA ARG B 41 -11.43 30.12 -7.80
C ARG B 41 -12.18 29.78 -9.08
N PHE B 42 -12.37 30.78 -9.95
CA PHE B 42 -13.14 30.57 -11.17
C PHE B 42 -12.54 29.47 -12.04
N VAL B 43 -11.24 29.57 -12.32
CA VAL B 43 -10.59 28.56 -13.14
C VAL B 43 -10.60 27.22 -12.44
N THR B 44 -10.46 27.22 -11.12
CA THR B 44 -10.51 25.96 -10.39
C THR B 44 -11.84 25.26 -10.61
N LEU B 45 -12.94 26.01 -10.47
CA LEU B 45 -14.25 25.41 -10.65
C LEU B 45 -14.42 24.91 -12.07
N GLN B 46 -14.01 25.70 -13.05
CA GLN B 46 -14.14 25.26 -14.44
C GLN B 46 -13.34 23.98 -14.67
N GLN B 47 -12.12 23.95 -14.15
CA GLN B 47 -11.31 22.74 -14.15
C GLN B 47 -12.09 21.56 -13.60
N TRP B 48 -12.65 21.72 -12.41
CA TRP B 48 -13.31 20.59 -11.75
C TRP B 48 -14.51 20.12 -12.55
N MET B 49 -15.37 21.06 -12.95
CA MET B 49 -16.57 20.67 -13.69
C MET B 49 -16.20 20.00 -14.99
N LEU B 50 -15.20 20.51 -15.69
CA LEU B 50 -14.80 19.89 -16.94
C LEU B 50 -14.34 18.46 -16.71
N GLN B 51 -13.49 18.25 -15.71
CA GLN B 51 -13.02 16.89 -15.44
C GLN B 51 -14.20 15.98 -15.09
N LEU B 52 -15.10 16.47 -14.26
CA LEU B 52 -16.22 15.65 -13.80
C LEU B 52 -17.13 15.27 -14.96
N VAL B 53 -17.43 16.23 -15.83
CA VAL B 53 -18.33 15.96 -16.94
C VAL B 53 -17.67 15.03 -17.95
N SER B 54 -16.37 15.21 -18.20
CA SER B 54 -15.69 14.28 -19.09
C SER B 54 -15.77 12.87 -18.53
N LYS B 55 -15.49 12.72 -17.22
CA LYS B 55 -15.62 11.42 -16.59
C LYS B 55 -17.01 10.84 -16.82
N GLN B 56 -18.04 11.63 -16.54
CA GLN B 56 -19.40 11.13 -16.64
C GLN B 56 -19.71 10.68 -18.06
N MET B 57 -19.34 11.49 -19.05
CA MET B 57 -19.78 11.24 -20.41
C MET B 57 -18.87 10.27 -21.16
N MET B 58 -17.62 10.65 -21.40
CA MET B 58 -16.86 9.95 -22.43
C MET B 58 -16.30 8.63 -21.96
N SER B 59 -16.41 8.31 -20.68
CA SER B 59 -15.81 7.08 -20.17
C SER B 59 -16.24 5.87 -20.97
N ILE B 60 -17.49 5.87 -21.43
CA ILE B 60 -18.07 4.67 -22.03
C ILE B 60 -17.50 4.36 -23.40
N HIS B 61 -16.68 5.25 -23.97
CA HIS B 61 -16.31 5.10 -25.37
C HIS B 61 -15.02 4.31 -25.53
N ASN B 62 -14.76 3.92 -26.77
CA ASN B 62 -13.52 3.31 -27.19
C ASN B 62 -12.59 4.40 -27.69
N SER B 63 -11.51 4.04 -28.40
CA SER B 63 -10.49 5.02 -28.78
C SER B 63 -11.10 6.24 -29.46
N LYS B 64 -12.10 6.04 -30.32
CA LYS B 64 -12.66 7.15 -31.06
C LYS B 64 -13.21 8.22 -30.14
N GLY B 65 -14.01 7.82 -29.16
CA GLY B 65 -14.53 8.78 -28.21
C GLY B 65 -13.43 9.44 -27.41
N GLN B 66 -12.39 8.68 -27.09
CA GLN B 66 -11.23 9.29 -26.44
C GLN B 66 -10.70 10.43 -27.28
N THR B 67 -10.68 10.25 -28.60
CA THR B 67 -10.24 11.33 -29.47
C THR B 67 -11.22 12.49 -29.46
N TRP B 68 -12.51 12.19 -29.50
CA TRP B 68 -13.52 13.24 -29.67
C TRP B 68 -13.81 13.99 -28.36
N THR B 69 -13.26 13.53 -27.24
CA THR B 69 -13.45 14.20 -25.96
C THR B 69 -13.51 15.71 -26.13
N LEU B 70 -12.57 16.26 -26.90
CA LEU B 70 -12.40 17.70 -26.91
C LEU B 70 -13.55 18.39 -27.63
N MET B 71 -13.95 17.89 -28.80
CA MET B 71 -15.14 18.44 -29.44
C MET B 71 -16.35 18.31 -28.55
N LEU B 72 -16.52 17.15 -27.90
CA LEU B 72 -17.72 16.98 -27.07
C LEU B 72 -17.77 18.02 -25.96
N MET B 73 -16.69 18.15 -25.20
CA MET B 73 -16.69 19.09 -24.08
C MET B 73 -16.82 20.53 -24.58
N SER B 74 -16.10 20.87 -25.64
CA SER B 74 -16.20 22.20 -26.19
C SER B 74 -17.63 22.50 -26.60
N LEU B 75 -18.29 21.54 -27.24
CA LEU B 75 -19.66 21.71 -27.70
C LEU B 75 -20.60 21.95 -26.52
N ILE B 76 -20.53 21.10 -25.51
CA ILE B 76 -21.43 21.26 -24.37
C ILE B 76 -21.21 22.62 -23.72
N LEU B 77 -19.95 22.98 -23.50
CA LEU B 77 -19.67 24.27 -22.89
C LEU B 77 -20.17 25.41 -23.74
N PHE B 78 -19.94 25.33 -25.05
CA PHE B 78 -20.40 26.39 -25.94
C PHE B 78 -21.90 26.58 -25.84
N ILE B 79 -22.66 25.50 -25.99
CA ILE B 79 -24.11 25.64 -26.03
C ILE B 79 -24.61 26.15 -24.69
N GLY B 80 -24.13 25.57 -23.59
CA GLY B 80 -24.60 26.00 -22.29
C GLY B 80 -24.32 27.47 -22.06
N SER B 81 -23.08 27.89 -22.32
CA SER B 81 -22.72 29.28 -22.09
C SER B 81 -23.54 30.20 -22.99
N THR B 82 -23.62 29.88 -24.28
CA THR B 82 -24.36 30.72 -25.20
C THR B 82 -25.78 30.94 -24.70
N ASN B 83 -26.55 29.87 -24.61
CA ASN B 83 -27.96 30.05 -24.30
C ASN B 83 -28.15 30.65 -22.91
N LEU B 84 -27.35 30.22 -21.93
CA LEU B 84 -27.46 30.83 -20.60
C LEU B 84 -27.31 32.33 -20.68
N LEU B 85 -26.24 32.81 -21.30
CA LEU B 85 -26.10 34.25 -21.51
C LEU B 85 -27.32 34.79 -22.23
N GLY B 86 -27.78 34.07 -23.24
CA GLY B 86 -28.94 34.52 -24.00
C GLY B 86 -30.15 34.74 -23.15
N LEU B 87 -30.22 34.09 -21.99
CA LEU B 87 -31.36 34.29 -21.12
C LEU B 87 -31.30 35.59 -20.35
N LEU B 88 -30.20 36.33 -20.47
CA LEU B 88 -30.16 37.69 -19.95
C LEU B 88 -31.06 38.58 -20.81
N PRO B 89 -31.47 39.72 -20.27
CA PRO B 89 -32.63 40.43 -20.82
C PRO B 89 -32.68 40.59 -22.33
N HIS B 90 -31.73 41.30 -22.93
CA HIS B 90 -31.80 41.63 -24.34
C HIS B 90 -30.82 40.84 -25.18
N SER B 91 -30.17 39.85 -24.59
CA SER B 91 -29.20 39.07 -25.33
C SER B 91 -29.85 38.34 -26.49
N PHE B 92 -29.55 38.77 -27.71
CA PHE B 92 -29.69 37.87 -28.85
C PHE B 92 -29.05 36.55 -28.52
N THR B 93 -29.86 35.49 -28.45
CA THR B 93 -29.36 34.17 -28.12
C THR B 93 -29.06 33.44 -29.40
N PRO B 94 -27.79 33.19 -29.72
CA PRO B 94 -27.47 32.67 -31.05
C PRO B 94 -28.01 31.27 -31.31
N THR B 95 -28.25 30.47 -30.28
CA THR B 95 -28.71 29.11 -30.51
C THR B 95 -30.09 29.08 -31.16
N THR B 96 -30.91 30.09 -30.90
CA THR B 96 -32.25 30.10 -31.50
C THR B 96 -32.14 29.97 -33.02
N GLN B 97 -31.12 30.56 -33.61
CA GLN B 97 -30.97 30.50 -35.06
C GLN B 97 -30.86 29.05 -35.52
N LEU B 98 -31.67 28.71 -36.53
CA LEU B 98 -31.56 27.38 -37.12
C LEU B 98 -30.22 27.20 -37.79
N SER B 99 -29.59 28.30 -38.21
CA SER B 99 -28.36 28.21 -38.97
C SER B 99 -27.29 27.46 -38.19
N MET B 100 -26.86 28.03 -37.06
CA MET B 100 -25.77 27.41 -36.33
C MET B 100 -26.19 26.10 -35.69
N ASN B 101 -27.46 25.98 -35.31
CA ASN B 101 -27.91 24.70 -34.79
C ASN B 101 -27.72 23.60 -35.82
N LEU B 102 -28.09 23.85 -37.07
CA LEU B 102 -27.86 22.85 -38.11
C LEU B 102 -26.38 22.65 -38.35
N GLY B 103 -25.64 23.75 -38.52
CA GLY B 103 -24.21 23.72 -38.71
C GLY B 103 -23.46 23.10 -37.56
N MET B 104 -24.13 22.86 -36.45
CA MET B 104 -23.57 22.21 -35.27
C MET B 104 -23.98 20.75 -35.22
N ALA B 105 -25.24 20.48 -35.52
CA ALA B 105 -25.81 19.15 -35.34
C ALA B 105 -25.40 18.23 -36.48
N ILE B 106 -25.73 18.59 -37.70
CA ILE B 106 -25.56 17.64 -38.80
C ILE B 106 -24.10 17.42 -39.18
N PRO B 107 -23.14 18.34 -38.93
CA PRO B 107 -21.76 18.00 -39.28
C PRO B 107 -21.12 17.06 -38.28
N LEU B 108 -21.43 17.24 -37.01
CA LEU B 108 -20.91 16.33 -36.00
C LEU B 108 -21.46 14.93 -36.23
N TRP B 109 -22.77 14.83 -36.49
CA TRP B 109 -23.32 13.55 -36.91
C TRP B 109 -22.63 13.03 -38.16
N ALA B 110 -22.35 13.91 -39.11
CA ALA B 110 -21.64 13.49 -40.31
C ALA B 110 -20.32 12.85 -39.93
N GLY B 111 -19.59 13.50 -39.03
CA GLY B 111 -18.35 12.91 -38.55
C GLY B 111 -18.58 11.55 -37.93
N ALA B 112 -19.65 11.42 -37.15
CA ALA B 112 -19.93 10.15 -36.49
C ALA B 112 -20.11 9.04 -37.52
N VAL B 113 -21.01 9.26 -38.48
CA VAL B 113 -21.36 8.17 -39.40
C VAL B 113 -20.27 7.94 -40.45
N ILE B 114 -19.53 8.98 -40.81
CA ILE B 114 -18.40 8.81 -41.71
C ILE B 114 -17.26 8.09 -41.01
N THR B 115 -17.05 8.36 -39.71
CA THR B 115 -16.14 7.52 -38.95
C THR B 115 -16.61 6.08 -39.00
N GLY B 116 -17.90 5.85 -38.79
CA GLY B 116 -18.47 4.53 -38.94
C GLY B 116 -18.07 3.86 -40.24
N PHE B 117 -18.52 4.44 -41.36
CA PHE B 117 -18.23 3.84 -42.67
C PHE B 117 -16.74 3.75 -42.91
N ARG B 118 -16.08 4.89 -43.08
CA ARG B 118 -14.68 4.91 -43.48
C ARG B 118 -13.81 4.06 -42.56
N ASN B 119 -14.26 3.80 -41.33
CA ASN B 119 -13.55 2.85 -40.48
C ASN B 119 -14.16 1.46 -40.57
N LYS B 120 -15.43 1.32 -40.19
CA LYS B 120 -16.12 0.02 -40.17
C LYS B 120 -17.43 0.15 -40.95
N THR B 121 -17.43 -0.30 -42.20
CA THR B 121 -18.69 -0.40 -42.93
C THR B 121 -19.60 -1.45 -42.31
N LYS B 122 -19.08 -2.67 -42.15
CA LYS B 122 -19.93 -3.79 -41.74
C LYS B 122 -20.67 -3.48 -40.46
N ALA B 123 -20.06 -2.69 -39.57
CA ALA B 123 -20.76 -2.26 -38.37
C ALA B 123 -22.08 -1.59 -38.73
N SER B 124 -22.01 -0.48 -39.46
CA SER B 124 -23.22 0.23 -39.84
C SER B 124 -24.17 -0.69 -40.59
N LEU B 125 -23.65 -1.45 -41.56
CA LEU B 125 -24.51 -2.28 -42.38
C LEU B 125 -25.34 -3.21 -41.51
N ALA B 126 -24.70 -3.92 -40.60
CA ALA B 126 -25.47 -4.78 -39.69
C ALA B 126 -26.44 -3.94 -38.87
N HIS B 127 -26.00 -2.76 -38.42
CA HIS B 127 -26.86 -1.92 -37.61
C HIS B 127 -28.17 -1.62 -38.33
N PHE B 128 -28.14 -1.58 -39.67
CA PHE B 128 -29.38 -1.35 -40.40
C PHE B 128 -30.45 -2.37 -40.06
N LEU B 129 -30.07 -3.59 -39.68
CA LEU B 129 -31.06 -4.62 -39.41
C LEU B 129 -30.86 -5.21 -38.02
N PRO B 130 -31.93 -5.52 -37.31
CA PRO B 130 -31.80 -6.24 -36.04
C PRO B 130 -31.44 -7.70 -36.28
N GLN B 131 -31.01 -8.35 -35.21
CA GLN B 131 -30.55 -9.72 -35.31
C GLN B 131 -31.73 -10.68 -35.36
N GLY B 132 -31.69 -11.63 -36.29
CA GLY B 132 -32.78 -12.58 -36.44
C GLY B 132 -34.09 -11.94 -36.82
N THR B 133 -34.05 -10.98 -37.75
CA THR B 133 -35.25 -10.24 -38.08
C THR B 133 -36.29 -11.17 -38.70
N PRO B 134 -37.59 -10.93 -38.44
CA PRO B 134 -38.62 -11.67 -39.20
C PRO B 134 -38.49 -11.39 -40.68
N THR B 135 -38.14 -12.41 -41.45
CA THR B 135 -37.73 -12.19 -42.83
C THR B 135 -38.83 -11.55 -43.68
N PRO B 136 -40.06 -12.06 -43.72
CA PRO B 136 -41.04 -11.54 -44.68
C PRO B 136 -41.31 -10.05 -44.54
N LEU B 137 -41.11 -9.46 -43.36
CA LEU B 137 -41.40 -8.05 -43.14
C LEU B 137 -40.15 -7.17 -43.21
N ILE B 138 -39.01 -7.72 -43.61
CA ILE B 138 -37.76 -6.97 -43.63
C ILE B 138 -37.95 -5.61 -44.30
N PRO B 139 -38.34 -5.56 -45.57
CA PRO B 139 -38.22 -4.29 -46.32
C PRO B 139 -38.94 -3.12 -45.66
N MET B 140 -40.22 -3.29 -45.35
CA MET B 140 -40.98 -2.20 -44.73
C MET B 140 -40.23 -1.65 -43.53
N LEU B 141 -39.61 -2.52 -42.74
CA LEU B 141 -38.90 -2.07 -41.56
C LEU B 141 -37.60 -1.35 -41.94
N VAL B 142 -36.87 -1.88 -42.92
CA VAL B 142 -35.55 -1.33 -43.21
C VAL B 142 -35.64 0.14 -43.57
N ILE B 143 -36.57 0.49 -44.46
CA ILE B 143 -36.69 1.87 -44.88
C ILE B 143 -36.94 2.78 -43.70
N ILE B 144 -37.55 2.27 -42.64
CA ILE B 144 -37.70 3.06 -41.42
C ILE B 144 -36.30 3.39 -40.93
N GLU B 145 -35.56 2.35 -40.56
CA GLU B 145 -34.24 2.55 -39.98
C GLU B 145 -33.46 3.59 -40.75
N THR B 146 -33.18 3.30 -42.03
CA THR B 146 -32.43 4.24 -42.85
C THR B 146 -32.97 5.65 -42.69
N ILE B 147 -34.24 5.85 -43.03
CA ILE B 147 -34.79 7.21 -42.98
C ILE B 147 -34.70 7.76 -41.57
N SER B 148 -34.94 6.91 -40.57
CA SER B 148 -34.78 7.37 -39.20
C SER B 148 -33.40 7.95 -38.98
N LEU B 149 -32.36 7.21 -39.38
CA LEU B 149 -31.01 7.71 -39.24
C LEU B 149 -30.84 9.05 -39.95
N PHE B 150 -31.56 9.26 -41.04
CA PHE B 150 -31.44 10.51 -41.78
C PHE B 150 -32.13 11.67 -41.09
N ILE B 151 -33.11 11.42 -40.22
CA ILE B 151 -33.92 12.49 -39.67
C ILE B 151 -33.58 12.83 -38.23
N GLN B 152 -32.79 12.00 -37.57
CA GLN B 152 -32.28 12.41 -36.26
C GLN B 152 -31.48 13.70 -36.31
N PRO B 153 -30.60 13.95 -37.29
CA PRO B 153 -29.68 15.08 -37.13
C PRO B 153 -30.43 16.39 -37.17
N MET B 154 -31.28 16.57 -38.18
CA MET B 154 -32.17 17.72 -38.19
C MET B 154 -32.91 17.80 -36.87
N ALA B 155 -33.45 16.68 -36.41
CA ALA B 155 -34.11 16.65 -35.12
C ALA B 155 -33.28 17.39 -34.09
N LEU B 156 -32.03 16.95 -33.92
CA LEU B 156 -31.14 17.62 -32.99
C LEU B 156 -31.27 19.12 -33.15
N ALA B 157 -30.88 19.63 -34.32
CA ALA B 157 -30.97 21.06 -34.55
C ALA B 157 -32.32 21.58 -34.05
N VAL B 158 -33.40 21.09 -34.66
CA VAL B 158 -34.69 21.70 -34.38
C VAL B 158 -35.02 21.62 -32.91
N ARG B 159 -34.75 20.48 -32.26
CA ARG B 159 -35.15 20.40 -30.86
C ARG B 159 -34.58 21.58 -30.11
N LEU B 160 -33.27 21.79 -30.23
CA LEU B 160 -32.66 22.91 -29.54
C LEU B 160 -33.41 24.18 -29.88
N THR B 161 -33.47 24.52 -31.17
CA THR B 161 -34.18 25.71 -31.60
C THR B 161 -35.49 25.80 -30.84
N ALA B 162 -36.34 24.80 -31.04
CA ALA B 162 -37.64 24.81 -30.40
C ALA B 162 -37.48 25.12 -28.93
N ASN B 163 -36.78 24.24 -28.22
CA ASN B 163 -36.73 24.33 -26.77
C ASN B 163 -36.33 25.73 -26.34
N ILE B 164 -35.42 26.34 -27.07
CA ILE B 164 -35.00 27.69 -26.72
C ILE B 164 -36.06 28.69 -27.14
N THR B 165 -36.33 28.75 -28.44
CA THR B 165 -37.03 29.91 -28.97
C THR B 165 -38.38 30.09 -28.29
N ALA B 166 -39.22 29.05 -28.30
CA ALA B 166 -40.52 29.15 -27.69
C ALA B 166 -40.39 29.68 -26.27
N GLY B 167 -39.49 29.08 -25.51
CA GLY B 167 -39.25 29.52 -24.15
C GLY B 167 -39.19 31.03 -24.12
N HIS B 168 -38.21 31.59 -24.82
CA HIS B 168 -38.03 33.04 -24.80
C HIS B 168 -39.34 33.71 -25.16
N LEU B 169 -39.90 33.32 -26.31
CA LEU B 169 -41.16 33.90 -26.75
C LEU B 169 -42.19 33.83 -25.65
N LEU B 170 -42.38 32.63 -25.11
CA LEU B 170 -43.30 32.48 -24.00
C LEU B 170 -43.02 33.54 -22.96
N ILE B 171 -41.79 33.54 -22.42
CA ILE B 171 -41.42 34.53 -21.42
C ILE B 171 -41.84 35.91 -21.90
N HIS B 172 -41.39 36.27 -23.09
CA HIS B 172 -41.67 37.61 -23.58
C HIS B 172 -43.15 37.92 -23.47
N LEU B 173 -44.00 37.02 -23.98
CA LEU B 173 -45.42 37.32 -24.01
C LEU B 173 -45.95 37.57 -22.61
N ILE B 174 -45.51 36.78 -21.64
CA ILE B 174 -45.99 36.97 -20.29
C ILE B 174 -45.70 38.39 -19.82
N GLY B 175 -44.51 38.88 -20.14
CA GLY B 175 -44.19 40.27 -19.86
C GLY B 175 -45.33 41.16 -20.31
N GLY B 176 -45.67 41.11 -21.58
CA GLY B 176 -46.74 41.95 -22.08
C GLY B 176 -47.98 41.81 -21.22
N ALA B 177 -48.38 40.57 -20.95
CA ALA B 177 -49.51 40.34 -20.08
C ALA B 177 -49.41 41.19 -18.82
N THR B 178 -48.36 40.97 -18.02
CA THR B 178 -48.25 41.71 -16.78
C THR B 178 -48.19 43.21 -17.07
N LEU B 179 -47.47 43.59 -18.11
CA LEU B 179 -47.39 45.00 -18.46
C LEU B 179 -48.79 45.55 -18.75
N ALA B 180 -49.59 44.78 -19.50
CA ALA B 180 -50.97 45.17 -19.72
C ALA B 180 -51.72 45.29 -18.40
N LEU B 181 -51.51 44.33 -17.50
CA LEU B 181 -52.20 44.39 -16.22
C LEU B 181 -51.80 45.60 -15.40
N MET B 182 -50.80 46.36 -15.85
CA MET B 182 -50.52 47.65 -15.22
C MET B 182 -51.78 48.51 -15.22
N SER B 183 -52.54 48.47 -16.31
CA SER B 183 -53.76 49.27 -16.43
C SER B 183 -54.91 48.73 -15.59
N ILE B 184 -54.76 47.55 -15.00
CA ILE B 184 -55.85 46.87 -14.32
C ILE B 184 -55.37 46.49 -12.92
N SER B 185 -56.31 46.11 -12.06
CA SER B 185 -56.00 45.80 -10.67
C SER B 185 -54.80 44.87 -10.56
N THR B 186 -54.09 44.95 -9.43
CA THR B 186 -52.76 44.37 -9.27
C THR B 186 -52.77 42.88 -8.98
N THR B 187 -53.90 42.31 -8.54
CA THR B 187 -53.88 40.93 -8.07
C THR B 187 -53.31 40.00 -9.12
N THR B 188 -54.00 39.88 -10.26
CA THR B 188 -53.51 39.01 -11.30
C THR B 188 -52.17 39.50 -11.85
N ALA B 189 -51.85 40.78 -11.70
CA ALA B 189 -50.53 41.25 -12.09
C ALA B 189 -49.46 40.56 -11.26
N LEU B 190 -49.62 40.56 -9.93
CA LEU B 190 -48.69 39.83 -9.08
C LEU B 190 -48.67 38.36 -9.42
N ILE B 191 -49.85 37.80 -9.72
CA ILE B 191 -49.91 36.37 -10.05
C ILE B 191 -49.05 36.08 -11.27
N THR B 192 -49.22 36.87 -12.33
CA THR B 192 -48.42 36.64 -13.53
C THR B 192 -46.95 36.91 -13.29
N PHE B 193 -46.63 37.82 -12.36
CA PHE B 193 -45.23 38.02 -12.03
C PHE B 193 -44.63 36.76 -11.43
N THR B 194 -45.34 36.13 -10.49
CA THR B 194 -44.85 34.87 -9.94
C THR B 194 -44.75 33.83 -11.03
N ILE B 195 -45.72 33.82 -11.94
CA ILE B 195 -45.63 32.92 -13.08
C ILE B 195 -44.33 33.15 -13.83
N LEU B 196 -43.99 34.41 -14.07
CA LEU B 196 -42.78 34.73 -14.81
C LEU B 196 -41.55 34.22 -14.06
N ILE B 197 -41.56 34.35 -12.74
CA ILE B 197 -40.48 33.79 -11.94
C ILE B 197 -40.33 32.30 -12.23
N LEU B 198 -41.44 31.58 -12.16
CA LEU B 198 -41.40 30.13 -12.32
C LEU B 198 -40.88 29.76 -13.71
N LEU B 199 -41.37 30.43 -14.74
CA LEU B 199 -40.87 30.09 -16.08
C LEU B 199 -39.44 30.54 -16.30
N THR B 200 -38.96 31.58 -15.63
CA THR B 200 -37.54 31.87 -15.68
C THR B 200 -36.74 30.70 -15.13
N ILE B 201 -37.21 30.13 -14.02
CA ILE B 201 -36.58 28.94 -13.48
C ILE B 201 -36.56 27.85 -14.54
N LEU B 202 -37.73 27.60 -15.12
CA LEU B 202 -37.83 26.56 -16.14
C LEU B 202 -36.88 26.82 -17.29
N GLU B 203 -36.69 28.09 -17.63
CA GLU B 203 -35.88 28.42 -18.78
C GLU B 203 -34.41 28.13 -18.52
N PHE B 204 -33.89 28.57 -17.38
CA PHE B 204 -32.52 28.20 -17.05
C PHE B 204 -32.38 26.69 -17.03
N ALA B 205 -33.33 26.01 -16.41
CA ALA B 205 -33.26 24.55 -16.32
C ALA B 205 -33.14 23.95 -17.70
N VAL B 206 -34.04 24.31 -18.61
CA VAL B 206 -34.08 23.68 -19.91
C VAL B 206 -32.88 24.09 -20.74
N ALA B 207 -32.37 25.30 -20.56
CA ALA B 207 -31.14 25.65 -21.28
C ALA B 207 -30.02 24.70 -20.92
N MET B 208 -29.77 24.53 -19.63
CA MET B 208 -28.72 23.61 -19.21
C MET B 208 -29.01 22.21 -19.73
N ILE B 209 -30.25 21.77 -19.56
CA ILE B 209 -30.60 20.40 -19.91
C ILE B 209 -30.47 20.17 -21.40
N GLN B 210 -30.78 21.18 -22.21
CA GLN B 210 -30.69 21.01 -23.66
C GLN B 210 -29.24 20.96 -24.10
N ALA B 211 -28.38 21.78 -23.49
CA ALA B 211 -26.96 21.62 -23.77
C ALA B 211 -26.53 20.18 -23.51
N TYR B 212 -26.82 19.69 -22.30
CA TYR B 212 -26.42 18.34 -21.95
C TYR B 212 -27.01 17.33 -22.92
N VAL B 213 -28.28 17.52 -23.28
CA VAL B 213 -28.97 16.56 -24.13
C VAL B 213 -28.32 16.49 -25.50
N PHE B 214 -28.06 17.65 -26.09
CA PHE B 214 -27.47 17.66 -27.42
C PHE B 214 -26.15 16.92 -27.40
N THR B 215 -25.31 17.24 -26.41
CA THR B 215 -24.04 16.55 -26.31
C THR B 215 -24.23 15.06 -26.12
N LEU B 216 -25.16 14.66 -25.24
CA LEU B 216 -25.33 13.25 -24.96
C LEU B 216 -25.79 12.49 -26.20
N LEU B 217 -26.71 13.07 -26.96
CA LEU B 217 -27.18 12.42 -28.18
C LEU B 217 -26.04 12.22 -29.16
N VAL B 218 -25.29 13.29 -29.43
CA VAL B 218 -24.21 13.13 -30.41
C VAL B 218 -23.21 12.10 -29.92
N SER B 219 -22.92 12.10 -28.61
CA SER B 219 -22.00 11.12 -28.07
C SER B 219 -22.53 9.71 -28.27
N LEU B 220 -23.82 9.51 -28.02
CA LEU B 220 -24.41 8.19 -28.18
C LEU B 220 -24.29 7.72 -29.62
N TYR B 221 -24.60 8.60 -30.57
CA TYR B 221 -24.47 8.23 -31.98
C TYR B 221 -23.05 7.83 -32.29
N LEU B 222 -22.08 8.67 -31.91
CA LEU B 222 -20.68 8.32 -32.15
C LEU B 222 -20.38 6.95 -31.56
N HIS B 223 -20.94 6.67 -30.39
CA HIS B 223 -20.70 5.37 -29.78
C HIS B 223 -21.24 4.25 -30.66
N ASP B 224 -22.46 4.42 -31.16
CA ASP B 224 -23.11 3.32 -31.87
C ASP B 224 -22.36 2.91 -33.11
N ASN B 225 -21.53 3.79 -33.67
CA ASN B 225 -20.75 3.51 -34.86
C ASN B 225 -19.33 4.00 -34.70
N THR B 226 -18.71 3.63 -33.58
CA THR B 226 -17.31 3.96 -33.32
C THR B 226 -16.44 3.63 -34.54
N LEU C 5 49.31 -21.84 17.71
CA LEU C 5 48.45 -22.14 18.85
C LEU C 5 47.42 -21.04 19.06
N ALA C 6 47.64 -19.89 18.43
CA ALA C 6 46.78 -18.72 18.63
C ALA C 6 45.69 -18.69 17.57
N LEU C 7 44.43 -18.65 18.03
CA LEU C 7 43.27 -18.63 17.14
C LEU C 7 42.43 -17.41 17.48
N LYS C 8 42.04 -16.66 16.47
CA LYS C 8 41.27 -15.45 16.71
C LYS C 8 39.88 -15.78 17.24
N THR C 9 39.25 -14.79 17.85
CA THR C 9 38.02 -14.96 18.61
C THR C 9 36.83 -14.38 17.85
N ILE C 10 35.72 -15.11 17.87
CA ILE C 10 34.60 -14.88 16.97
C ILE C 10 33.43 -14.27 17.73
N ASP C 11 32.83 -13.24 17.13
CA ASP C 11 31.59 -12.63 17.62
C ASP C 11 30.43 -13.18 16.79
N TRP C 12 30.05 -14.42 17.10
CA TRP C 12 29.22 -15.19 16.17
C TRP C 12 27.96 -14.44 15.79
N VAL C 13 27.39 -13.69 16.72
CA VAL C 13 26.15 -12.99 16.43
C VAL C 13 26.34 -12.03 15.26
N ALA C 14 27.44 -11.30 15.25
CA ALA C 14 27.75 -10.45 14.11
C ALA C 14 28.07 -11.29 12.88
N PHE C 15 28.96 -12.27 13.04
CA PHE C 15 29.40 -13.03 11.88
C PHE C 15 28.24 -13.68 11.14
N GLY C 16 27.14 -13.95 11.84
CA GLY C 16 26.02 -14.60 11.20
C GLY C 16 25.41 -13.80 10.08
N GLU C 17 25.51 -12.47 10.13
CA GLU C 17 24.78 -11.59 9.24
C GLU C 17 25.53 -11.28 7.95
N ILE C 18 26.40 -12.17 7.49
CA ILE C 18 27.26 -11.90 6.35
C ILE C 18 26.94 -12.83 5.18
N ILE C 19 26.61 -14.07 5.46
CA ILE C 19 26.53 -15.09 4.41
C ILE C 19 25.34 -14.81 3.48
N PRO C 20 25.55 -14.73 2.17
CA PRO C 20 24.41 -14.87 1.26
C PRO C 20 23.78 -16.24 1.43
N ARG C 21 22.45 -16.28 1.35
CA ARG C 21 21.74 -17.52 1.64
C ARG C 21 22.28 -18.68 0.82
N ASN C 22 22.67 -18.41 -0.43
CA ASN C 22 23.07 -19.49 -1.32
C ASN C 22 24.13 -20.37 -0.69
N GLN C 23 25.19 -19.77 -0.16
CA GLN C 23 26.27 -20.51 0.49
C GLN C 23 26.13 -20.48 2.00
N LYS C 24 24.90 -20.56 2.51
CA LYS C 24 24.67 -20.44 3.95
C LYS C 24 24.80 -21.78 4.67
N ALA C 25 24.00 -22.77 4.27
CA ALA C 25 24.00 -24.04 4.98
C ALA C 25 25.41 -24.63 5.05
N VAL C 26 26.18 -24.48 3.98
CA VAL C 26 27.55 -25.01 3.98
C VAL C 26 28.31 -24.45 5.18
N ALA C 27 28.22 -23.13 5.39
CA ALA C 27 28.92 -22.52 6.51
C ALA C 27 28.46 -23.13 7.83
N ASN C 28 27.18 -23.44 7.95
CA ASN C 28 26.72 -24.11 9.15
C ASN C 28 27.49 -25.41 9.36
N SER C 29 27.61 -26.22 8.31
CA SER C 29 28.48 -27.38 8.41
C SER C 29 29.88 -26.96 8.83
N LEU C 30 30.43 -25.95 8.15
CA LEU C 30 31.66 -25.34 8.62
C LEU C 30 31.57 -25.01 10.10
N LYS C 31 30.59 -24.18 10.47
CA LYS C 31 30.34 -23.94 11.88
C LYS C 31 30.40 -25.25 12.64
N SER C 32 29.53 -26.20 12.27
CA SER C 32 29.56 -27.52 12.87
C SER C 32 30.98 -28.05 12.95
N TRP C 33 31.63 -28.19 11.79
CA TRP C 33 33.02 -28.64 11.74
C TRP C 33 33.80 -28.02 12.88
N ASN C 34 33.85 -26.69 12.90
CA ASN C 34 34.60 -25.97 13.93
C ASN C 34 34.35 -26.58 15.30
N GLU C 35 33.10 -26.51 15.76
CA GLU C 35 32.83 -26.92 17.13
C GLU C 35 33.33 -28.34 17.37
N THR C 36 33.06 -29.25 16.43
CA THR C 36 33.52 -30.61 16.63
C THR C 36 35.00 -30.55 16.94
N LEU C 37 35.79 -30.08 15.98
CA LEU C 37 37.23 -30.00 16.19
C LEU C 37 37.55 -29.19 17.43
N THR C 38 36.81 -28.11 17.68
CA THR C 38 37.02 -27.38 18.93
C THR C 38 36.99 -28.34 20.11
N SER C 39 35.85 -28.99 20.31
CA SER C 39 35.74 -29.93 21.41
C SER C 39 36.90 -30.90 21.40
N ARG C 40 37.24 -31.42 20.21
CA ARG C 40 38.27 -32.45 20.15
C ARG C 40 39.55 -31.95 20.78
N LEU C 41 39.96 -30.73 20.46
CA LEU C 41 41.22 -30.23 21.03
C LEU C 41 41.13 -30.21 22.55
N ALA C 42 40.00 -29.74 23.08
CA ALA C 42 39.87 -29.69 24.53
C ALA C 42 40.02 -31.07 25.14
N THR C 43 39.58 -32.10 24.42
CA THR C 43 39.58 -33.45 25.00
C THR C 43 40.99 -33.91 25.34
N LEU C 44 41.84 -34.05 24.33
CA LEU C 44 43.15 -34.66 24.54
C LEU C 44 44.10 -33.66 25.20
N PRO C 45 44.78 -34.04 26.29
CA PRO C 45 45.68 -33.09 26.94
C PRO C 45 46.78 -32.58 26.04
N GLU C 46 47.58 -31.65 26.57
CA GLU C 46 48.50 -30.87 25.76
C GLU C 46 49.56 -31.74 25.11
N LYS C 47 50.09 -32.72 25.84
CA LYS C 47 51.27 -33.43 25.38
C LYS C 47 51.24 -34.84 25.95
N PRO C 48 51.42 -35.86 25.12
CA PRO C 48 51.36 -37.23 25.64
C PRO C 48 52.40 -37.42 26.73
N PRO C 49 52.08 -38.16 27.79
CA PRO C 49 53.07 -38.41 28.84
C PRO C 49 54.32 -39.07 28.27
N ALA C 50 55.33 -39.17 29.12
CA ALA C 50 56.55 -39.87 28.79
C ALA C 50 56.43 -41.32 29.27
N ILE C 51 57.55 -42.03 29.31
CA ILE C 51 57.59 -43.43 29.72
C ILE C 51 58.66 -43.58 30.80
N ASP C 52 58.34 -44.36 31.83
CA ASP C 52 59.27 -44.60 32.92
C ASP C 52 60.39 -45.50 32.42
N TRP C 53 61.23 -44.97 31.53
CA TRP C 53 62.12 -45.80 30.73
C TRP C 53 62.99 -46.69 31.61
N ALA C 54 63.88 -46.09 32.39
CA ALA C 54 64.84 -46.89 33.16
C ALA C 54 64.15 -47.72 34.23
N TYR C 55 63.14 -47.15 34.89
CA TYR C 55 62.34 -47.94 35.81
C TYR C 55 61.73 -49.14 35.09
N TYR C 56 61.05 -48.89 33.98
CA TYR C 56 60.49 -49.97 33.18
C TYR C 56 61.54 -51.01 32.88
N LYS C 57 62.72 -50.56 32.45
CA LYS C 57 63.83 -51.45 32.14
C LYS C 57 64.12 -52.37 33.32
N ALA C 58 64.31 -51.77 34.50
CA ALA C 58 64.52 -52.58 35.68
C ALA C 58 63.39 -53.58 35.87
N ASN C 59 62.18 -53.20 35.46
CA ASN C 59 61.07 -54.15 35.50
C ASN C 59 61.21 -55.23 34.43
N VAL C 60 61.84 -54.89 33.30
CA VAL C 60 62.04 -55.85 32.23
C VAL C 60 63.27 -56.70 32.51
N ALA C 61 63.31 -57.88 31.92
CA ALA C 61 64.49 -58.73 31.92
C ALA C 61 65.33 -58.57 30.66
N LYS C 62 64.70 -58.42 29.50
CA LYS C 62 65.41 -58.09 28.26
C LYS C 62 65.68 -56.58 28.22
N ALA C 63 66.40 -56.12 29.26
CA ALA C 63 66.54 -54.69 29.48
C ALA C 63 67.19 -53.98 28.30
N GLY C 64 68.22 -54.59 27.72
CA GLY C 64 68.90 -53.95 26.61
C GLY C 64 67.95 -53.56 25.50
N LEU C 65 66.95 -54.39 25.26
CA LEU C 65 65.93 -54.03 24.29
C LEU C 65 65.18 -52.77 24.73
N VAL C 66 64.91 -52.66 26.03
CA VAL C 66 64.17 -51.49 26.52
C VAL C 66 64.99 -50.23 26.29
N ASP C 67 66.31 -50.31 26.55
CA ASP C 67 67.16 -49.15 26.32
C ASP C 67 67.25 -48.83 24.83
N ASP C 68 67.37 -49.85 23.99
CA ASP C 68 67.29 -49.66 22.55
C ASP C 68 66.05 -48.88 22.17
N PHE C 69 64.90 -49.34 22.67
CA PHE C 69 63.63 -48.70 22.33
C PHE C 69 63.56 -47.27 22.84
N GLU C 70 64.00 -47.03 24.09
CA GLU C 70 64.01 -45.67 24.59
C GLU C 70 64.81 -44.78 23.67
N LYS C 71 66.03 -45.21 23.32
CA LYS C 71 66.88 -44.39 22.48
C LYS C 71 66.21 -44.11 21.15
N LYS C 72 65.72 -45.15 20.48
CA LYS C 72 65.12 -44.96 19.17
C LYS C 72 63.92 -44.03 19.27
N PHE C 73 63.08 -44.24 20.28
CA PHE C 73 61.98 -43.32 20.55
C PHE C 73 62.47 -41.89 20.60
N ASN C 74 63.53 -41.65 21.37
CA ASN C 74 64.12 -40.31 21.41
C ASN C 74 64.52 -39.86 20.03
N ALA C 75 64.97 -40.79 19.19
CA ALA C 75 65.40 -40.43 17.84
C ALA C 75 64.21 -40.01 16.99
N LEU C 76 63.12 -40.76 17.04
CA LEU C 76 61.99 -40.49 16.17
C LEU C 76 61.26 -39.22 16.64
N LYS C 77 61.10 -38.28 15.72
CA LYS C 77 60.31 -37.08 15.95
C LYS C 77 59.19 -37.05 14.94
N VAL C 78 57.96 -36.91 15.42
CA VAL C 78 56.82 -36.94 14.50
C VAL C 78 56.87 -35.70 13.62
N PRO C 79 56.85 -35.84 12.29
CA PRO C 79 56.78 -34.64 11.44
C PRO C 79 55.57 -33.80 11.79
N ILE C 80 55.81 -32.51 11.95
CA ILE C 80 54.71 -31.57 12.19
C ILE C 80 53.96 -31.36 10.88
N PRO C 81 52.64 -31.53 10.85
CA PRO C 81 51.94 -31.48 9.58
C PRO C 81 52.16 -30.15 8.87
N GLU C 82 52.21 -30.22 7.55
CA GLU C 82 52.43 -29.03 6.74
C GLU C 82 51.20 -28.14 6.75
N ASP C 83 51.39 -26.90 6.32
CA ASP C 83 50.25 -26.07 5.98
C ASP C 83 49.62 -26.57 4.69
N LYS C 84 48.28 -26.51 4.64
CA LYS C 84 47.54 -27.08 3.52
C LYS C 84 46.81 -26.01 2.72
N TYR C 85 45.93 -25.25 3.36
CA TYR C 85 45.04 -24.32 2.65
C TYR C 85 45.37 -22.86 2.89
N THR C 86 46.52 -22.56 3.52
CA THR C 86 46.90 -21.17 3.67
C THR C 86 46.73 -20.42 2.34
N ALA C 87 46.86 -21.13 1.22
CA ALA C 87 46.54 -20.53 -0.07
C ALA C 87 45.17 -19.90 -0.05
N GLN C 88 44.16 -20.65 0.40
CA GLN C 88 42.80 -20.14 0.40
C GLN C 88 42.68 -18.83 1.15
N VAL C 89 43.66 -18.48 1.98
CA VAL C 89 43.71 -17.16 2.60
C VAL C 89 43.62 -16.12 1.50
N ASP C 90 44.07 -16.49 0.31
CA ASP C 90 43.98 -15.60 -0.84
C ASP C 90 42.59 -14.97 -0.95
N ALA C 91 41.54 -15.73 -0.64
CA ALA C 91 40.18 -15.19 -0.70
C ALA C 91 40.15 -13.78 -0.14
N GLU C 92 40.69 -13.60 1.06
CA GLU C 92 40.72 -12.30 1.72
C GLU C 92 40.99 -11.20 0.70
N GLU C 93 42.17 -11.26 0.07
CA GLU C 93 42.58 -10.19 -0.81
C GLU C 93 41.52 -9.95 -1.88
N LYS C 94 41.13 -11.00 -2.60
CA LYS C 94 40.14 -10.80 -3.66
C LYS C 94 38.89 -10.17 -3.08
N GLU C 95 38.42 -10.72 -1.97
CA GLU C 95 37.19 -10.22 -1.37
C GLU C 95 37.29 -8.72 -1.17
N ASP C 96 38.46 -8.24 -0.77
CA ASP C 96 38.66 -6.81 -0.56
C ASP C 96 38.10 -6.02 -1.74
N VAL C 97 38.58 -6.33 -2.95
CA VAL C 97 38.21 -5.50 -4.09
C VAL C 97 36.70 -5.51 -4.26
N LYS C 98 36.06 -6.65 -4.02
CA LYS C 98 34.60 -6.66 -4.03
C LYS C 98 34.06 -5.54 -3.16
N SER C 99 34.37 -5.59 -1.87
CA SER C 99 33.95 -4.58 -0.93
C SER C 99 34.57 -3.23 -1.24
N CYS C 100 35.89 -3.14 -1.12
CA CYS C 100 36.58 -1.86 -1.29
C CYS C 100 36.30 -1.26 -2.65
N ALA C 101 36.52 -2.04 -3.71
CA ALA C 101 36.39 -1.51 -5.07
C ALA C 101 34.98 -1.72 -5.62
N GLU C 102 34.57 -2.98 -5.75
CA GLU C 102 33.36 -3.30 -6.49
C GLU C 102 32.09 -2.94 -5.74
N PHE C 103 32.13 -2.84 -4.42
CA PHE C 103 30.89 -2.84 -3.64
C PHE C 103 30.88 -1.74 -2.58
N LEU C 104 31.96 -0.97 -2.45
CA LEU C 104 31.97 0.22 -1.60
C LEU C 104 31.79 1.49 -2.44
N THR C 105 32.65 1.69 -3.44
CA THR C 105 32.54 2.90 -4.26
C THR C 105 31.15 3.03 -4.83
N GLN C 106 30.52 1.90 -5.16
CA GLN C 106 29.11 1.94 -5.52
C GLN C 106 28.34 2.68 -4.43
N SER C 107 28.65 2.41 -3.18
CA SER C 107 27.94 3.04 -2.08
C SER C 107 28.18 4.54 -2.04
N LYS C 108 29.44 4.96 -2.14
CA LYS C 108 29.73 6.39 -2.08
C LYS C 108 29.03 7.13 -3.21
N THR C 109 29.18 6.63 -4.44
CA THR C 109 28.56 7.32 -5.57
C THR C 109 27.04 7.32 -5.44
N ARG C 110 26.43 6.15 -5.26
CA ARG C 110 24.98 6.09 -5.13
C ARG C 110 24.51 7.01 -4.02
N ILE C 111 25.27 7.09 -2.94
CA ILE C 111 24.93 8.00 -1.86
C ILE C 111 24.97 9.42 -2.34
N GLN C 112 25.91 9.75 -3.22
CA GLN C 112 25.94 11.10 -3.77
C GLN C 112 24.68 11.38 -4.57
N GLU C 113 24.25 10.43 -5.40
CA GLU C 113 23.00 10.63 -6.13
C GLU C 113 21.84 10.85 -5.17
N TYR C 114 21.69 9.99 -4.16
CA TYR C 114 20.55 10.14 -3.25
C TYR C 114 20.66 11.43 -2.44
N GLU C 115 21.87 11.86 -2.10
CA GLU C 115 22.03 13.11 -1.39
C GLU C 115 21.57 14.27 -2.24
N LYS C 116 21.95 14.28 -3.52
CA LYS C 116 21.53 15.36 -4.38
C LYS C 116 20.03 15.33 -4.61
N GLU C 117 19.43 14.13 -4.64
CA GLU C 117 17.97 14.08 -4.69
C GLU C 117 17.35 14.70 -3.45
N LEU C 118 17.92 14.41 -2.28
CA LEU C 118 17.40 15.02 -1.06
C LEU C 118 17.49 16.53 -1.13
N GLU C 119 18.63 17.04 -1.58
CA GLU C 119 18.74 18.49 -1.77
C GLU C 119 17.68 18.99 -2.73
N LYS C 120 17.49 18.26 -3.84
CA LYS C 120 16.54 18.68 -4.85
C LYS C 120 15.16 18.82 -4.26
N MET C 121 14.73 17.87 -3.42
CA MET C 121 13.45 18.04 -2.77
C MET C 121 13.48 19.26 -1.86
N ARG C 122 14.38 19.26 -0.87
CA ARG C 122 14.39 20.28 0.16
C ARG C 122 14.05 21.65 -0.41
N ASN C 123 14.59 21.94 -1.60
CA ASN C 123 14.46 23.23 -2.23
C ASN C 123 13.44 23.19 -3.37
N ILE C 124 12.34 22.48 -3.18
CA ILE C 124 11.16 22.70 -4.02
C ILE C 124 10.59 24.08 -3.69
N ILE C 125 9.97 24.71 -4.69
CA ILE C 125 9.31 25.99 -4.47
C ILE C 125 7.94 25.71 -3.86
N PRO C 126 7.52 26.42 -2.80
CA PRO C 126 6.16 26.21 -2.30
C PRO C 126 5.13 26.41 -3.40
N PHE C 127 4.40 25.34 -3.70
CA PHE C 127 3.63 25.23 -4.93
C PHE C 127 2.89 26.51 -5.28
N ASP C 128 2.51 27.28 -4.26
CA ASP C 128 1.74 28.50 -4.49
C ASP C 128 2.40 29.43 -5.50
N GLN C 129 3.69 29.23 -5.79
CA GLN C 129 4.41 30.03 -6.78
C GLN C 129 4.78 29.21 -8.00
N MET C 130 4.14 28.07 -8.20
CA MET C 130 4.60 27.04 -9.12
C MET C 130 3.70 27.00 -10.34
N THR C 131 4.08 26.16 -11.30
CA THR C 131 3.29 25.94 -12.50
C THR C 131 3.42 24.50 -12.95
N ILE C 132 2.48 24.05 -13.76
CA ILE C 132 2.36 22.62 -14.03
C ILE C 132 3.65 22.08 -14.62
N GLU C 133 4.32 22.85 -15.48
CA GLU C 133 5.59 22.39 -16.02
C GLU C 133 6.65 22.31 -14.93
N ASP C 134 6.56 23.18 -13.93
CA ASP C 134 7.48 23.08 -12.80
C ASP C 134 7.33 21.73 -12.12
N LEU C 135 6.09 21.29 -11.91
CA LEU C 135 5.86 19.96 -11.35
C LEU C 135 6.41 18.89 -12.27
N ASN C 136 6.03 18.93 -13.56
CA ASN C 136 6.40 17.85 -14.46
C ASN C 136 7.91 17.76 -14.63
N GLU C 137 8.64 18.83 -14.36
CA GLU C 137 10.07 18.70 -14.19
C GLU C 137 10.43 18.13 -12.82
N VAL C 138 9.63 18.46 -11.80
CA VAL C 138 9.94 18.01 -10.45
C VAL C 138 9.69 16.50 -10.34
N PHE C 139 8.44 16.07 -10.52
CA PHE C 139 8.07 14.67 -10.56
C PHE C 139 7.81 14.33 -12.02
N PRO C 140 8.80 13.88 -12.79
CA PRO C 140 8.57 13.62 -14.21
C PRO C 140 7.48 12.61 -14.49
N GLU C 141 6.88 12.01 -13.45
CA GLU C 141 5.80 11.05 -13.67
C GLU C 141 4.48 11.70 -14.04
N THR C 142 4.29 13.00 -13.80
CA THR C 142 3.04 13.65 -14.15
C THR C 142 3.01 14.12 -15.61
N LYS C 143 4.08 13.95 -16.36
CA LYS C 143 4.03 14.33 -17.77
C LYS C 143 2.89 13.57 -18.43
N LEU C 144 2.08 14.29 -19.20
CA LEU C 144 0.79 13.79 -19.63
C LEU C 144 0.88 12.94 -20.88
N ASP C 145 2.07 12.67 -21.39
CA ASP C 145 2.25 11.81 -22.56
C ASP C 145 1.47 12.36 -23.76
N LYS C 146 1.93 13.52 -24.21
CA LYS C 146 1.33 14.13 -25.38
C LYS C 146 1.67 13.40 -26.67
N LYS C 147 2.52 12.37 -26.61
CA LYS C 147 2.86 11.62 -27.81
C LYS C 147 1.94 10.41 -27.98
N LYS C 148 1.81 9.57 -26.95
CA LYS C 148 1.09 8.32 -27.09
C LYS C 148 -0.40 8.49 -26.79
N TYR C 149 -0.79 9.57 -26.12
CA TYR C 149 -2.17 10.00 -26.03
C TYR C 149 -2.20 11.46 -26.44
N PRO C 150 -1.92 11.74 -27.72
CA PRO C 150 -1.77 13.15 -28.13
C PRO C 150 -3.02 13.96 -27.92
N TYR C 151 -4.18 13.35 -28.11
CA TYR C 151 -5.41 14.08 -27.99
C TYR C 151 -5.73 14.35 -26.53
N TRP C 152 -6.72 15.19 -26.32
CA TRP C 152 -7.17 15.49 -24.98
C TRP C 152 -7.89 14.29 -24.38
N PRO C 153 -7.81 14.10 -23.06
CA PRO C 153 -7.03 14.81 -22.03
C PRO C 153 -5.66 14.18 -21.79
N HIS C 154 -5.17 13.44 -22.78
CA HIS C 154 -3.82 12.89 -22.76
C HIS C 154 -3.67 11.78 -21.73
N ARG C 155 -4.75 11.43 -21.04
CA ARG C 155 -4.74 10.29 -20.13
C ARG C 155 -6.05 9.56 -20.32
N PRO C 156 -6.06 8.24 -20.12
CA PRO C 156 -7.34 7.53 -20.13
C PRO C 156 -8.25 8.09 -19.07
N ILE C 157 -9.53 8.27 -19.43
CA ILE C 157 -10.43 9.00 -18.55
C ILE C 157 -10.57 8.30 -17.21
N GLU C 158 -10.82 7.00 -17.24
CA GLU C 158 -10.89 6.14 -16.04
C GLU C 158 -10.41 6.80 -14.76
N PRO D 2 -17.15 59.19 8.54
CA PRO D 2 -18.19 60.10 9.01
C PRO D 2 -18.81 60.91 7.87
N PRO D 3 -19.82 61.72 8.18
CA PRO D 3 -20.39 62.60 7.15
C PRO D 3 -19.41 63.65 6.68
N VAL D 4 -19.85 64.51 5.76
CA VAL D 4 -18.98 65.53 5.17
C VAL D 4 -19.75 66.84 5.05
N GLN D 5 -19.01 67.94 5.05
CA GLN D 5 -19.56 69.27 4.80
C GLN D 5 -19.41 69.59 3.32
N VAL D 6 -20.52 69.96 2.69
CA VAL D 6 -20.62 70.02 1.23
C VAL D 6 -20.45 71.46 0.76
N SER D 7 -19.91 71.60 -0.45
CA SER D 7 -19.68 72.93 -1.01
C SER D 7 -21.01 73.67 -1.15
N PRO D 8 -21.00 74.99 -1.03
CA PRO D 8 -22.26 75.74 -1.11
C PRO D 8 -22.73 75.91 -2.53
N LEU D 9 -21.77 76.00 -3.45
CA LEU D 9 -22.10 76.07 -4.86
C LEU D 9 -23.08 74.96 -5.23
N ILE D 10 -22.75 73.74 -4.81
CA ILE D 10 -23.59 72.59 -5.11
C ILE D 10 -24.98 72.87 -4.53
N LYS D 11 -25.06 72.93 -3.19
CA LYS D 11 -26.35 73.11 -2.53
C LYS D 11 -27.24 74.08 -3.30
N LEU D 12 -26.72 75.28 -3.57
CA LEU D 12 -27.55 76.31 -4.14
C LEU D 12 -27.92 75.98 -5.59
N GLY D 13 -26.97 75.49 -6.38
CA GLY D 13 -27.30 75.11 -7.74
C GLY D 13 -28.35 74.02 -7.78
N ARG D 14 -28.22 73.03 -6.89
CA ARG D 14 -29.22 71.97 -6.82
C ARG D 14 -30.59 72.55 -6.55
N TYR D 15 -30.72 73.37 -5.52
CA TYR D 15 -32.03 73.90 -5.18
C TYR D 15 -32.60 74.77 -6.29
N SER D 16 -31.76 75.64 -6.86
CA SER D 16 -32.24 76.53 -7.92
C SER D 16 -32.69 75.73 -9.14
N ALA D 17 -31.91 74.73 -9.55
CA ALA D 17 -32.29 73.90 -10.67
C ALA D 17 -33.52 73.08 -10.37
N LEU D 18 -33.71 72.67 -9.11
CA LEU D 18 -34.92 71.93 -8.76
C LEU D 18 -36.15 72.81 -8.92
N PHE D 19 -36.06 74.06 -8.44
CA PHE D 19 -37.18 74.97 -8.63
C PHE D 19 -37.39 75.28 -10.11
N LEU D 20 -36.30 75.41 -10.86
CA LEU D 20 -36.40 75.58 -12.30
C LEU D 20 -37.12 74.40 -12.93
N GLY D 21 -36.83 73.19 -12.44
CA GLY D 21 -37.55 72.02 -12.93
C GLY D 21 -39.02 72.08 -12.60
N MET D 22 -39.36 72.44 -11.37
CA MET D 22 -40.75 72.70 -11.03
C MET D 22 -41.40 73.56 -12.10
N ALA D 23 -40.86 74.76 -12.28
CA ALA D 23 -41.49 75.74 -13.17
C ALA D 23 -41.57 75.21 -14.59
N TYR D 24 -40.47 74.67 -15.09
CA TYR D 24 -40.42 74.23 -16.49
C TYR D 24 -41.39 73.08 -16.73
N GLY D 25 -41.42 72.10 -15.83
CA GLY D 25 -42.30 70.98 -16.00
C GLY D 25 -43.75 71.39 -15.97
N ALA D 26 -44.14 72.21 -15.00
CA ALA D 26 -45.52 72.64 -14.92
C ALA D 26 -45.90 73.44 -16.16
N LYS D 27 -45.04 74.37 -16.59
CA LYS D 27 -45.32 75.18 -17.76
C LYS D 27 -45.44 74.31 -19.01
N ARG D 28 -44.54 73.34 -19.18
CA ARG D 28 -44.64 72.46 -20.33
C ARG D 28 -45.92 71.66 -20.30
N TYR D 29 -46.30 71.16 -19.13
CA TYR D 29 -47.53 70.38 -19.06
C TYR D 29 -48.73 71.21 -19.45
N ASN D 30 -48.80 72.44 -18.94
CA ASN D 30 -49.90 73.32 -19.34
C ASN D 30 -49.83 73.60 -20.83
N TYR D 31 -48.63 73.82 -21.35
CA TYR D 31 -48.45 74.09 -22.77
C TYR D 31 -49.03 72.96 -23.61
N LEU D 32 -48.70 71.71 -23.27
CA LEU D 32 -49.15 70.59 -24.09
C LEU D 32 -50.63 70.29 -23.88
N LYS D 33 -51.14 70.44 -22.65
CA LYS D 33 -52.46 69.92 -22.34
C LYS D 33 -53.53 70.34 -23.36
N PRO D 34 -53.60 71.59 -23.77
CA PRO D 34 -54.55 71.93 -24.84
C PRO D 34 -54.33 71.13 -26.11
N ARG D 35 -53.07 70.93 -26.50
CA ARG D 35 -52.80 70.22 -27.75
C ARG D 35 -53.08 68.74 -27.62
N ALA D 36 -52.74 68.17 -26.46
CA ALA D 36 -53.08 66.77 -26.22
C ALA D 36 -54.59 66.58 -26.23
N GLU D 37 -55.33 67.51 -25.61
CA GLU D 37 -56.79 67.42 -25.66
C GLU D 37 -57.29 67.52 -27.09
N GLU D 38 -56.73 68.45 -27.87
CA GLU D 38 -57.14 68.60 -29.26
C GLU D 38 -56.90 67.32 -30.04
N GLU D 39 -55.76 66.68 -29.83
CA GLU D 39 -55.51 65.40 -30.47
C GLU D 39 -56.55 64.37 -30.03
N ARG D 40 -56.82 64.32 -28.73
CA ARG D 40 -57.74 63.30 -28.21
C ARG D 40 -59.13 63.46 -28.81
N ARG D 41 -59.64 64.70 -28.88
CA ARG D 41 -60.90 64.91 -29.55
C ARG D 41 -60.76 64.76 -31.06
N LEU D 42 -59.54 64.73 -31.57
CA LEU D 42 -59.31 64.55 -33.00
C LEU D 42 -58.90 63.11 -33.29
N PRO E 5 7.99 63.12 -15.78
CA PRO E 5 8.91 63.22 -16.89
C PRO E 5 8.55 62.35 -18.08
N LEU E 6 8.63 61.03 -17.91
CA LEU E 6 8.23 60.12 -18.97
C LEU E 6 6.82 60.47 -19.44
N LYS E 7 6.69 60.81 -20.71
CA LYS E 7 5.44 61.35 -21.22
C LYS E 7 4.47 60.28 -21.71
N GLU E 8 4.97 59.08 -22.05
CA GLU E 8 4.09 57.94 -22.33
C GLU E 8 3.74 57.27 -21.00
N LYS E 9 2.86 57.93 -20.26
CA LYS E 9 2.43 57.47 -18.94
C LYS E 9 0.94 57.19 -18.96
N LYS E 10 0.44 56.62 -17.86
CA LYS E 10 -0.98 56.33 -17.77
C LYS E 10 -1.77 57.62 -17.83
N LEU E 11 -2.82 57.63 -18.65
CA LEU E 11 -3.51 58.87 -18.98
C LEU E 11 -4.45 59.35 -17.89
N LEU E 12 -4.73 58.53 -16.88
CA LEU E 12 -5.64 58.97 -15.84
C LEU E 12 -5.17 60.26 -15.17
N GLU E 13 -3.87 60.54 -15.21
CA GLU E 13 -3.31 61.73 -14.56
C GLU E 13 -2.85 62.80 -15.53
N VAL E 14 -2.79 62.50 -16.82
CA VAL E 14 -2.31 63.49 -17.79
C VAL E 14 -3.07 64.79 -17.59
N LYS E 15 -2.37 65.90 -17.80
CA LYS E 15 -3.00 67.21 -17.71
C LYS E 15 -3.74 67.51 -19.00
N LEU E 16 -5.03 67.86 -18.89
CA LEU E 16 -5.87 67.90 -20.08
C LEU E 16 -5.29 68.83 -21.14
N GLY E 17 -4.52 69.84 -20.73
CA GLY E 17 -3.78 70.60 -21.72
C GLY E 17 -2.69 69.79 -22.38
N GLU E 18 -2.06 68.91 -21.61
CA GLU E 18 -1.02 68.05 -22.17
C GLU E 18 -1.59 67.00 -23.11
N LEU E 19 -2.85 66.61 -22.90
CA LEU E 19 -3.38 65.42 -23.56
C LEU E 19 -3.34 65.52 -25.08
N PRO E 20 -3.86 66.57 -25.71
CA PRO E 20 -4.02 66.52 -27.18
C PRO E 20 -2.73 66.22 -27.92
N SER E 21 -1.59 66.74 -27.44
CA SER E 21 -0.32 66.31 -27.98
C SER E 21 -0.07 64.83 -27.73
N TRP E 22 -0.42 64.37 -26.52
CA TRP E 22 -0.20 62.97 -26.17
C TRP E 22 -0.96 62.04 -27.10
N ILE E 23 -2.21 62.38 -27.41
CA ILE E 23 -3.04 61.50 -28.23
C ILE E 23 -2.34 61.21 -29.54
N LEU E 24 -1.91 62.27 -30.23
CA LEU E 24 -1.16 62.08 -31.46
C LEU E 24 0.13 61.32 -31.18
N MET E 25 0.79 61.65 -30.07
CA MET E 25 1.94 60.86 -29.66
C MET E 25 1.55 59.41 -29.35
N ARG E 26 0.32 59.17 -28.92
CA ARG E 26 -0.11 57.83 -28.60
C ARG E 26 -0.30 57.02 -29.88
N ASP E 27 0.28 55.82 -29.91
CA ASP E 27 0.30 55.02 -31.11
C ASP E 27 -1.11 54.59 -31.51
N PHE E 28 -1.38 54.60 -32.81
CA PHE E 28 -2.62 54.08 -33.37
C PHE E 28 -2.38 52.86 -34.24
N THR E 29 -1.21 52.24 -34.11
CA THR E 29 -0.93 51.04 -34.88
C THR E 29 -1.87 49.91 -34.47
N PRO E 30 -2.42 49.16 -35.43
CA PRO E 30 -3.37 48.10 -35.06
C PRO E 30 -2.82 47.13 -34.03
N SER E 31 -1.55 46.76 -34.14
CA SER E 31 -0.92 46.00 -33.07
C SER E 31 -0.98 46.76 -31.75
N GLY E 32 -0.84 48.08 -31.82
CA GLY E 32 -1.02 48.88 -30.62
C GLY E 32 -2.41 48.75 -30.05
N ILE E 33 -3.42 48.73 -30.92
CA ILE E 33 -4.80 48.60 -30.45
C ILE E 33 -5.03 47.24 -29.81
N ALA E 34 -4.51 46.18 -30.44
CA ALA E 34 -4.66 44.85 -29.85
C ALA E 34 -3.96 44.79 -28.50
N GLY E 35 -2.75 45.33 -28.40
CA GLY E 35 -2.08 45.38 -27.12
C GLY E 35 -2.86 46.16 -26.09
N ALA E 36 -3.53 47.23 -26.51
CA ALA E 36 -4.33 48.01 -25.58
C ALA E 36 -5.51 47.20 -25.05
N PHE E 37 -6.19 46.49 -25.95
CA PHE E 37 -7.27 45.62 -25.51
C PHE E 37 -6.76 44.59 -24.52
N GLN E 38 -5.62 43.98 -24.82
CA GLN E 38 -5.07 43.00 -23.89
C GLN E 38 -4.77 43.65 -22.55
N ARG E 39 -4.21 44.85 -22.56
CA ARG E 39 -3.93 45.56 -21.32
C ARG E 39 -5.20 45.70 -20.50
N GLY E 40 -6.27 46.19 -21.13
CA GLY E 40 -7.50 46.39 -20.39
C GLY E 40 -8.07 45.10 -19.84
N TYR E 41 -8.14 44.07 -20.69
CA TYR E 41 -8.74 42.81 -20.28
C TYR E 41 -7.95 42.20 -19.13
N TYR E 42 -6.63 42.14 -19.26
CA TYR E 42 -5.82 41.59 -18.18
C TYR E 42 -5.89 42.47 -16.93
N ARG E 43 -6.03 43.78 -17.10
CA ARG E 43 -6.13 44.64 -15.94
C ARG E 43 -7.36 44.31 -15.13
N TYR E 44 -8.49 44.14 -15.81
CA TYR E 44 -9.70 43.72 -15.09
C TYR E 44 -9.50 42.33 -14.48
N TYR E 45 -9.04 41.39 -15.30
CA TYR E 45 -8.86 40.01 -14.86
C TYR E 45 -8.07 39.96 -13.56
N ASN E 46 -6.94 40.67 -13.52
CA ASN E 46 -6.06 40.62 -12.37
C ASN E 46 -6.60 41.44 -11.21
N LYS E 47 -7.24 42.57 -11.48
CA LYS E 47 -7.74 43.39 -10.39
C LYS E 47 -8.83 42.66 -9.62
N TYR E 48 -9.77 42.01 -10.33
CA TYR E 48 -10.97 41.49 -9.69
C TYR E 48 -11.14 39.98 -9.78
N VAL E 49 -10.57 39.32 -10.77
CA VAL E 49 -10.87 37.91 -10.98
C VAL E 49 -9.72 37.04 -10.47
N ASN E 50 -8.52 37.25 -11.01
CA ASN E 50 -7.41 36.35 -10.72
C ASN E 50 -6.90 36.55 -9.30
N VAL E 51 -7.73 36.24 -8.31
CA VAL E 51 -7.35 36.33 -6.92
C VAL E 51 -7.97 35.13 -6.20
N LYS E 52 -7.22 34.57 -5.24
CA LYS E 52 -7.67 33.36 -4.56
C LYS E 52 -9.03 33.54 -3.89
N LYS E 53 -9.52 34.77 -3.78
CA LYS E 53 -10.81 35.05 -3.15
C LYS E 53 -11.57 36.01 -4.05
N GLY E 54 -12.36 35.47 -4.98
CA GLY E 54 -13.18 36.32 -5.82
C GLY E 54 -14.60 35.81 -6.04
N SER E 55 -15.58 36.55 -5.56
CA SER E 55 -16.99 36.16 -5.72
C SER E 55 -17.54 36.79 -7.00
N ILE E 56 -18.86 36.77 -7.14
CA ILE E 56 -19.54 37.19 -8.37
C ILE E 56 -19.10 38.57 -8.83
N ALA E 57 -18.43 39.33 -7.96
CA ALA E 57 -17.91 40.62 -8.38
C ALA E 57 -17.11 40.45 -9.66
N GLY E 58 -16.31 39.39 -9.75
CA GLY E 58 -15.50 39.17 -10.92
C GLY E 58 -16.29 38.84 -12.16
N LEU E 59 -17.51 38.34 -12.00
CA LEU E 59 -18.37 37.96 -13.12
C LEU E 59 -19.56 38.89 -13.27
N SER E 60 -20.38 39.03 -12.22
CA SER E 60 -21.58 39.86 -12.34
C SER E 60 -21.26 41.17 -13.03
N MET E 61 -20.26 41.89 -12.55
CA MET E 61 -19.89 43.17 -13.15
C MET E 61 -19.85 43.05 -14.66
N VAL E 62 -18.99 42.17 -15.19
CA VAL E 62 -18.84 42.12 -16.64
C VAL E 62 -20.17 41.84 -17.31
N LEU E 63 -20.95 40.89 -16.78
CA LEU E 63 -22.24 40.61 -17.39
C LEU E 63 -23.06 41.87 -17.51
N ALA E 64 -23.13 42.66 -16.43
CA ALA E 64 -23.90 43.89 -16.50
C ALA E 64 -23.49 44.70 -17.72
N ALA E 65 -22.18 44.93 -17.87
CA ALA E 65 -21.70 45.60 -19.07
C ALA E 65 -22.30 44.97 -20.31
N TYR E 66 -22.02 43.69 -20.52
CA TYR E 66 -22.63 42.97 -21.62
C TYR E 66 -24.11 43.31 -21.73
N VAL E 67 -24.87 43.04 -20.67
CA VAL E 67 -26.30 43.32 -20.71
C VAL E 67 -26.54 44.72 -21.24
N PHE E 68 -25.96 45.72 -20.58
CA PHE E 68 -26.17 47.10 -20.99
C PHE E 68 -25.90 47.25 -22.47
N LEU E 69 -24.72 46.81 -22.92
CA LEU E 69 -24.40 46.96 -24.33
C LEU E 69 -25.49 46.38 -25.20
N ASN E 70 -25.91 45.15 -24.90
CA ASN E 70 -26.93 44.52 -25.73
C ASN E 70 -28.18 45.37 -25.77
N TYR E 71 -28.59 45.90 -24.62
CA TYR E 71 -29.75 46.78 -24.60
C TYR E 71 -29.57 47.92 -25.60
N CYS E 72 -28.42 48.61 -25.52
CA CYS E 72 -28.19 49.70 -26.46
C CYS E 72 -28.32 49.21 -27.89
N ARG E 73 -27.79 48.02 -28.18
CA ARG E 73 -27.86 47.51 -29.54
C ARG E 73 -29.29 47.46 -30.03
N SER E 74 -30.23 47.14 -29.15
CA SER E 74 -31.63 47.02 -29.52
C SER E 74 -32.40 48.33 -29.40
N TYR E 75 -31.74 49.41 -28.96
CA TYR E 75 -32.47 50.62 -28.64
C TYR E 75 -33.40 51.02 -29.78
N LYS E 76 -32.88 51.08 -30.99
CA LYS E 76 -33.68 51.51 -32.12
C LYS E 76 -34.99 50.74 -32.19
N GLU E 77 -34.90 49.41 -32.10
CA GLU E 77 -36.12 48.60 -32.17
C GLU E 77 -37.11 49.02 -31.10
N LEU E 78 -36.65 49.16 -29.87
CA LEU E 78 -37.54 49.55 -28.78
C LEU E 78 -37.83 51.04 -28.76
N LYS E 79 -37.18 51.82 -29.63
CA LYS E 79 -37.52 53.23 -29.73
C LYS E 79 -39.02 53.40 -29.95
N HIS E 80 -39.61 52.51 -30.74
CA HIS E 80 -40.98 52.70 -31.18
C HIS E 80 -41.96 52.54 -30.03
N GLU E 81 -41.83 51.45 -29.27
CA GLU E 81 -42.83 51.08 -28.28
C GLU E 81 -42.66 51.95 -27.05
N ARG E 82 -43.14 53.18 -27.17
CA ARG E 82 -43.08 54.15 -26.10
C ARG E 82 -44.32 54.02 -25.21
N LEU E 83 -44.51 54.99 -24.32
CA LEU E 83 -45.74 55.09 -23.54
C LEU E 83 -46.27 56.51 -23.45
N ARG E 84 -45.51 57.52 -23.86
CA ARG E 84 -45.94 58.90 -23.76
C ARG E 84 -45.24 59.68 -24.87
N LYS E 85 -46.01 60.12 -25.87
CA LYS E 85 -45.42 60.89 -26.96
C LYS E 85 -44.78 62.17 -26.48
N TYR E 86 -45.21 62.69 -25.33
CA TYR E 86 -44.74 63.96 -24.79
C TYR E 86 -44.37 63.69 -23.33
N HIS E 87 -43.08 63.45 -23.12
CA HIS E 87 -42.56 62.98 -21.86
C HIS E 87 -41.66 64.01 -21.19
N THR F 20 -39.10 46.30 11.09
CA THR F 20 -37.94 45.73 10.41
C THR F 20 -36.67 46.54 10.73
N TYR F 21 -35.63 46.31 9.94
CA TYR F 21 -34.37 47.04 10.05
C TYR F 21 -34.45 48.45 9.48
N SER F 22 -35.65 48.91 9.13
CA SER F 22 -35.80 50.23 8.54
C SER F 22 -35.36 51.33 9.49
N LYS F 23 -35.44 51.09 10.79
CA LYS F 23 -35.24 52.16 11.77
C LYS F 23 -33.84 52.73 11.72
N PRO F 24 -32.78 51.98 12.05
CA PRO F 24 -31.43 52.56 12.02
C PRO F 24 -31.05 53.09 10.64
N ARG F 25 -31.45 52.39 9.58
CA ARG F 25 -31.11 52.82 8.24
C ARG F 25 -31.70 54.19 7.96
N LEU F 26 -32.99 54.35 8.19
CA LEU F 26 -33.64 55.64 7.91
C LEU F 26 -33.08 56.73 8.81
N ALA F 27 -32.81 56.40 10.09
CA ALA F 27 -32.26 57.41 10.98
C ALA F 27 -30.92 57.90 10.47
N THR F 28 -30.05 56.98 10.04
CA THR F 28 -28.75 57.37 9.52
C THR F 28 -28.86 58.12 8.20
N PHE F 29 -29.81 57.75 7.36
CA PHE F 29 -30.01 58.45 6.10
C PHE F 29 -30.42 59.90 6.35
N TRP F 30 -31.39 60.10 7.22
CA TRP F 30 -31.79 61.46 7.59
C TRP F 30 -30.64 62.20 8.24
N TYR F 31 -29.89 61.51 9.10
CA TYR F 31 -28.72 62.08 9.73
C TYR F 31 -27.75 62.66 8.71
N TYR F 32 -27.39 61.84 7.71
CA TYR F 32 -26.52 62.33 6.65
C TYR F 32 -27.18 63.51 5.93
N ALA F 33 -28.44 63.35 5.55
CA ALA F 33 -29.13 64.43 4.86
C ALA F 33 -29.13 65.71 5.69
N LYS F 34 -29.21 65.57 7.01
CA LYS F 34 -29.17 66.74 7.87
C LYS F 34 -27.80 67.39 7.91
N VAL F 35 -26.77 66.74 7.39
CA VAL F 35 -25.42 67.29 7.38
C VAL F 35 -24.80 67.31 6.01
N GLU F 36 -25.40 66.64 5.01
CA GLU F 36 -24.92 66.69 3.63
C GLU F 36 -25.94 67.31 2.70
N LEU F 37 -27.20 66.88 2.77
CA LEU F 37 -28.27 67.41 1.94
C LEU F 37 -29.04 68.52 2.64
N VAL F 38 -28.54 69.01 3.77
CA VAL F 38 -29.27 70.05 4.51
C VAL F 38 -29.49 71.25 3.60
N PRO F 39 -30.64 71.92 3.64
CA PRO F 39 -30.87 73.00 2.69
C PRO F 39 -29.92 74.15 2.94
N PRO F 40 -29.56 74.89 1.88
CA PRO F 40 -28.68 76.05 2.07
C PRO F 40 -29.39 77.23 2.71
N THR F 41 -28.64 78.23 3.13
CA THR F 41 -29.15 79.41 3.81
C THR F 41 -28.69 80.66 3.09
N PRO F 42 -29.41 81.78 3.25
CA PRO F 42 -28.97 83.02 2.60
C PRO F 42 -27.54 83.43 2.94
N ALA F 43 -27.12 83.27 4.20
CA ALA F 43 -25.76 83.64 4.56
C ALA F 43 -24.74 82.90 3.72
N GLU F 44 -25.05 81.65 3.36
CA GLU F 44 -24.21 80.89 2.44
C GLU F 44 -24.04 81.57 1.09
N ILE F 45 -25.00 82.39 0.68
CA ILE F 45 -25.08 82.88 -0.69
C ILE F 45 -23.80 83.62 -1.10
N PRO F 46 -23.35 84.64 -0.36
CA PRO F 46 -22.15 85.36 -0.80
C PRO F 46 -20.92 84.47 -0.91
N THR F 47 -20.79 83.46 -0.06
CA THR F 47 -19.64 82.57 -0.14
C THR F 47 -19.64 81.83 -1.47
N ALA F 48 -20.77 81.23 -1.83
CA ALA F 48 -20.87 80.58 -3.14
C ALA F 48 -20.68 81.59 -4.26
N ILE F 49 -21.09 82.83 -4.04
CA ILE F 49 -20.91 83.86 -5.06
C ILE F 49 -19.44 84.09 -5.34
N GLN F 50 -18.65 84.27 -4.28
CA GLN F 50 -17.21 84.45 -4.48
C GLN F 50 -16.58 83.20 -5.07
N SER F 51 -17.03 82.02 -4.66
CA SER F 51 -16.53 80.79 -5.27
C SER F 51 -16.79 80.80 -6.77
N LEU F 52 -17.99 81.25 -7.16
CA LEU F 52 -18.31 81.33 -8.59
C LEU F 52 -17.42 82.34 -9.30
N LYS F 53 -17.14 83.47 -8.66
CA LYS F 53 -16.26 84.45 -9.28
C LYS F 53 -14.87 83.88 -9.51
N LYS F 54 -14.35 83.16 -8.51
CA LYS F 54 -13.05 82.50 -8.68
C LYS F 54 -13.12 81.46 -9.78
N ILE F 55 -14.23 80.72 -9.86
CA ILE F 55 -14.40 79.75 -10.93
C ILE F 55 -14.37 80.43 -12.28
N ILE F 56 -15.07 81.55 -12.41
CA ILE F 56 -15.11 82.28 -13.68
C ILE F 56 -13.71 82.68 -14.08
N ASN F 57 -12.97 83.29 -13.16
CA ASN F 57 -11.63 83.74 -13.50
C ASN F 57 -10.76 82.55 -13.89
N SER F 58 -10.83 81.46 -13.13
CA SER F 58 -10.01 80.29 -13.44
C SER F 58 -10.39 79.70 -14.79
N ALA F 59 -11.65 79.84 -15.20
CA ALA F 59 -12.06 79.33 -16.50
C ALA F 59 -11.54 80.21 -17.64
N LYS F 60 -11.64 81.53 -17.47
CA LYS F 60 -11.29 82.41 -18.58
C LYS F 60 -9.78 82.50 -18.78
N THR F 61 -9.00 82.31 -17.72
CA THR F 61 -7.56 82.58 -17.78
C THR F 61 -6.85 81.72 -18.80
N GLY F 62 -7.44 80.60 -19.21
CA GLY F 62 -6.70 79.62 -19.98
C GLY F 62 -5.88 78.67 -19.13
N SER F 63 -5.96 78.78 -17.80
CA SER F 63 -5.23 77.89 -16.91
C SER F 63 -5.90 76.53 -16.76
N PHE F 64 -7.14 76.39 -17.24
CA PHE F 64 -7.77 75.08 -17.32
C PHE F 64 -6.77 74.09 -17.91
N LYS F 65 -5.96 74.57 -18.84
CA LYS F 65 -5.00 73.76 -19.58
C LYS F 65 -4.11 72.93 -18.66
N GLN F 66 -4.07 73.26 -17.37
CA GLN F 66 -3.10 72.63 -16.48
C GLN F 66 -3.77 71.86 -15.34
N LEU F 67 -4.75 71.03 -15.67
CA LEU F 67 -5.36 70.13 -14.71
C LEU F 67 -5.31 68.71 -15.23
N THR F 68 -5.24 67.75 -14.30
CA THR F 68 -5.27 66.35 -14.67
C THR F 68 -6.65 65.98 -15.23
N VAL F 69 -6.67 64.95 -16.08
CA VAL F 69 -7.96 64.47 -16.56
C VAL F 69 -8.80 63.97 -15.40
N LYS F 70 -8.16 63.45 -14.36
CA LYS F 70 -8.90 62.91 -13.22
C LYS F 70 -9.84 63.96 -12.64
N GLU F 71 -9.27 65.05 -12.13
CA GLU F 71 -10.07 66.13 -11.56
C GLU F 71 -11.06 66.70 -12.56
N ALA F 72 -10.69 66.72 -13.85
CA ALA F 72 -11.61 67.23 -14.86
C ALA F 72 -12.87 66.36 -14.93
N LEU F 73 -12.68 65.04 -15.04
CA LEU F 73 -13.81 64.13 -14.98
C LEU F 73 -14.61 64.35 -13.71
N LEU F 74 -13.92 64.49 -12.58
CA LEU F 74 -14.63 64.64 -11.32
C LEU F 74 -15.55 65.85 -11.36
N ASN F 75 -15.01 67.01 -11.74
CA ASN F 75 -15.81 68.23 -11.73
C ASN F 75 -16.93 68.18 -12.75
N GLY F 76 -16.65 67.65 -13.95
CA GLY F 76 -17.70 67.55 -14.95
C GLY F 76 -18.83 66.65 -14.49
N LEU F 77 -18.50 65.50 -13.92
CA LEU F 77 -19.52 64.61 -13.39
C LEU F 77 -20.33 65.30 -12.30
N VAL F 78 -19.64 66.04 -11.43
CA VAL F 78 -20.34 66.75 -10.37
C VAL F 78 -21.35 67.70 -10.98
N ALA F 79 -20.93 68.45 -12.01
CA ALA F 79 -21.83 69.37 -12.67
C ALA F 79 -23.04 68.65 -13.25
N THR F 80 -22.79 67.52 -13.91
CA THR F 80 -23.89 66.75 -14.49
C THR F 80 -24.89 66.35 -13.42
N GLU F 81 -24.40 65.73 -12.34
CA GLU F 81 -25.31 65.27 -11.30
C GLU F 81 -26.09 66.45 -10.72
N VAL F 82 -25.39 67.56 -10.46
CA VAL F 82 -26.08 68.75 -9.98
C VAL F 82 -27.23 69.09 -10.91
N TRP F 83 -26.93 69.24 -12.20
CA TRP F 83 -27.91 69.65 -13.18
C TRP F 83 -29.10 68.70 -13.16
N MET F 84 -28.86 67.46 -12.80
CA MET F 84 -29.92 66.45 -12.92
C MET F 84 -31.08 66.69 -11.96
N TRP F 85 -30.88 67.45 -10.88
CA TRP F 85 -32.06 67.82 -10.11
C TRP F 85 -32.98 68.75 -10.90
N PHE F 86 -32.52 69.33 -12.01
CA PHE F 86 -33.46 69.92 -12.94
C PHE F 86 -34.49 68.90 -13.37
N TYR F 87 -34.02 67.72 -13.79
CA TYR F 87 -34.93 66.66 -14.19
C TYR F 87 -35.79 66.23 -13.02
N VAL F 88 -35.18 66.12 -11.84
CA VAL F 88 -35.93 65.71 -10.65
C VAL F 88 -37.07 66.69 -10.37
N GLY F 89 -36.79 67.99 -10.46
CA GLY F 89 -37.83 68.98 -10.26
C GLY F 89 -38.91 68.89 -11.32
N GLU F 90 -38.52 68.66 -12.57
CA GLU F 90 -39.51 68.37 -13.59
C GLU F 90 -40.43 67.25 -13.13
N ILE F 91 -39.84 66.17 -12.62
CA ILE F 91 -40.64 65.02 -12.20
C ILE F 91 -41.65 65.46 -11.16
N ILE F 92 -41.16 65.97 -10.04
CA ILE F 92 -42.07 66.30 -8.95
C ILE F 92 -43.04 67.40 -9.33
N GLY F 93 -42.77 68.10 -10.45
CA GLY F 93 -43.75 69.00 -11.01
C GLY F 93 -44.82 68.24 -11.76
N LYS F 94 -44.41 67.52 -12.80
CA LYS F 94 -45.33 66.65 -13.51
C LYS F 94 -45.74 65.51 -12.59
N ARG F 95 -46.96 65.57 -12.08
CA ARG F 95 -47.43 64.64 -11.06
C ARG F 95 -46.96 63.20 -11.30
N GLY F 96 -46.96 62.76 -12.56
CA GLY F 96 -46.57 61.41 -12.88
C GLY F 96 -45.07 61.21 -12.88
N ILE F 97 -44.66 59.94 -12.94
CA ILE F 97 -43.24 59.59 -12.95
C ILE F 97 -42.61 59.77 -14.32
N ILE F 98 -43.37 60.21 -15.31
CA ILE F 98 -42.85 60.39 -16.65
C ILE F 98 -43.32 61.73 -17.20
N LEU G 2 0.25 39.13 -38.58
CA LEU G 2 -0.95 38.39 -38.21
C LEU G 2 -0.70 36.88 -38.20
N GLN G 3 0.22 36.42 -39.04
CA GLN G 3 0.56 35.00 -39.06
C GLN G 3 1.05 34.53 -37.71
N SER G 4 1.59 35.44 -36.90
CA SER G 4 2.04 35.08 -35.56
C SER G 4 0.94 34.41 -34.76
N LEU G 5 -0.28 34.93 -34.84
CA LEU G 5 -1.37 34.30 -34.12
C LEU G 5 -1.66 32.91 -34.67
N ILE G 6 -1.35 32.66 -35.95
CA ILE G 6 -1.53 31.32 -36.49
C ILE G 6 -0.47 30.38 -35.94
N LYS G 7 0.78 30.84 -35.84
CA LYS G 7 1.80 30.04 -35.19
C LYS G 7 1.55 29.92 -33.69
N LYS G 8 0.65 30.72 -33.13
CA LYS G 8 0.16 30.50 -31.78
C LYS G 8 -0.99 29.49 -31.74
N VAL G 9 -1.81 29.46 -32.77
CA VAL G 9 -3.04 28.68 -32.79
C VAL G 9 -2.81 27.35 -33.48
N TRP G 10 -2.42 27.40 -34.74
CA TRP G 10 -2.46 26.18 -35.53
C TRP G 10 -1.31 25.23 -35.20
N ILE G 11 -0.47 25.56 -34.22
CA ILE G 11 0.55 24.64 -33.75
C ILE G 11 -0.10 23.49 -32.99
N PRO G 12 -0.74 23.74 -31.85
CA PRO G 12 -1.34 22.61 -31.10
C PRO G 12 -2.35 21.82 -31.89
N MET G 13 -3.06 22.47 -32.81
CA MET G 13 -4.27 21.93 -33.39
C MET G 13 -4.01 20.98 -34.54
N LYS G 14 -2.78 20.50 -34.70
CA LYS G 14 -2.44 19.70 -35.86
C LYS G 14 -3.37 18.51 -35.99
N PRO G 15 -3.28 17.53 -35.09
CA PRO G 15 -3.90 16.23 -35.39
C PRO G 15 -5.38 16.33 -35.63
N TYR G 16 -6.03 17.35 -35.08
CA TYR G 16 -7.45 17.54 -35.33
C TYR G 16 -7.73 17.97 -36.77
N TYR G 17 -6.99 18.97 -37.25
CA TYR G 17 -7.25 19.49 -38.59
C TYR G 17 -6.46 18.76 -39.67
N THR G 18 -5.65 17.78 -39.31
CA THR G 18 -4.90 17.01 -40.30
C THR G 18 -5.44 15.59 -40.42
N GLN G 19 -5.52 14.85 -39.32
CA GLN G 19 -5.86 13.44 -39.37
C GLN G 19 -7.19 13.13 -38.69
N ALA G 20 -7.35 13.51 -37.42
CA ALA G 20 -8.46 12.97 -36.62
C ALA G 20 -9.83 13.34 -37.19
N TYR G 21 -10.01 14.60 -37.59
CA TYR G 21 -11.35 15.13 -37.80
C TYR G 21 -11.62 15.50 -39.25
N GLN G 22 -10.73 15.08 -40.16
CA GLN G 22 -10.96 15.21 -41.59
C GLN G 22 -12.42 14.90 -41.95
N GLU G 23 -13.02 13.96 -41.23
CA GLU G 23 -14.41 13.62 -41.47
C GLU G 23 -15.32 14.81 -41.15
N ILE G 24 -14.98 15.59 -40.12
CA ILE G 24 -15.78 16.77 -39.82
C ILE G 24 -15.71 17.78 -40.95
N TRP G 25 -14.56 17.90 -41.61
CA TRP G 25 -14.48 18.77 -42.78
C TRP G 25 -15.29 18.21 -43.94
N VAL G 26 -15.39 16.89 -44.05
CA VAL G 26 -16.35 16.32 -45.00
C VAL G 26 -17.75 16.83 -44.70
N GLY G 27 -18.13 16.75 -43.42
CA GLY G 27 -19.42 17.31 -43.03
C GLY G 27 -19.51 18.78 -43.36
N THR G 28 -18.38 19.50 -43.25
CA THR G 28 -18.37 20.92 -43.56
C THR G 28 -18.66 21.16 -45.03
N GLY G 29 -18.11 20.33 -45.91
CA GLY G 29 -18.47 20.42 -47.32
C GLY G 29 -19.95 20.16 -47.54
N LEU G 30 -20.48 19.17 -46.83
CA LEU G 30 -21.92 18.95 -46.85
C LEU G 30 -22.67 20.22 -46.48
N MET G 31 -22.18 20.93 -45.46
CA MET G 31 -22.76 22.22 -45.10
C MET G 31 -22.72 23.17 -46.28
N ALA G 32 -21.53 23.34 -46.86
CA ALA G 32 -21.39 24.25 -47.99
C ALA G 32 -22.55 24.03 -48.94
N TYR G 33 -22.69 22.80 -49.42
CA TYR G 33 -23.71 22.54 -50.43
C TYR G 33 -25.11 22.78 -49.90
N ILE G 34 -25.40 22.34 -48.67
CA ILE G 34 -26.76 22.40 -48.18
C ILE G 34 -27.22 23.84 -48.00
N VAL G 35 -26.41 24.64 -47.31
CA VAL G 35 -26.81 26.03 -47.11
C VAL G 35 -26.78 26.79 -48.42
N TYR G 36 -25.88 26.42 -49.35
CA TYR G 36 -25.94 27.00 -50.67
C TYR G 36 -27.28 26.72 -51.33
N LYS G 37 -27.75 25.48 -51.23
CA LYS G 37 -29.03 25.12 -51.81
C LYS G 37 -30.15 25.95 -51.20
N ILE G 38 -30.14 26.12 -49.88
CA ILE G 38 -31.22 26.88 -49.24
C ILE G 38 -31.14 28.36 -49.64
N ARG G 39 -29.93 28.91 -49.71
CA ARG G 39 -29.75 30.28 -50.17
C ARG G 39 -30.33 30.45 -51.58
N SER G 40 -29.99 29.52 -52.48
CA SER G 40 -30.53 29.56 -53.83
C SER G 40 -32.04 29.44 -53.80
N ALA G 41 -32.57 28.62 -52.90
CA ALA G 41 -34.01 28.43 -52.83
C ALA G 41 -34.71 29.74 -52.48
N ASP G 42 -34.20 30.46 -51.49
CA ASP G 42 -34.80 31.74 -51.15
C ASP G 42 -34.64 32.73 -52.29
N LYS G 43 -33.48 32.77 -52.92
CA LYS G 43 -33.30 33.70 -54.02
C LYS G 43 -34.29 33.41 -55.14
N ARG G 44 -34.48 32.12 -55.46
CA ARG G 44 -35.50 31.73 -56.43
C ARG G 44 -36.87 32.23 -55.99
N SER G 45 -37.27 31.91 -54.76
CA SER G 45 -38.60 32.28 -54.30
C SER G 45 -38.81 33.78 -54.29
N LYS G 46 -37.74 34.57 -54.27
CA LYS G 46 -37.87 36.01 -54.20
C LYS G 46 -38.02 36.65 -55.59
N ALA G 47 -38.12 35.86 -56.65
CA ALA G 47 -38.46 36.36 -57.97
C ALA G 47 -39.95 36.28 -58.26
N LEU G 48 -40.76 35.91 -57.27
CA LEU G 48 -42.20 35.74 -57.41
C LEU G 48 -42.92 36.50 -56.31
N LYS G 49 -42.60 37.78 -56.16
CA LYS G 49 -43.20 38.60 -55.10
C LYS G 49 -43.06 40.08 -55.44
N THR H 12 -28.75 -22.83 -45.44
CA THR H 12 -28.20 -21.55 -45.00
C THR H 12 -27.71 -20.73 -46.20
N GLY H 13 -27.25 -21.43 -47.23
CA GLY H 13 -26.79 -20.76 -48.43
C GLY H 13 -27.87 -19.96 -49.10
N ILE H 14 -29.07 -20.53 -49.18
CA ILE H 14 -30.20 -19.82 -49.79
C ILE H 14 -30.61 -18.65 -48.91
N LYS H 15 -30.94 -18.93 -47.66
CA LYS H 15 -31.46 -17.91 -46.75
C LYS H 15 -30.37 -17.30 -45.88
N LYS H 16 -29.51 -18.13 -45.28
CA LYS H 16 -28.51 -17.59 -44.37
C LYS H 16 -27.44 -16.79 -45.11
N TYR H 17 -27.24 -17.04 -46.40
CA TYR H 17 -26.31 -16.21 -47.17
C TYR H 17 -26.59 -14.74 -46.96
N PHE H 18 -27.83 -14.38 -46.65
CA PHE H 18 -28.21 -13.06 -46.16
C PHE H 18 -28.76 -13.18 -44.75
N ASN H 19 -28.12 -13.99 -43.93
CA ASN H 19 -28.65 -14.34 -42.62
C ASN H 19 -28.74 -13.12 -41.72
N SER H 20 -29.82 -13.06 -40.94
CA SER H 20 -29.94 -12.04 -39.90
C SER H 20 -28.96 -12.26 -38.77
N TYR H 21 -28.30 -13.41 -38.72
CA TYR H 21 -27.30 -13.71 -37.70
C TYR H 21 -25.90 -13.30 -38.17
N THR H 22 -25.47 -13.81 -39.32
CA THR H 22 -24.14 -13.51 -39.82
C THR H 22 -24.05 -12.06 -40.28
N LEU H 23 -23.01 -11.36 -39.82
CA LEU H 23 -22.86 -9.95 -40.20
C LEU H 23 -22.72 -9.80 -41.70
N THR H 24 -21.94 -10.68 -42.34
CA THR H 24 -21.81 -10.61 -43.78
C THR H 24 -23.16 -10.81 -44.46
N GLY H 25 -23.94 -11.79 -43.99
CA GLY H 25 -25.25 -12.01 -44.56
C GLY H 25 -26.17 -10.83 -44.34
N ARG H 26 -26.14 -10.24 -43.14
CA ARG H 26 -26.96 -9.07 -42.88
C ARG H 26 -26.62 -7.93 -43.82
N MET H 27 -25.32 -7.66 -43.99
CA MET H 27 -24.89 -6.58 -44.86
C MET H 27 -25.27 -6.86 -46.31
N ASN H 28 -25.13 -8.11 -46.75
CA ASN H 28 -25.49 -8.47 -48.12
C ASN H 28 -26.99 -8.26 -48.34
N CYS H 29 -27.82 -8.70 -47.39
CA CYS H 29 -29.25 -8.49 -47.53
C CYS H 29 -29.58 -6.99 -47.57
N VAL H 30 -28.90 -6.20 -46.74
CA VAL H 30 -29.14 -4.76 -46.73
C VAL H 30 -28.77 -4.16 -48.08
N LEU H 31 -27.63 -4.55 -48.63
CA LEU H 31 -27.20 -4.03 -49.93
C LEU H 31 -28.20 -4.42 -51.01
N ALA H 32 -28.71 -5.65 -50.96
CA ALA H 32 -29.71 -6.08 -51.92
C ALA H 32 -30.98 -5.26 -51.80
N THR H 33 -31.40 -4.95 -50.57
CA THR H 33 -32.57 -4.11 -50.38
C THR H 33 -32.35 -2.72 -50.96
N TYR H 34 -31.16 -2.14 -50.72
CA TYR H 34 -30.87 -0.83 -51.29
C TYR H 34 -30.89 -0.88 -52.81
N GLY H 35 -30.33 -1.94 -53.40
CA GLY H 35 -30.36 -2.07 -54.85
C GLY H 35 -31.77 -2.20 -55.38
N SER H 36 -32.62 -2.96 -54.68
CA SER H 36 -34.02 -3.10 -55.11
C SER H 36 -34.74 -1.76 -55.07
N ILE H 37 -34.49 -0.98 -54.01
CA ILE H 37 -35.11 0.34 -53.93
C ILE H 37 -34.62 1.23 -55.07
N ALA H 38 -33.33 1.15 -55.39
CA ALA H 38 -32.79 1.93 -56.50
C ALA H 38 -33.43 1.51 -57.81
N LEU H 39 -33.65 0.21 -58.00
CA LEU H 39 -34.33 -0.27 -59.21
C LEU H 39 -35.75 0.27 -59.28
N ILE H 40 -36.45 0.29 -58.13
CA ILE H 40 -37.80 0.85 -58.10
C ILE H 40 -37.77 2.31 -58.51
N VAL H 41 -36.79 3.07 -58.01
CA VAL H 41 -36.68 4.48 -58.37
C VAL H 41 -36.41 4.61 -59.87
N LEU H 42 -35.53 3.76 -60.41
CA LEU H 42 -35.22 3.80 -61.83
C LEU H 42 -36.48 3.57 -62.66
N TYR H 43 -37.27 2.58 -62.29
CA TYR H 43 -38.53 2.33 -63.00
C TYR H 43 -39.47 3.52 -62.87
N PHE H 44 -39.57 4.11 -61.67
CA PHE H 44 -40.46 5.23 -61.45
C PHE H 44 -40.03 6.48 -62.20
N LYS H 45 -38.77 6.57 -62.60
CA LYS H 45 -38.26 7.72 -63.32
C LYS H 45 -38.42 7.59 -64.83
N LEU H 46 -39.01 6.50 -65.31
CA LEU H 46 -39.11 6.27 -66.75
C LEU H 46 -40.20 7.11 -67.40
N ARG H 47 -41.33 7.31 -66.74
CA ARG H 47 -42.43 8.08 -67.31
C ARG H 47 -42.04 9.54 -67.48
N ALA I 19 -48.83 13.19 -32.27
CA ALA I 19 -48.00 13.26 -31.07
C ALA I 19 -48.05 11.95 -30.30
N GLY I 20 -48.78 10.97 -30.85
CA GLY I 20 -48.88 9.70 -30.16
C GLY I 20 -47.54 9.04 -29.95
N SER I 21 -46.65 9.19 -30.93
CA SER I 21 -45.31 8.63 -30.79
C SER I 21 -44.57 9.27 -29.62
N GLY I 22 -44.95 10.49 -29.23
CA GLY I 22 -44.35 11.15 -28.10
C GLY I 22 -44.49 10.32 -26.84
N ALA I 23 -45.74 10.17 -26.38
CA ALA I 23 -45.98 9.27 -25.26
C ALA I 23 -45.52 7.86 -25.58
N GLY I 24 -45.44 7.50 -26.86
CA GLY I 24 -44.91 6.19 -27.19
C GLY I 24 -43.49 6.00 -26.67
N ILE I 25 -42.57 6.84 -27.11
CA ILE I 25 -41.19 6.71 -26.63
C ILE I 25 -41.13 7.01 -25.14
N GLY I 26 -42.00 7.89 -24.64
CA GLY I 26 -42.02 8.08 -23.21
C GLY I 26 -42.20 6.77 -22.48
N THR I 27 -43.20 6.00 -22.92
CA THR I 27 -43.43 4.68 -22.35
C THR I 27 -42.25 3.74 -22.59
N VAL I 28 -41.69 3.76 -23.80
CA VAL I 28 -40.61 2.82 -24.10
C VAL I 28 -39.43 3.07 -23.18
N PHE I 29 -39.04 4.33 -23.03
CA PHE I 29 -37.87 4.61 -22.23
C PHE I 29 -38.16 4.55 -20.74
N GLY I 30 -39.42 4.71 -20.33
CA GLY I 30 -39.77 4.30 -18.99
C GLY I 30 -39.55 2.82 -18.78
N SER I 31 -40.00 2.01 -19.74
CA SER I 31 -39.77 0.58 -19.66
C SER I 31 -38.28 0.28 -19.61
N LEU I 32 -37.47 1.07 -20.32
CA LEU I 32 -36.04 0.82 -20.37
C LEU I 32 -35.34 1.24 -19.09
N ILE I 33 -35.74 2.34 -18.48
CA ILE I 33 -35.19 2.67 -17.17
C ILE I 33 -35.55 1.59 -16.16
N ILE I 34 -36.77 1.05 -16.24
CA ILE I 34 -37.12 -0.06 -15.38
C ILE I 34 -36.26 -1.28 -15.68
N GLY I 35 -36.05 -1.57 -16.96
CA GLY I 35 -35.20 -2.68 -17.32
C GLY I 35 -33.80 -2.54 -16.75
N TYR I 36 -33.23 -1.35 -16.86
CA TYR I 36 -31.96 -1.07 -16.21
C TYR I 36 -32.04 -1.35 -14.72
N ALA I 37 -33.11 -0.88 -14.08
CA ALA I 37 -33.29 -1.10 -12.66
C ALA I 37 -33.32 -2.59 -12.33
N ARG I 38 -33.76 -3.43 -13.27
CA ARG I 38 -33.80 -4.86 -13.01
C ARG I 38 -32.42 -5.49 -13.15
N ASN I 39 -31.75 -5.23 -14.27
CA ASN I 39 -30.44 -5.83 -14.58
C ASN I 39 -29.49 -4.72 -14.98
N PRO I 40 -28.89 -4.03 -14.01
CA PRO I 40 -27.95 -2.97 -14.35
C PRO I 40 -26.61 -3.50 -14.86
N SER I 41 -26.58 -4.78 -15.23
CA SER I 41 -25.43 -5.38 -15.90
C SER I 41 -25.78 -5.86 -17.31
N LEU I 42 -26.76 -5.24 -17.95
CA LEU I 42 -27.17 -5.67 -19.29
C LEU I 42 -27.44 -4.49 -20.20
N M3L I 43 -26.75 -3.39 -19.96
CA M3L I 43 -26.94 -2.19 -20.74
CB M3L I 43 -25.82 -1.17 -20.48
CG M3L I 43 -24.45 -1.79 -20.49
CD M3L I 43 -23.38 -0.75 -20.81
CE M3L I 43 -23.15 0.15 -19.60
NZ M3L I 43 -23.29 1.65 -19.76
C M3L I 43 -27.01 -2.41 -22.25
O M3L I 43 -27.80 -1.82 -22.99
CM1 M3L I 43 -22.79 2.36 -18.56
CM2 M3L I 43 -24.69 2.05 -20.02
CM3 M3L I 43 -22.44 2.06 -20.93
H M3L I 43 -26.07 -3.28 -19.24
HA M3L I 43 -27.93 -1.73 -20.43
HB2 M3L I 43 -26.02 -0.70 -19.47
HB3 M3L I 43 -25.89 -0.35 -21.25
HG2 M3L I 43 -24.38 -2.62 -21.23
HG3 M3L I 43 -24.23 -2.23 -19.48
HD2 M3L I 43 -23.72 -0.16 -21.70
HD3 M3L I 43 -22.43 -1.28 -21.11
HE2 M3L I 43 -22.11 -0.03 -19.21
HE3 M3L I 43 -23.88 -0.15 -18.79
HM11 M3L I 43 -22.92 3.47 -18.69
HM12 M3L I 43 -21.70 2.13 -18.41
HM13 M3L I 43 -23.37 2.03 -17.66
HM21 M3L I 43 -24.75 3.17 -20.10
HM22 M3L I 43 -25.35 1.69 -19.17
HM23 M3L I 43 -25.05 1.60 -20.99
HM31 M3L I 43 -22.18 3.15 -20.83
HM32 M3L I 43 -23.01 1.92 -21.89
HM33 M3L I 43 -21.51 1.44 -20.96
N GLN I 44 -26.17 -3.32 -22.73
CA GLN I 44 -26.02 -3.54 -24.17
C GLN I 44 -27.35 -3.91 -24.80
N GLN I 45 -27.92 -5.03 -24.37
CA GLN I 45 -29.23 -5.44 -24.87
C GLN I 45 -30.24 -4.33 -24.70
N LEU I 46 -30.11 -3.54 -23.62
CA LEU I 46 -31.05 -2.46 -23.36
C LEU I 46 -30.98 -1.39 -24.44
N PHE I 47 -29.77 -0.92 -24.78
CA PHE I 47 -29.62 -0.02 -25.91
C PHE I 47 -30.37 -0.55 -27.12
N SER I 48 -30.06 -1.78 -27.54
CA SER I 48 -30.59 -2.29 -28.78
C SER I 48 -32.12 -2.32 -28.76
N TYR I 49 -32.69 -2.86 -27.68
CA TYR I 49 -34.14 -2.95 -27.61
C TYR I 49 -34.78 -1.56 -27.62
N ALA I 50 -34.24 -0.64 -26.82
CA ALA I 50 -34.83 0.68 -26.74
C ALA I 50 -34.72 1.42 -28.06
N ILE I 51 -33.59 1.30 -28.73
CA ILE I 51 -33.46 1.98 -30.01
C ILE I 51 -34.42 1.39 -31.02
N LEU I 52 -34.68 0.08 -30.94
CA LEU I 52 -35.65 -0.50 -31.87
C LEU I 52 -37.05 0.04 -31.62
N GLY I 53 -37.47 0.06 -30.35
CA GLY I 53 -38.77 0.64 -30.04
C GLY I 53 -38.87 2.08 -30.47
N PHE I 54 -37.83 2.87 -30.17
CA PHE I 54 -37.83 4.26 -30.58
C PHE I 54 -37.85 4.39 -32.10
N ALA I 55 -37.18 3.48 -32.80
CA ALA I 55 -37.21 3.51 -34.26
C ALA I 55 -38.63 3.35 -34.76
N LEU I 56 -39.37 2.38 -34.21
CA LEU I 56 -40.75 2.20 -34.65
C LEU I 56 -41.61 3.41 -34.32
N SER I 57 -41.46 3.95 -33.10
CA SER I 57 -42.24 5.14 -32.74
C SER I 57 -41.96 6.30 -33.68
N GLU I 58 -40.67 6.59 -33.88
CA GLU I 58 -40.26 7.63 -34.81
C GLU I 58 -40.81 7.35 -36.20
N ALA I 59 -40.82 6.08 -36.60
CA ALA I 59 -41.39 5.73 -37.88
C ALA I 59 -42.81 6.24 -37.99
N MET I 60 -43.64 5.88 -37.00
CA MET I 60 -45.03 6.33 -37.03
C MET I 60 -45.12 7.85 -37.08
N GLY I 61 -44.39 8.52 -36.19
CA GLY I 61 -44.51 9.96 -36.07
C GLY I 61 -44.15 10.67 -37.35
N LEU I 62 -43.01 10.32 -37.94
CA LEU I 62 -42.63 11.02 -39.16
C LEU I 62 -43.27 10.44 -40.40
N PHE I 63 -43.95 9.29 -40.33
CA PHE I 63 -44.87 8.94 -41.40
C PHE I 63 -46.02 9.94 -41.45
N CYS I 64 -46.64 10.20 -40.29
CA CYS I 64 -47.73 11.16 -40.30
C CYS I 64 -47.21 12.54 -40.69
N LEU I 65 -46.03 12.91 -40.21
CA LEU I 65 -45.46 14.18 -40.64
C LEU I 65 -45.10 14.18 -42.12
N MET I 66 -44.75 13.04 -42.70
CA MET I 66 -44.43 12.98 -44.13
C MET I 66 -45.67 13.24 -44.96
N VAL I 67 -46.78 12.60 -44.61
CA VAL I 67 -48.01 12.92 -45.33
C VAL I 67 -48.37 14.37 -45.11
N ALA I 68 -48.06 14.92 -43.94
CA ALA I 68 -48.28 16.34 -43.71
C ALA I 68 -47.47 17.19 -44.69
N PHE I 69 -46.20 16.86 -44.88
CA PHE I 69 -45.39 17.59 -45.86
C PHE I 69 -45.98 17.48 -47.25
N LEU I 70 -46.33 16.27 -47.66
CA LEU I 70 -46.98 16.07 -48.95
C LEU I 70 -48.15 17.03 -49.12
N ILE I 71 -49.14 16.94 -48.23
CA ILE I 71 -50.35 17.73 -48.40
C ILE I 71 -50.05 19.21 -48.34
N LEU I 72 -49.08 19.62 -47.52
CA LEU I 72 -48.75 21.04 -47.43
C LEU I 72 -48.19 21.54 -48.75
N PHE I 73 -47.36 20.75 -49.41
CA PHE I 73 -46.78 21.21 -50.66
C PHE I 73 -47.76 21.01 -51.82
N ALA I 74 -48.14 19.77 -52.08
CA ALA I 74 -49.08 19.45 -53.16
C ALA I 74 -50.50 19.71 -52.66
N MET I 75 -51.50 19.16 -53.35
CA MET I 75 -52.89 19.28 -52.94
C MET I 75 -53.08 19.20 -51.42
N VAL J 18 -50.00 18.22 -29.06
CA VAL J 18 -48.66 18.29 -28.48
C VAL J 18 -48.64 17.62 -27.11
N ALA J 19 -49.75 17.70 -26.39
CA ALA J 19 -49.79 17.21 -25.01
C ALA J 19 -49.21 15.82 -24.88
N GLY J 20 -49.21 15.06 -25.98
CA GLY J 20 -48.58 13.75 -25.95
C GLY J 20 -47.13 13.81 -25.51
N SER J 21 -46.46 14.93 -25.80
CA SER J 21 -45.14 15.15 -25.25
C SER J 21 -45.21 15.19 -23.72
N GLY J 22 -46.21 15.88 -23.18
CA GLY J 22 -46.41 15.91 -21.75
C GLY J 22 -46.60 14.52 -21.20
N ALA J 23 -47.40 13.72 -21.89
CA ALA J 23 -47.64 12.35 -21.45
C ALA J 23 -46.37 11.53 -21.45
N GLY J 24 -45.58 11.63 -22.51
CA GLY J 24 -44.35 10.89 -22.60
C GLY J 24 -43.36 11.25 -21.51
N ILE J 25 -43.19 12.56 -21.27
CA ILE J 25 -42.23 12.99 -20.27
C ILE J 25 -42.71 12.58 -18.87
N GLY J 26 -44.01 12.73 -18.61
CA GLY J 26 -44.53 12.25 -17.35
C GLY J 26 -44.29 10.77 -17.19
N THR J 27 -44.41 10.02 -18.28
CA THR J 27 -44.19 8.58 -18.22
C THR J 27 -42.76 8.26 -17.85
N VAL J 28 -41.80 8.87 -18.54
CA VAL J 28 -40.41 8.55 -18.27
C VAL J 28 -40.04 8.99 -16.85
N PHE J 29 -40.60 10.10 -16.40
CA PHE J 29 -40.28 10.55 -15.04
C PHE J 29 -40.90 9.64 -13.99
N GLY J 30 -42.12 9.18 -14.20
CA GLY J 30 -42.67 8.18 -13.31
C GLY J 30 -41.80 6.93 -13.29
N SER J 31 -41.32 6.54 -14.46
CA SER J 31 -40.47 5.34 -14.53
C SER J 31 -39.16 5.57 -13.80
N LEU J 32 -38.63 6.79 -13.84
CA LEU J 32 -37.49 7.12 -13.00
C LEU J 32 -37.85 6.97 -11.54
N ILE J 33 -39.04 7.44 -11.17
CA ILE J 33 -39.47 7.36 -9.77
C ILE J 33 -39.42 5.91 -9.30
N ILE J 34 -40.03 5.01 -10.08
CA ILE J 34 -39.92 3.59 -9.73
C ILE J 34 -38.45 3.15 -9.70
N GLY J 35 -37.79 3.23 -10.85
CA GLY J 35 -36.47 2.63 -10.99
C GLY J 35 -35.44 3.16 -10.02
N TYR J 36 -35.71 4.29 -9.38
CA TYR J 36 -34.82 4.82 -8.37
C TYR J 36 -35.28 4.56 -6.95
N ALA J 37 -36.59 4.61 -6.69
CA ALA J 37 -37.08 4.31 -5.36
C ALA J 37 -36.82 2.85 -5.00
N ARG J 38 -37.11 1.94 -5.94
CA ARG J 38 -36.92 0.51 -5.71
C ARG J 38 -35.46 0.10 -5.83
N ASN J 39 -34.58 1.01 -6.23
CA ASN J 39 -33.16 0.71 -6.30
C ASN J 39 -32.35 2.00 -6.18
N PRO J 40 -32.30 2.62 -5.00
CA PRO J 40 -31.51 3.86 -4.86
C PRO J 40 -30.05 3.67 -5.19
N SER J 41 -29.56 2.44 -5.23
CA SER J 41 -28.15 2.16 -5.48
C SER J 41 -27.75 2.38 -6.92
N LEU J 42 -28.57 3.06 -7.71
CA LEU J 42 -28.19 3.37 -9.06
C LEU J 42 -28.90 4.64 -9.52
N M3L J 43 -28.13 5.62 -9.96
CA M3L J 43 -28.65 6.91 -10.30
CB M3L J 43 -28.39 7.93 -9.18
CG M3L J 43 -29.34 7.74 -8.03
CD M3L J 43 -28.93 8.63 -6.87
CE M3L J 43 -29.38 10.05 -7.16
NZ M3L J 43 -29.37 11.03 -6.00
C M3L J 43 -28.07 7.49 -11.56
O M3L J 43 -28.71 7.66 -12.59
CM1 M3L J 43 -28.10 10.90 -5.22
CM2 M3L J 43 -30.54 10.82 -5.11
CM3 M3L J 43 -29.43 12.41 -6.56
HA M3L J 43 -29.77 6.82 -10.46
HB2 M3L J 43 -28.52 8.96 -9.62
HB3 M3L J 43 -27.34 7.84 -8.83
HG2 M3L J 43 -29.33 6.66 -7.70
HG3 M3L J 43 -30.39 7.97 -8.34
HD2 M3L J 43 -27.82 8.59 -6.76
HD3 M3L J 43 -29.38 8.24 -5.93
HE2 M3L J 43 -30.45 10.04 -7.54
HE3 M3L J 43 -28.72 10.49 -7.96
HM11 M3L J 43 -27.95 11.81 -4.59
HM12 M3L J 43 -27.24 10.79 -5.94
HM13 M3L J 43 -28.16 9.99 -4.57
HM21 M3L J 43 -30.49 11.56 -4.25
HM22 M3L J 43 -30.54 9.79 -4.71
HM23 M3L J 43 -31.49 11.01 -5.69
HM31 M3L J 43 -30.09 13.05 -5.92
HM32 M3L J 43 -29.83 12.37 -7.62
HM33 M3L J 43 -28.39 12.85 -6.58
N GLN J 44 -26.79 7.82 -11.45
CA GLN J 44 -26.05 8.50 -12.51
C GLN J 44 -26.41 7.93 -13.86
N GLN J 45 -26.63 6.62 -13.93
CA GLN J 45 -27.14 6.03 -15.17
C GLN J 45 -28.62 6.33 -15.35
N LEU J 46 -29.39 6.23 -14.27
CA LEU J 46 -30.83 6.40 -14.37
C LEU J 46 -31.19 7.80 -14.86
N PHE J 47 -30.54 8.82 -14.30
CA PHE J 47 -30.86 10.18 -14.75
C PHE J 47 -30.39 10.42 -16.17
N SER J 48 -29.25 9.86 -16.54
CA SER J 48 -28.82 9.94 -17.93
C SER J 48 -29.91 9.42 -18.85
N TYR J 49 -30.40 8.21 -18.55
CA TYR J 49 -31.41 7.60 -19.42
C TYR J 49 -32.72 8.38 -19.38
N ALA J 50 -33.12 8.84 -18.20
CA ALA J 50 -34.36 9.60 -18.08
C ALA J 50 -34.30 10.87 -18.91
N ILE J 51 -33.19 11.60 -18.80
CA ILE J 51 -33.04 12.81 -19.58
C ILE J 51 -32.99 12.49 -21.06
N LEU J 52 -32.39 11.38 -21.44
CA LEU J 52 -32.39 11.01 -22.86
C LEU J 52 -33.81 10.85 -23.37
N GLY J 53 -34.61 10.05 -22.66
CA GLY J 53 -35.99 9.85 -23.10
C GLY J 53 -36.78 11.13 -23.14
N PHE J 54 -36.67 11.93 -22.07
CA PHE J 54 -37.29 13.24 -22.04
C PHE J 54 -36.90 14.05 -23.27
N ALA J 55 -35.62 14.05 -23.58
CA ALA J 55 -35.13 14.79 -24.73
C ALA J 55 -35.86 14.38 -25.99
N LEU J 56 -35.89 13.08 -26.27
CA LEU J 56 -36.46 12.63 -27.53
C LEU J 56 -37.95 12.97 -27.62
N SER J 57 -38.67 12.72 -26.54
CA SER J 57 -40.11 12.97 -26.56
C SER J 57 -40.40 14.44 -26.79
N GLU J 58 -39.78 15.31 -26.00
CA GLU J 58 -39.91 16.74 -26.23
C GLU J 58 -39.50 17.09 -27.66
N ALA J 59 -38.48 16.41 -28.19
CA ALA J 59 -37.94 16.77 -29.49
C ALA J 59 -38.99 16.64 -30.57
N MET J 60 -39.67 15.51 -30.61
CA MET J 60 -40.66 15.35 -31.69
C MET J 60 -42.02 15.97 -31.37
N GLY J 61 -42.38 16.12 -30.10
CA GLY J 61 -43.48 17.02 -29.80
C GLY J 61 -43.20 18.41 -30.35
N LEU J 62 -41.97 18.86 -30.21
CA LEU J 62 -41.62 20.16 -30.75
C LEU J 62 -41.39 20.11 -32.26
N PHE J 63 -41.20 18.93 -32.83
CA PHE J 63 -41.33 18.79 -34.28
C PHE J 63 -42.69 19.27 -34.73
N CYS J 64 -43.74 18.72 -34.11
CA CYS J 64 -45.09 19.13 -34.53
C CYS J 64 -45.34 20.60 -34.18
N LEU J 65 -44.75 21.08 -33.08
CA LEU J 65 -44.75 22.53 -32.87
C LEU J 65 -44.12 23.27 -34.05
N MET J 66 -42.99 22.78 -34.54
CA MET J 66 -42.26 23.49 -35.57
C MET J 66 -43.11 23.59 -36.82
N VAL J 67 -43.81 22.51 -37.17
CA VAL J 67 -44.73 22.59 -38.29
C VAL J 67 -45.83 23.59 -38.00
N ALA J 68 -46.33 23.63 -36.77
CA ALA J 68 -47.36 24.60 -36.43
C ALA J 68 -46.89 26.02 -36.73
N PHE J 69 -45.70 26.36 -36.27
CA PHE J 69 -45.15 27.67 -36.58
C PHE J 69 -44.98 27.86 -38.08
N LEU J 70 -44.47 26.85 -38.76
CA LEU J 70 -44.31 26.95 -40.21
C LEU J 70 -45.61 27.37 -40.88
N ILE J 71 -46.73 26.78 -40.47
CA ILE J 71 -47.99 27.18 -41.09
C ILE J 71 -48.39 28.57 -40.65
N LEU J 72 -48.16 28.92 -39.39
CA LEU J 72 -48.77 30.14 -38.86
C LEU J 72 -48.13 31.39 -39.46
N PHE J 73 -46.84 31.61 -39.18
CA PHE J 73 -46.19 32.86 -39.55
C PHE J 73 -45.62 32.78 -40.96
N ALA J 74 -44.70 31.84 -41.21
CA ALA J 74 -44.53 31.38 -42.57
C ALA J 74 -45.79 30.66 -43.01
N MET J 75 -45.88 30.34 -44.29
CA MET J 75 -47.05 29.61 -44.78
C MET J 75 -46.66 28.18 -45.13
N GLN K 44 -37.09 12.84 0.32
CA GLN K 44 -37.26 14.21 -0.13
C GLN K 44 -36.75 14.37 -1.56
N GLN K 45 -35.86 13.48 -1.98
CA GLN K 45 -35.43 13.50 -3.38
C GLN K 45 -36.51 12.98 -4.30
N LEU K 46 -37.26 11.97 -3.85
CA LEU K 46 -38.43 11.55 -4.59
C LEU K 46 -39.33 12.74 -4.87
N PHE K 47 -39.60 13.54 -3.84
CA PHE K 47 -40.44 14.72 -4.03
C PHE K 47 -39.77 15.74 -4.95
N SER K 48 -38.44 15.85 -4.90
CA SER K 48 -37.77 16.77 -5.80
C SER K 48 -37.99 16.37 -7.26
N TYR K 49 -37.89 15.09 -7.56
CA TYR K 49 -38.09 14.65 -8.93
C TYR K 49 -39.56 14.71 -9.32
N ALA K 50 -40.45 14.50 -8.35
CA ALA K 50 -41.85 14.80 -8.58
C ALA K 50 -42.01 16.25 -9.02
N ILE K 51 -41.35 17.17 -8.30
CA ILE K 51 -41.38 18.57 -8.69
C ILE K 51 -40.91 18.73 -10.12
N LEU K 52 -39.77 18.12 -10.45
CA LEU K 52 -39.19 18.34 -11.77
C LEU K 52 -40.14 17.89 -12.87
N GLY K 53 -40.63 16.64 -12.77
CA GLY K 53 -41.52 16.14 -13.81
C GLY K 53 -42.83 16.87 -13.85
N PHE K 54 -43.43 17.10 -12.68
CA PHE K 54 -44.69 17.83 -12.62
C PHE K 54 -44.53 19.18 -13.29
N ALA K 55 -43.46 19.91 -12.96
CA ALA K 55 -43.21 21.21 -13.53
C ALA K 55 -43.08 21.12 -15.04
N LEU K 56 -42.23 20.22 -15.53
CA LEU K 56 -42.03 20.12 -16.97
C LEU K 56 -43.37 19.94 -17.67
N SER K 57 -44.16 18.96 -17.23
CA SER K 57 -45.41 18.66 -17.93
C SER K 57 -46.41 19.80 -17.81
N GLU K 58 -46.62 20.30 -16.60
CA GLU K 58 -47.62 21.34 -16.38
C GLU K 58 -47.25 22.60 -17.13
N ALA K 59 -45.96 22.92 -17.19
CA ALA K 59 -45.53 24.11 -17.91
C ALA K 59 -45.59 23.91 -19.42
N MET K 60 -45.46 22.68 -19.91
CA MET K 60 -45.70 22.47 -21.34
C MET K 60 -47.17 22.67 -21.67
N GLY K 61 -48.06 22.19 -20.79
CA GLY K 61 -49.47 22.54 -20.95
C GLY K 61 -49.67 24.04 -20.92
N LEU K 62 -48.94 24.74 -20.04
CA LEU K 62 -49.00 26.18 -20.00
C LEU K 62 -48.55 26.79 -21.32
N PHE K 63 -47.52 26.22 -21.92
CA PHE K 63 -47.07 26.69 -23.22
C PHE K 63 -48.18 26.56 -24.26
N CYS K 64 -48.82 25.39 -24.30
CA CYS K 64 -49.88 25.20 -25.29
C CYS K 64 -50.96 26.24 -25.08
N LEU K 65 -51.33 26.47 -23.81
CA LEU K 65 -52.29 27.52 -23.50
C LEU K 65 -51.81 28.88 -23.99
N MET K 66 -50.51 29.15 -23.85
CA MET K 66 -49.96 30.43 -24.30
C MET K 66 -50.11 30.58 -25.81
N VAL K 67 -49.73 29.56 -26.56
CA VAL K 67 -49.81 29.68 -28.01
C VAL K 67 -51.25 29.88 -28.43
N ALA K 68 -52.19 29.24 -27.73
CA ALA K 68 -53.60 29.52 -27.98
C ALA K 68 -53.91 30.98 -27.72
N PHE K 69 -53.55 31.48 -26.54
CA PHE K 69 -53.84 32.86 -26.18
C PHE K 69 -53.26 33.84 -27.17
N LEU K 70 -52.12 33.51 -27.76
CA LEU K 70 -51.49 34.42 -28.70
C LEU K 70 -52.42 34.73 -29.86
N ILE K 71 -52.97 33.68 -30.49
CA ILE K 71 -53.87 33.89 -31.61
C ILE K 71 -55.20 34.45 -31.13
N LEU K 72 -55.74 33.91 -30.05
CA LEU K 72 -57.05 34.34 -29.59
C LEU K 72 -57.04 35.83 -29.26
N PHE K 73 -56.25 36.22 -28.25
CA PHE K 73 -56.09 37.64 -27.97
C PHE K 73 -55.53 38.40 -29.17
N ALA K 74 -54.77 37.74 -30.03
CA ALA K 74 -54.13 38.41 -31.15
C ALA K 74 -53.80 37.44 -32.27
N PRO L 1 8.36 30.08 -10.29
CA PRO L 1 8.39 31.20 -11.23
C PRO L 1 7.29 32.22 -11.01
N VAL L 2 6.03 31.81 -11.15
CA VAL L 2 4.92 32.76 -11.13
C VAL L 2 4.84 33.42 -9.76
N PRO L 3 4.42 34.68 -9.67
CA PRO L 3 4.27 35.31 -8.37
C PRO L 3 3.18 34.63 -7.56
N PRO L 4 2.87 35.13 -6.38
CA PRO L 4 1.76 34.57 -5.61
C PRO L 4 0.44 35.13 -6.06
N LEU L 5 -0.57 34.28 -6.02
CA LEU L 5 -1.93 34.73 -6.28
C LEU L 5 -2.33 35.72 -5.18
N PRO L 6 -2.72 36.94 -5.51
CA PRO L 6 -3.22 37.84 -4.47
C PRO L 6 -4.31 37.19 -3.64
N GLU L 7 -4.66 37.81 -2.51
CA GLU L 7 -5.68 37.26 -1.64
C GLU L 7 -7.04 37.89 -1.85
N HIS L 8 -7.08 39.13 -2.33
CA HIS L 8 -8.33 39.80 -2.65
C HIS L 8 -8.11 40.76 -3.80
N GLY L 9 -9.20 41.05 -4.51
CA GLY L 9 -9.21 42.06 -5.55
C GLY L 9 -10.12 43.20 -5.13
N GLY L 10 -10.00 44.32 -5.86
CA GLY L 10 -10.75 45.51 -5.52
C GLY L 10 -12.16 45.21 -5.05
N LYS L 11 -12.51 45.71 -3.88
CA LYS L 11 -13.84 45.45 -3.34
C LYS L 11 -14.89 46.13 -4.19
N VAL L 12 -16.11 45.61 -4.10
CA VAL L 12 -17.20 46.01 -4.98
C VAL L 12 -18.45 46.19 -4.14
N ARG L 13 -19.29 47.13 -4.53
CA ARG L 13 -20.56 47.37 -3.86
C ARG L 13 -21.66 46.68 -4.66
N PHE L 14 -22.40 45.79 -4.01
CA PHE L 14 -23.44 44.98 -4.62
C PHE L 14 -22.88 43.93 -5.56
N GLY L 15 -21.57 43.84 -5.70
CA GLY L 15 -20.99 43.04 -6.75
C GLY L 15 -21.09 43.66 -8.13
N LEU L 16 -21.35 44.97 -8.20
CA LEU L 16 -21.46 45.65 -9.48
C LEU L 16 -20.42 46.75 -9.65
N ILE L 17 -20.38 47.74 -8.78
CA ILE L 17 -19.48 48.89 -8.92
C ILE L 17 -18.33 48.73 -7.93
N PRO L 18 -17.08 48.85 -8.35
CA PRO L 18 -15.97 48.80 -7.40
C PRO L 18 -16.05 49.97 -6.44
N GLU L 19 -15.59 49.74 -5.21
CA GLU L 19 -15.64 50.81 -4.21
C GLU L 19 -14.68 51.94 -4.54
N GLU L 20 -13.78 51.77 -5.51
CA GLU L 20 -12.95 52.88 -5.93
C GLU L 20 -13.80 54.06 -6.39
N PHE L 21 -14.97 53.78 -6.96
CA PHE L 21 -15.89 54.85 -7.29
C PHE L 21 -16.38 55.56 -6.04
N PHE L 22 -16.67 54.79 -4.99
CA PHE L 22 -17.08 55.40 -3.74
C PHE L 22 -15.97 56.29 -3.17
N GLN L 23 -14.73 55.84 -3.25
CA GLN L 23 -13.62 56.67 -2.79
C GLN L 23 -13.35 57.84 -3.73
N PHE L 24 -13.74 57.74 -5.00
CA PHE L 24 -13.61 58.85 -5.92
C PHE L 24 -14.66 59.91 -5.66
N LEU L 25 -15.80 59.52 -5.11
CA LEU L 25 -16.84 60.49 -4.77
C LEU L 25 -16.80 60.94 -3.33
N TYR L 26 -16.08 60.23 -2.46
CA TYR L 26 -15.96 60.66 -1.07
C TYR L 26 -15.48 62.09 -0.92
N PRO L 27 -14.40 62.52 -1.59
CA PRO L 27 -13.86 63.84 -1.31
C PRO L 27 -14.85 64.95 -1.54
N LYS L 28 -15.71 64.80 -2.56
CA LYS L 28 -16.64 65.84 -2.94
C LYS L 28 -18.07 65.57 -2.52
N THR L 29 -18.39 64.34 -2.12
CA THR L 29 -19.74 64.01 -1.69
C THR L 29 -19.78 63.10 -0.48
N GLY L 30 -18.63 62.64 0.02
CA GLY L 30 -18.66 61.76 1.17
C GLY L 30 -19.47 60.51 0.90
N VAL L 31 -20.43 60.23 1.80
CA VAL L 31 -21.20 58.99 1.74
C VAL L 31 -22.51 59.14 0.98
N THR L 32 -22.66 60.19 0.17
CA THR L 32 -23.93 60.48 -0.49
C THR L 32 -23.83 60.55 -2.00
N GLY L 33 -22.63 60.75 -2.55
CA GLY L 33 -22.47 60.98 -3.96
C GLY L 33 -23.05 59.88 -4.83
N PRO L 34 -22.46 58.69 -4.78
CA PRO L 34 -22.87 57.64 -5.74
C PRO L 34 -24.34 57.31 -5.69
N TYR L 35 -24.93 57.28 -4.50
CA TYR L 35 -26.35 56.97 -4.40
C TYR L 35 -27.19 58.03 -5.08
N VAL L 36 -26.88 59.29 -4.82
CA VAL L 36 -27.61 60.40 -5.42
C VAL L 36 -27.46 60.35 -6.94
N LEU L 37 -26.25 60.12 -7.41
CA LEU L 37 -26.03 60.01 -8.85
C LEU L 37 -26.88 58.90 -9.43
N GLY L 38 -26.87 57.73 -8.81
CA GLY L 38 -27.58 56.60 -9.39
C GLY L 38 -29.06 56.88 -9.47
N THR L 39 -29.64 57.40 -8.38
CA THR L 39 -31.07 57.70 -8.38
C THR L 39 -31.39 58.78 -9.41
N GLY L 40 -30.53 59.78 -9.53
CA GLY L 40 -30.68 60.77 -10.58
C GLY L 40 -30.79 60.08 -11.92
N LEU L 41 -29.69 59.46 -12.35
CA LEU L 41 -29.69 58.72 -13.62
C LEU L 41 -30.96 57.92 -13.83
N ILE L 42 -31.39 57.15 -12.84
CA ILE L 42 -32.56 56.30 -13.06
C ILE L 42 -33.78 57.16 -13.34
N LEU L 43 -34.00 58.18 -12.49
CA LEU L 43 -35.20 59.00 -12.65
C LEU L 43 -35.17 59.75 -13.97
N TYR L 44 -34.01 60.27 -14.36
CA TYR L 44 -33.89 60.95 -15.63
C TYR L 44 -34.18 59.99 -16.78
N LEU L 45 -33.50 58.84 -16.78
CA LEU L 45 -33.66 57.90 -17.89
C LEU L 45 -35.10 57.50 -18.05
N LEU L 46 -35.81 57.28 -16.93
CA LEU L 46 -37.22 56.94 -17.04
C LEU L 46 -38.03 58.12 -17.55
N SER L 47 -37.83 59.29 -16.97
CA SER L 47 -38.61 60.46 -17.33
C SER L 47 -38.38 60.84 -18.78
N LYS L 48 -37.17 61.27 -19.12
CA LYS L 48 -36.86 61.47 -20.52
C LYS L 48 -37.01 60.17 -21.28
N GLU L 49 -37.04 59.05 -20.55
CA GLU L 49 -37.59 57.81 -21.07
C GLU L 49 -36.70 57.29 -22.21
N ILE L 50 -35.39 57.37 -21.99
CA ILE L 50 -34.47 56.66 -22.86
C ILE L 50 -34.53 55.17 -22.57
N TYR L 51 -34.88 54.80 -21.35
CA TYR L 51 -35.15 53.41 -21.01
C TYR L 51 -36.67 53.21 -21.04
N VAL L 52 -37.11 52.28 -21.87
CA VAL L 52 -38.54 52.07 -22.11
C VAL L 52 -39.00 50.87 -21.31
N ILE L 53 -40.01 51.09 -20.46
CA ILE L 53 -40.61 49.99 -19.71
C ILE L 53 -41.37 49.10 -20.68
N THR L 54 -41.14 47.80 -20.61
CA THR L 54 -41.60 46.89 -21.64
C THR L 54 -41.79 45.51 -21.01
N PRO L 55 -42.31 44.55 -21.77
CA PRO L 55 -42.36 43.17 -21.25
C PRO L 55 -40.99 42.69 -20.82
N GLU L 56 -40.00 43.00 -21.64
CA GLU L 56 -38.64 42.57 -21.36
C GLU L 56 -38.15 43.17 -20.06
N THR L 57 -38.69 44.31 -19.64
CA THR L 57 -38.33 44.84 -18.33
C THR L 57 -38.74 43.88 -17.23
N PHE L 58 -39.97 43.37 -17.29
CA PHE L 58 -40.43 42.44 -16.28
C PHE L 58 -39.64 41.14 -16.34
N SER L 59 -39.35 40.65 -17.55
CA SER L 59 -38.53 39.45 -17.66
C SER L 59 -37.15 39.67 -17.05
N ALA L 60 -36.54 40.83 -17.34
CA ALA L 60 -35.22 41.12 -16.83
C ALA L 60 -35.20 41.17 -15.32
N ILE L 61 -36.16 41.90 -14.74
CA ILE L 61 -36.19 42.01 -13.28
C ILE L 61 -36.38 40.62 -12.68
N SER L 62 -37.22 39.79 -13.30
CA SER L 62 -37.41 38.44 -12.78
C SER L 62 -36.10 37.66 -12.81
N THR L 63 -35.39 37.68 -13.93
CA THR L 63 -34.17 36.89 -14.05
C THR L 63 -33.10 37.39 -13.10
N ILE L 64 -32.93 38.69 -12.99
CA ILE L 64 -31.91 39.23 -12.10
C ILE L 64 -32.27 38.95 -10.65
N GLY L 65 -33.56 39.05 -10.31
CA GLY L 65 -33.97 38.66 -8.97
C GLY L 65 -33.59 37.23 -8.66
N PHE L 66 -33.86 36.32 -9.60
CA PHE L 66 -33.42 34.95 -9.40
C PHE L 66 -31.92 34.84 -9.23
N LEU L 67 -31.14 35.51 -10.07
CA LEU L 67 -29.71 35.31 -9.97
C LEU L 67 -29.19 35.81 -8.63
N VAL L 68 -29.68 36.96 -8.17
CA VAL L 68 -29.25 37.47 -6.87
C VAL L 68 -29.68 36.50 -5.77
N TYR L 69 -30.88 35.93 -5.89
CA TYR L 69 -31.34 34.97 -4.90
C TYR L 69 -30.40 33.77 -4.83
N ILE L 70 -30.11 33.16 -5.98
CA ILE L 70 -29.33 31.94 -5.99
C ILE L 70 -27.92 32.21 -5.49
N VAL L 71 -27.34 33.35 -5.85
CA VAL L 71 -25.98 33.62 -5.39
C VAL L 71 -25.99 33.90 -3.89
N LYS L 72 -26.93 34.71 -3.41
CA LYS L 72 -27.03 34.95 -1.99
C LYS L 72 -27.20 33.66 -1.21
N LYS L 73 -27.77 32.65 -1.84
CA LYS L 73 -27.98 31.38 -1.15
C LYS L 73 -26.83 30.39 -1.29
N TYR L 74 -26.02 30.46 -2.35
CA TYR L 74 -25.03 29.43 -2.61
C TYR L 74 -23.59 29.92 -2.79
N GLY L 75 -23.32 31.22 -2.68
CA GLY L 75 -21.98 31.72 -2.99
C GLY L 75 -20.94 31.19 -2.03
N ALA L 76 -21.24 31.22 -0.73
CA ALA L 76 -20.27 30.73 0.24
C ALA L 76 -20.01 29.24 0.06
N SER L 77 -21.06 28.46 -0.22
CA SER L 77 -20.87 27.03 -0.39
C SER L 77 -20.00 26.73 -1.61
N VAL L 78 -20.24 27.42 -2.72
CA VAL L 78 -19.41 27.18 -3.90
C VAL L 78 -17.97 27.63 -3.63
N GLY L 79 -17.81 28.74 -2.91
CA GLY L 79 -16.47 29.16 -2.54
C GLY L 79 -15.73 28.11 -1.74
N GLU L 80 -16.42 27.53 -0.75
CA GLU L 80 -15.82 26.49 0.05
C GLU L 80 -15.48 25.28 -0.80
N PHE L 81 -16.34 24.92 -1.75
CA PHE L 81 -16.04 23.82 -2.64
C PHE L 81 -14.74 24.07 -3.39
N ALA L 82 -14.60 25.26 -3.97
CA ALA L 82 -13.39 25.58 -4.73
C ALA L 82 -12.16 25.52 -3.82
N ASP L 83 -12.25 26.14 -2.66
CA ASP L 83 -11.16 26.05 -1.71
C ASP L 83 -10.79 24.59 -1.48
N LYS L 84 -11.75 23.82 -0.96
CA LYS L 84 -11.46 22.42 -0.63
C LYS L 84 -10.79 21.72 -1.78
N LEU L 85 -11.20 22.01 -3.02
CA LEU L 85 -10.47 21.45 -4.15
C LEU L 85 -9.00 21.80 -4.07
N ASN L 86 -8.71 23.09 -3.84
CA ASN L 86 -7.31 23.52 -3.79
C ASN L 86 -6.54 22.82 -2.68
N GLU L 87 -7.10 22.82 -1.48
CA GLU L 87 -6.39 22.17 -0.37
C GLU L 87 -6.24 20.67 -0.61
N GLN L 88 -7.25 20.00 -1.13
CA GLN L 88 -7.09 18.58 -1.42
C GLN L 88 -5.92 18.34 -2.36
N LYS L 89 -5.86 19.04 -3.49
CA LYS L 89 -4.79 18.72 -4.43
C LYS L 89 -3.42 19.08 -3.85
N ILE L 90 -3.31 20.25 -3.20
CA ILE L 90 -2.00 20.65 -2.67
C ILE L 90 -1.58 19.68 -1.57
N ALA L 91 -2.50 19.31 -0.69
CA ALA L 91 -2.19 18.39 0.39
C ALA L 91 -1.74 17.04 -0.15
N GLN L 92 -2.44 16.52 -1.14
CA GLN L 92 -2.02 15.26 -1.72
C GLN L 92 -0.60 15.36 -2.27
N LEU L 93 -0.31 16.46 -2.96
CA LEU L 93 1.03 16.60 -3.52
C LEU L 93 2.09 16.63 -2.44
N GLU L 94 1.89 17.44 -1.40
CA GLU L 94 2.91 17.52 -0.36
C GLU L 94 3.05 16.19 0.39
N GLU L 95 1.95 15.45 0.54
CA GLU L 95 2.06 14.14 1.18
C GLU L 95 2.91 13.19 0.35
N VAL L 96 2.69 13.15 -0.97
CA VAL L 96 3.54 12.28 -1.77
C VAL L 96 4.98 12.74 -1.69
N LYS L 97 5.20 14.05 -1.54
CA LYS L 97 6.56 14.53 -1.35
C LYS L 97 7.16 13.94 -0.08
N GLN L 98 6.42 14.00 1.03
CA GLN L 98 6.92 13.48 2.29
C GLN L 98 7.25 12.00 2.17
N ALA L 99 6.34 11.23 1.58
CA ALA L 99 6.58 9.80 1.42
C ALA L 99 7.82 9.55 0.59
N SER L 100 8.00 10.30 -0.50
CA SER L 100 9.17 10.07 -1.35
C SER L 100 10.45 10.38 -0.60
N ILE L 101 10.48 11.46 0.17
CA ILE L 101 11.71 11.80 0.88
C ILE L 101 12.00 10.77 1.95
N LYS L 102 10.97 10.25 2.60
CA LYS L 102 11.19 9.14 3.52
C LYS L 102 11.81 7.96 2.77
N GLN L 103 11.31 7.67 1.58
CA GLN L 103 11.87 6.58 0.80
C GLN L 103 13.36 6.81 0.55
N ILE L 104 13.73 8.02 0.15
CA ILE L 104 15.11 8.27 -0.22
C ILE L 104 16.00 8.23 1.02
N GLN L 105 15.51 8.76 2.13
CA GLN L 105 16.26 8.70 3.39
C GLN L 105 16.51 7.27 3.82
N ASP L 106 15.48 6.42 3.71
CA ASP L 106 15.65 5.02 4.05
C ASP L 106 16.66 4.36 3.12
N ALA L 107 16.64 4.72 1.84
CA ALA L 107 17.63 4.16 0.92
C ALA L 107 19.04 4.53 1.37
N ILE L 108 19.23 5.80 1.75
CA ILE L 108 20.54 6.24 2.20
C ILE L 108 20.98 5.44 3.42
N ASP L 109 20.09 5.29 4.39
CA ASP L 109 20.45 4.58 5.61
C ASP L 109 20.74 3.12 5.33
N MET L 110 19.97 2.50 4.43
CA MET L 110 20.25 1.14 4.04
C MET L 110 21.64 1.03 3.43
N GLU L 111 22.02 2.00 2.61
CA GLU L 111 23.37 1.97 2.06
C GLU L 111 24.43 2.06 3.15
N LYS L 112 24.24 2.96 4.12
CA LYS L 112 25.21 3.05 5.20
C LYS L 112 25.33 1.72 5.95
N SER L 113 24.20 1.14 6.32
CA SER L 113 24.24 -0.10 7.08
C SER L 113 24.86 -1.22 6.27
N GLN L 114 24.56 -1.29 4.98
CA GLN L 114 25.15 -2.32 4.15
C GLN L 114 26.67 -2.16 4.09
N GLN L 115 27.14 -0.91 3.99
CA GLN L 115 28.58 -0.69 4.00
C GLN L 115 29.20 -1.13 5.33
N ALA L 116 28.52 -0.83 6.43
CA ALA L 116 29.02 -1.30 7.73
C ALA L 116 29.17 -2.82 7.72
N LEU L 117 28.11 -3.53 7.34
CA LEU L 117 28.21 -4.99 7.26
C LEU L 117 29.41 -5.41 6.43
N VAL L 118 29.60 -4.77 5.29
CA VAL L 118 30.78 -5.05 4.48
C VAL L 118 32.04 -4.89 5.31
N GLN L 119 32.05 -3.93 6.23
CA GLN L 119 33.23 -3.75 7.07
C GLN L 119 33.58 -5.04 7.81
N LYS L 120 32.60 -5.66 8.47
CA LYS L 120 32.82 -6.89 9.23
C LYS L 120 32.87 -8.12 8.34
N ARG L 121 32.73 -7.93 7.03
CA ARG L 121 32.81 -9.06 6.10
C ARG L 121 33.92 -10.06 6.41
N HIS L 122 35.03 -9.62 7.02
CA HIS L 122 36.22 -10.46 7.07
C HIS L 122 36.04 -11.72 7.93
N TYR L 123 35.01 -11.75 8.76
CA TYR L 123 34.95 -12.77 9.80
C TYR L 123 34.93 -14.17 9.21
N LEU L 124 34.17 -14.37 8.14
CA LEU L 124 34.08 -15.70 7.54
C LEU L 124 35.44 -16.20 7.07
N PHE L 125 36.14 -15.36 6.32
CA PHE L 125 37.45 -15.75 5.82
C PHE L 125 38.37 -16.07 6.97
N ASP L 126 38.20 -15.38 8.10
CA ASP L 126 39.04 -15.69 9.25
C ASP L 126 38.66 -17.02 9.89
N VAL L 127 37.36 -17.28 10.01
CA VAL L 127 36.90 -18.51 10.65
C VAL L 127 37.42 -19.72 9.88
N GLN L 128 37.42 -19.62 8.56
CA GLN L 128 37.87 -20.75 7.76
C GLN L 128 39.32 -21.12 8.13
N ARG L 129 40.20 -20.12 8.21
CA ARG L 129 41.58 -20.41 8.59
C ARG L 129 41.65 -20.89 10.03
N ASN L 130 40.83 -20.34 10.91
CA ASN L 130 40.86 -20.80 12.30
C ASN L 130 40.63 -22.30 12.34
N ASN L 131 39.60 -22.75 11.63
CA ASN L 131 39.36 -24.18 11.54
C ASN L 131 40.59 -24.89 11.02
N ILE L 132 40.94 -24.64 9.75
CA ILE L 132 42.05 -25.33 9.11
C ILE L 132 43.22 -25.46 10.09
N ALA L 133 43.58 -24.34 10.70
CA ALA L 133 44.72 -24.29 11.59
C ALA L 133 44.58 -25.29 12.72
N MET L 134 43.54 -25.15 13.55
CA MET L 134 43.61 -25.99 14.72
C MET L 134 43.26 -27.43 14.38
N ALA L 135 42.63 -27.66 13.23
CA ALA L 135 42.43 -29.02 12.76
C ALA L 135 43.77 -29.70 12.52
N LEU L 136 44.68 -29.00 11.83
CA LEU L 136 46.04 -29.49 11.70
C LEU L 136 46.66 -29.70 13.08
N GLU L 137 46.42 -28.77 14.00
CA GLU L 137 46.99 -28.88 15.33
C GLU L 137 46.55 -30.17 16.01
N VAL L 138 45.25 -30.46 15.96
CA VAL L 138 44.71 -31.67 16.57
C VAL L 138 45.29 -32.90 15.89
N THR L 139 45.41 -32.84 14.56
CA THR L 139 46.03 -33.94 13.85
C THR L 139 47.39 -34.22 14.47
N TYR L 140 48.19 -33.17 14.64
CA TYR L 140 49.53 -33.31 15.18
C TYR L 140 49.51 -33.95 16.56
N ARG L 141 48.70 -33.38 17.45
CA ARG L 141 48.75 -33.82 18.84
C ARG L 141 48.24 -35.23 19.00
N GLU L 142 47.26 -35.62 18.19
CA GLU L 142 46.80 -37.00 18.23
C GLU L 142 47.83 -37.93 17.61
N ARG L 143 48.62 -37.44 16.65
CA ARG L 143 49.73 -38.24 16.14
C ARG L 143 50.72 -38.53 17.25
N LEU L 144 51.02 -37.51 18.05
CA LEU L 144 51.89 -37.70 19.21
C LEU L 144 51.32 -38.77 20.14
N HIS L 145 50.06 -38.61 20.53
CA HIS L 145 49.44 -39.64 21.35
C HIS L 145 49.57 -41.00 20.70
N ARG L 146 49.40 -41.06 19.38
CA ARG L 146 49.41 -42.34 18.70
C ARG L 146 50.75 -43.03 18.89
N VAL L 147 51.83 -42.33 18.59
CA VAL L 147 53.15 -42.94 18.70
C VAL L 147 53.42 -43.33 20.14
N TYR L 148 53.17 -42.41 21.07
CA TYR L 148 53.49 -42.67 22.46
C TYR L 148 52.74 -43.89 22.96
N ARG L 149 51.43 -43.93 22.70
CA ARG L 149 50.61 -45.03 23.17
C ARG L 149 51.02 -46.34 22.52
N GLU L 150 51.29 -46.32 21.22
CA GLU L 150 51.62 -47.56 20.54
C GLU L 150 52.89 -48.16 21.09
N VAL L 151 53.93 -47.34 21.25
CA VAL L 151 55.18 -47.88 21.79
C VAL L 151 54.98 -48.31 23.23
N LYS L 152 54.14 -47.60 23.98
CA LYS L 152 53.80 -48.01 25.33
C LYS L 152 53.26 -49.44 25.32
N ASN L 153 52.33 -49.70 24.41
CA ASN L 153 51.73 -51.03 24.30
C ASN L 153 52.77 -52.06 23.90
N ARG L 154 53.56 -51.73 22.88
CA ARG L 154 54.57 -52.63 22.34
C ARG L 154 55.59 -53.03 23.38
N LEU L 155 55.90 -52.16 24.33
CA LEU L 155 56.77 -52.56 25.43
C LEU L 155 56.01 -53.26 26.55
N ASP L 156 54.75 -52.88 26.80
CA ASP L 156 54.01 -53.50 27.88
C ASP L 156 53.78 -54.99 27.63
N TYR L 157 53.71 -55.38 26.36
CA TYR L 157 53.48 -56.81 26.14
C TYR L 157 54.76 -57.64 26.26
N HIS L 158 55.79 -57.07 26.88
CA HIS L 158 56.96 -57.82 27.32
C HIS L 158 56.99 -57.96 28.83
N ILE L 159 56.64 -56.88 29.54
CA ILE L 159 56.37 -57.03 30.96
C ILE L 159 55.36 -58.14 31.17
N SER L 160 54.19 -58.01 30.52
CA SER L 160 53.17 -59.05 30.63
C SER L 160 53.79 -60.45 30.59
N VAL L 161 54.64 -60.68 29.60
CA VAL L 161 55.27 -61.99 29.43
C VAL L 161 56.12 -62.31 30.65
N GLN L 162 56.94 -61.35 31.06
CA GLN L 162 57.85 -61.59 32.19
C GLN L 162 57.06 -61.99 33.43
N ASN L 163 56.01 -61.23 33.72
CA ASN L 163 55.15 -61.49 34.87
C ASN L 163 54.55 -62.88 34.79
N MET L 164 53.99 -63.22 33.63
CA MET L 164 53.34 -64.51 33.49
C MET L 164 54.34 -65.63 33.73
N MET L 165 55.53 -65.50 33.16
CA MET L 165 56.58 -66.48 33.37
C MET L 165 56.94 -66.59 34.85
N ARG L 166 57.20 -65.46 35.49
CA ARG L 166 57.55 -65.45 36.91
C ARG L 166 56.56 -66.31 37.68
N GLN L 167 55.28 -65.94 37.60
CA GLN L 167 54.29 -66.62 38.43
C GLN L 167 54.16 -68.09 38.05
N LYS L 168 54.15 -68.40 36.76
CA LYS L 168 53.90 -69.78 36.33
C LYS L 168 55.03 -70.68 36.78
N GLU L 169 56.27 -70.23 36.56
CA GLU L 169 57.42 -70.94 37.09
C GLU L 169 57.29 -71.12 38.60
N GLN L 170 56.80 -70.09 39.30
CA GLN L 170 56.68 -70.22 40.74
C GLN L 170 55.77 -71.38 41.11
N GLU L 171 54.58 -71.43 40.54
CA GLU L 171 53.68 -72.53 40.91
C GLU L 171 54.32 -73.87 40.57
N HIS L 172 54.87 -73.97 39.35
CA HIS L 172 55.45 -75.25 38.94
C HIS L 172 56.53 -75.72 39.89
N MET L 173 57.49 -74.85 40.18
CA MET L 173 58.60 -75.25 41.02
C MET L 173 58.12 -75.56 42.43
N ILE L 174 57.09 -74.87 42.90
CA ILE L 174 56.55 -75.20 44.21
C ILE L 174 55.96 -76.60 44.20
N ASN L 175 55.32 -76.99 43.11
CA ASN L 175 54.81 -78.35 43.01
C ASN L 175 55.94 -79.36 43.05
N TRP L 176 57.01 -79.07 42.30
CA TRP L 176 58.19 -79.91 42.35
C TRP L 176 58.67 -80.05 43.80
N VAL L 177 58.64 -78.93 44.53
CA VAL L 177 59.12 -78.90 45.90
C VAL L 177 58.27 -79.77 46.80
N GLU L 178 56.94 -79.64 46.69
CA GLU L 178 56.08 -80.46 47.53
C GLU L 178 56.30 -81.93 47.24
N LYS L 179 56.51 -82.28 45.97
CA LYS L 179 56.81 -83.68 45.66
C LYS L 179 58.09 -84.12 46.36
N ARG L 180 59.12 -83.28 46.29
CA ARG L 180 60.40 -83.64 46.90
C ARG L 180 60.25 -83.82 48.40
N VAL L 181 59.52 -82.93 49.06
CA VAL L 181 59.41 -83.00 50.52
C VAL L 181 58.57 -84.21 50.93
N VAL L 182 57.46 -84.45 50.23
CA VAL L 182 56.67 -85.63 50.57
C VAL L 182 57.52 -86.88 50.38
N GLN L 183 58.37 -86.90 49.35
CA GLN L 183 59.27 -88.04 49.19
C GLN L 183 60.21 -88.16 50.38
N SER L 184 60.89 -87.08 50.72
CA SER L 184 61.95 -87.14 51.72
C SER L 184 61.41 -87.25 53.15
N ILE L 185 60.09 -87.13 53.34
CA ILE L 185 59.56 -87.16 54.69
C ILE L 185 59.84 -88.47 55.41
N SER L 186 60.16 -89.54 54.68
CA SER L 186 60.55 -90.80 55.31
C SER L 186 61.92 -90.74 55.94
N ALA L 187 62.65 -89.64 55.76
CA ALA L 187 64.02 -89.53 56.23
C ALA L 187 64.09 -89.71 57.74
N GLN L 188 65.14 -90.38 58.19
CA GLN L 188 65.28 -90.80 59.59
C GLN L 188 65.82 -89.64 60.43
N GLN L 189 64.89 -88.82 60.92
CA GLN L 189 65.19 -87.80 61.92
C GLN L 189 64.25 -87.88 63.10
N GLU L 190 63.53 -88.99 63.25
CA GLU L 190 62.43 -89.05 64.20
C GLU L 190 62.91 -88.91 65.63
N LYS L 191 64.06 -89.51 65.96
CA LYS L 191 64.51 -89.53 67.34
C LYS L 191 64.94 -88.15 67.82
N GLU L 192 65.74 -87.44 67.03
CA GLU L 192 66.07 -86.06 67.42
C GLU L 192 64.83 -85.19 67.41
N THR L 193 63.90 -85.48 66.50
CA THR L 193 62.63 -84.78 66.51
C THR L 193 61.92 -84.97 67.85
N ILE L 194 61.92 -86.21 68.35
CA ILE L 194 61.32 -86.48 69.65
C ILE L 194 62.06 -85.76 70.75
N ALA L 195 63.39 -85.73 70.68
CA ALA L 195 64.16 -85.03 71.70
C ALA L 195 63.76 -83.56 71.77
N LYS L 196 63.78 -82.89 70.61
CA LYS L 196 63.41 -81.49 70.59
C LYS L 196 61.97 -81.31 71.06
N CYS L 197 61.08 -82.23 70.68
CA CYS L 197 59.70 -82.09 71.12
C CYS L 197 59.59 -82.25 72.63
N ILE L 198 60.40 -83.11 73.22
CA ILE L 198 60.37 -83.25 74.68
C ILE L 198 60.79 -81.95 75.33
N ALA L 199 61.85 -81.33 74.82
CA ALA L 199 62.20 -80.00 75.31
C ALA L 199 61.03 -79.03 75.15
N ASP L 200 60.37 -79.11 74.00
CA ASP L 200 59.27 -78.21 73.70
C ASP L 200 58.14 -78.38 74.71
N LEU L 201 57.76 -79.63 74.96
CA LEU L 201 56.69 -79.90 75.92
C LEU L 201 57.08 -79.50 77.33
N LYS L 202 58.36 -79.64 77.70
CA LYS L 202 58.78 -79.16 79.01
C LYS L 202 58.56 -77.65 79.12
N LEU L 203 58.97 -76.92 78.10
CA LEU L 203 58.77 -75.47 78.11
C LEU L 203 57.28 -75.14 78.14
N LEU L 204 56.48 -75.84 77.34
CA LEU L 204 55.06 -75.61 77.34
C LEU L 204 54.45 -75.87 78.70
N SER L 205 54.88 -76.93 79.38
CA SER L 205 54.38 -77.21 80.71
C SER L 205 54.75 -76.10 81.67
N LYS L 206 55.99 -75.60 81.58
CA LYS L 206 56.35 -74.46 82.41
C LYS L 206 55.38 -73.31 82.20
N LYS L 207 54.98 -73.07 80.95
CA LYS L 207 54.04 -71.99 80.70
C LYS L 207 52.62 -72.32 81.16
N ALA L 208 52.25 -73.60 81.13
CA ALA L 208 50.84 -73.95 81.25
C ALA L 208 50.27 -73.50 82.60
N GLN L 209 50.92 -73.87 83.69
CA GLN L 209 50.42 -73.54 85.02
C GLN L 209 50.24 -72.04 85.20
N ASP M 5 67.81 -71.53 65.24
CA ASP M 5 66.96 -71.40 64.06
C ASP M 5 67.15 -72.54 63.09
N PRO M 6 68.40 -72.98 62.88
CA PRO M 6 68.62 -74.15 62.00
C PRO M 6 68.06 -75.45 62.57
N VAL M 7 67.80 -75.52 63.88
CA VAL M 7 67.53 -76.81 64.52
C VAL M 7 66.27 -77.45 63.93
N GLN M 8 65.19 -76.68 63.80
CA GLN M 8 63.95 -77.22 63.29
C GLN M 8 64.18 -77.88 61.94
N LYS M 9 64.01 -79.20 61.90
CA LYS M 9 64.40 -79.96 60.72
C LYS M 9 63.65 -79.48 59.49
N LEU M 10 62.32 -79.62 59.49
CA LEU M 10 61.52 -79.35 58.30
C LEU M 10 62.02 -78.12 57.55
N PHE M 11 62.39 -77.08 58.29
CA PHE M 11 62.87 -75.87 57.63
C PHE M 11 64.17 -76.13 56.88
N VAL M 12 65.15 -76.76 57.52
CA VAL M 12 66.40 -77.02 56.83
C VAL M 12 66.17 -78.01 55.70
N ASP M 13 65.21 -78.91 55.85
CA ASP M 13 64.84 -79.80 54.76
C ASP M 13 64.37 -79.01 53.54
N LYS M 14 63.38 -78.14 53.75
CA LYS M 14 62.91 -77.29 52.67
C LYS M 14 64.07 -76.51 52.08
N ILE M 15 64.95 -76.00 52.94
CA ILE M 15 66.07 -75.18 52.49
C ILE M 15 66.97 -75.97 51.55
N ARG M 16 67.38 -77.16 51.96
CA ARG M 16 68.29 -77.94 51.14
C ARG M 16 67.61 -78.37 49.85
N GLU M 17 66.32 -78.66 49.90
CA GLU M 17 65.63 -79.01 48.66
C GLU M 17 65.61 -77.84 47.69
N TYR M 18 65.42 -76.62 48.19
CA TYR M 18 65.55 -75.45 47.31
C TYR M 18 66.98 -75.25 46.82
N ARG M 19 67.99 -75.51 47.65
CA ARG M 19 69.34 -75.39 47.12
C ARG M 19 69.53 -76.35 45.96
N THR M 20 69.06 -77.58 46.12
CA THR M 20 69.11 -78.54 45.03
C THR M 20 68.37 -78.02 43.82
N LYS M 21 67.20 -77.42 44.05
CA LYS M 21 66.42 -76.87 42.94
C LYS M 21 67.21 -75.80 42.21
N ARG M 22 67.82 -74.89 42.96
CA ARG M 22 68.56 -73.80 42.34
C ARG M 22 69.71 -74.33 41.50
N GLN M 23 70.45 -75.30 42.04
CA GLN M 23 71.56 -75.84 41.28
C GLN M 23 71.07 -76.56 40.03
N THR M 24 70.04 -77.40 40.16
CA THR M 24 69.47 -78.07 39.00
C THR M 24 68.87 -77.08 38.02
N SER M 25 68.63 -75.85 38.46
CA SER M 25 68.08 -74.81 37.61
C SER M 25 69.12 -74.22 36.67
N GLY M 26 70.25 -74.90 36.45
CA GLY M 26 71.10 -74.56 35.33
C GLY M 26 70.22 -74.45 34.09
N GLY M 27 69.16 -75.25 34.08
CA GLY M 27 68.00 -75.00 33.26
C GLY M 27 66.75 -75.31 34.07
N PRO M 28 65.63 -74.67 33.76
CA PRO M 28 64.39 -74.99 34.47
C PRO M 28 64.09 -76.48 34.40
N VAL M 29 63.81 -77.06 35.56
CA VAL M 29 63.80 -78.51 35.73
C VAL M 29 62.37 -79.03 35.64
N ASP M 30 62.21 -80.16 34.95
CA ASP M 30 60.93 -80.88 34.86
C ASP M 30 59.85 -80.04 34.17
N ALA M 31 60.15 -79.59 32.95
CA ALA M 31 59.14 -78.87 32.20
C ALA M 31 57.95 -79.75 31.90
N GLY M 32 58.14 -80.78 31.07
CA GLY M 32 57.05 -81.63 30.64
C GLY M 32 56.23 -80.97 29.54
N PRO M 33 55.86 -81.71 28.50
CA PRO M 33 55.19 -81.05 27.36
C PRO M 33 53.97 -80.24 27.75
N GLU M 34 53.16 -80.76 28.67
CA GLU M 34 52.05 -80.03 29.24
C GLU M 34 52.46 -78.60 29.56
N TYR M 35 53.68 -78.45 30.07
CA TYR M 35 54.27 -77.14 30.30
C TYR M 35 54.16 -76.29 29.04
N GLN M 36 54.58 -76.87 27.91
CA GLN M 36 54.62 -76.11 26.67
C GLN M 36 53.23 -75.83 26.14
N GLN M 37 52.30 -76.77 26.28
CA GLN M 37 50.93 -76.51 25.84
C GLN M 37 50.30 -75.39 26.66
N ASP M 38 50.60 -75.36 27.96
CA ASP M 38 50.18 -74.23 28.79
C ASP M 38 50.74 -72.93 28.20
N LEU M 39 52.07 -72.81 28.20
CA LEU M 39 52.73 -71.67 27.58
C LEU M 39 52.02 -71.28 26.29
N ASP M 40 51.71 -72.27 25.45
CA ASP M 40 51.03 -72.00 24.21
C ASP M 40 49.72 -71.27 24.45
N ARG M 41 48.86 -71.84 25.27
CA ARG M 41 47.54 -71.25 25.47
C ARG M 41 47.66 -69.82 25.96
N GLU M 42 48.42 -69.61 27.03
CA GLU M 42 48.45 -68.27 27.63
C GLU M 42 49.13 -67.27 26.70
N LEU M 43 50.23 -67.66 26.07
CA LEU M 43 50.93 -66.73 25.19
C LEU M 43 50.07 -66.38 23.98
N PHE M 44 49.32 -67.34 23.46
CA PHE M 44 48.45 -67.05 22.34
C PHE M 44 47.38 -66.06 22.76
N LYS M 45 46.76 -66.28 23.92
CA LYS M 45 45.81 -65.30 24.44
C LYS M 45 46.45 -63.92 24.48
N LEU M 46 47.66 -63.83 25.05
CA LEU M 46 48.32 -62.54 25.22
C LEU M 46 48.56 -61.85 23.88
N LYS M 47 49.19 -62.56 22.94
CA LYS M 47 49.51 -61.96 21.65
C LYS M 47 48.24 -61.56 20.90
N GLN M 48 47.23 -62.42 20.94
CA GLN M 48 45.98 -62.10 20.26
C GLN M 48 45.36 -60.84 20.85
N MET M 49 45.37 -60.71 22.18
CA MET M 49 44.89 -59.48 22.79
C MET M 49 45.74 -58.28 22.39
N TYR M 50 47.02 -58.50 22.12
CA TYR M 50 47.92 -57.39 21.82
C TYR M 50 48.01 -57.09 20.33
N GLY M 51 48.06 -58.11 19.49
CA GLY M 51 48.23 -57.92 18.06
C GLY M 51 49.12 -58.96 17.42
N LYS M 52 49.71 -58.62 16.26
CA LYS M 52 50.55 -59.55 15.52
C LYS M 52 51.91 -58.96 15.15
N ALA M 53 52.21 -57.75 15.61
CA ALA M 53 53.52 -57.18 15.34
C ALA M 53 54.60 -58.03 15.99
N ASP M 54 55.82 -57.93 15.48
CA ASP M 54 56.93 -58.73 15.98
C ASP M 54 57.07 -58.55 17.49
N MET M 55 57.81 -59.46 18.13
CA MET M 55 58.02 -59.34 19.56
C MET M 55 58.69 -58.01 19.89
N ASN M 56 59.63 -57.57 19.05
CA ASN M 56 60.51 -56.47 19.43
C ASN M 56 60.72 -55.44 18.33
N THR M 57 59.96 -55.50 17.24
CA THR M 57 60.15 -54.53 16.16
C THR M 57 59.63 -53.15 16.55
N PHE M 58 60.39 -52.12 16.16
CA PHE M 58 60.00 -50.74 16.41
C PHE M 58 59.28 -50.20 15.19
N PRO M 59 57.95 -50.12 15.19
CA PRO M 59 57.24 -49.73 13.97
C PRO M 59 57.04 -48.24 13.85
N ASN M 60 56.34 -47.83 12.80
CA ASN M 60 55.89 -46.44 12.66
C ASN M 60 54.57 -46.44 11.91
N PHE M 61 53.85 -45.32 12.01
CA PHE M 61 52.56 -45.18 11.36
C PHE M 61 52.66 -44.65 9.93
N THR M 62 53.70 -43.87 9.62
CA THR M 62 53.80 -43.21 8.31
C THR M 62 52.62 -42.26 8.09
N PHE M 63 52.63 -41.19 8.87
CA PHE M 63 51.48 -40.32 9.04
C PHE M 63 51.00 -39.77 7.70
N GLU M 64 49.83 -39.12 7.76
CA GLU M 64 49.21 -38.46 6.63
C GLU M 64 48.40 -37.29 7.16
N ASP M 65 47.99 -36.40 6.26
CA ASP M 65 47.21 -35.23 6.60
C ASP M 65 45.81 -35.30 6.01
N PRO M 66 44.92 -34.36 6.38
CA PRO M 66 43.53 -34.35 5.88
C PRO M 66 43.42 -34.06 4.39
N ALA N 100 24.43 -97.50 78.91
CA ALA N 100 25.53 -96.64 78.49
C ALA N 100 25.89 -95.66 79.60
N VAL N 101 24.88 -95.20 80.34
CA VAL N 101 25.13 -94.33 81.48
C VAL N 101 26.08 -94.97 82.48
N ILE N 102 26.33 -96.28 82.35
CA ILE N 102 27.47 -96.87 83.04
C ILE N 102 28.73 -96.10 82.67
N SER N 103 28.87 -95.78 81.38
CA SER N 103 29.99 -94.98 80.94
C SER N 103 29.91 -93.58 81.50
N ALA N 104 28.70 -93.03 81.64
CA ALA N 104 28.57 -91.71 82.24
C ALA N 104 29.13 -91.71 83.66
N PHE N 105 28.75 -92.71 84.45
CA PHE N 105 29.29 -92.83 85.79
C PHE N 105 30.79 -93.04 85.77
N SER N 106 31.26 -93.93 84.91
CA SER N 106 32.68 -94.21 84.81
C SER N 106 33.46 -92.92 84.57
N THR N 107 33.02 -92.13 83.61
CA THR N 107 33.70 -90.90 83.26
C THR N 107 33.63 -89.89 84.39
N MET N 108 32.41 -89.64 84.90
CA MET N 108 32.26 -88.63 85.93
C MET N 108 33.10 -88.97 87.14
N MET N 109 33.28 -90.26 87.41
CA MET N 109 34.05 -90.65 88.58
C MET N 109 35.55 -90.61 88.30
N SER N 110 36.00 -91.36 87.29
CA SER N 110 37.38 -91.27 86.85
C SER N 110 37.86 -89.82 86.89
N VAL N 111 37.04 -88.91 86.38
CA VAL N 111 37.33 -87.50 86.52
C VAL N 111 37.33 -87.12 88.00
N HIS N 112 36.31 -87.56 88.74
CA HIS N 112 36.22 -87.21 90.15
C HIS N 112 37.47 -87.64 90.88
N ARG N 113 37.99 -88.83 90.58
CA ARG N 113 39.24 -89.28 91.16
C ARG N 113 40.46 -88.65 90.48
N GLY N 114 40.27 -87.58 89.72
CA GLY N 114 41.38 -86.81 89.17
C GLY N 114 42.08 -87.43 87.98
N GLU N 115 41.37 -88.17 87.15
CA GLU N 115 41.94 -88.73 85.93
C GLU N 115 41.88 -87.70 84.81
N VAL N 116 42.77 -87.84 83.84
CA VAL N 116 42.69 -87.06 82.60
C VAL N 116 42.93 -88.00 81.43
N PRO N 117 42.32 -87.77 80.28
CA PRO N 117 42.57 -88.63 79.12
C PRO N 117 43.70 -88.09 78.25
N CYS N 118 44.27 -88.99 77.47
CA CYS N 118 45.40 -88.63 76.62
C CYS N 118 45.51 -89.58 75.44
N THR N 119 45.97 -89.02 74.33
CA THR N 119 46.35 -89.80 73.16
C THR N 119 47.49 -89.08 72.46
N VAL N 120 48.62 -89.75 72.34
CA VAL N 120 49.75 -89.25 71.57
C VAL N 120 49.91 -90.15 70.36
N THR N 121 49.83 -89.54 69.18
CA THR N 121 49.75 -90.30 67.93
C THR N 121 50.93 -89.95 67.04
N THR N 122 51.27 -90.91 66.18
CA THR N 122 52.39 -90.75 65.27
C THR N 122 52.19 -91.69 64.10
N ALA N 123 52.95 -91.43 63.03
CA ALA N 123 52.93 -92.36 61.89
C ALA N 123 53.38 -93.75 62.31
N SER N 124 54.14 -93.85 63.40
CA SER N 124 54.68 -95.13 63.86
C SER N 124 54.56 -95.20 65.37
N ALA N 125 55.19 -96.20 65.96
CA ALA N 125 55.15 -96.41 67.40
C ALA N 125 56.24 -95.57 68.08
N LEU N 126 56.33 -95.70 69.39
CA LEU N 126 57.26 -94.91 70.19
C LEU N 126 58.11 -95.85 71.05
N ASP N 127 59.07 -95.25 71.77
CA ASP N 127 60.06 -96.02 72.50
C ASP N 127 59.79 -95.99 73.99
N GLU N 128 59.98 -97.15 74.64
CA GLU N 128 59.64 -97.28 76.05
C GLU N 128 60.30 -96.21 76.89
N ALA N 129 61.57 -95.90 76.61
CA ALA N 129 62.19 -94.76 77.26
C ALA N 129 61.51 -93.47 76.84
N THR N 130 61.20 -93.35 75.55
CA THR N 130 60.43 -92.20 75.08
C THR N 130 59.08 -92.13 75.77
N LEU N 131 58.43 -93.28 75.91
CA LEU N 131 57.12 -93.31 76.56
C LEU N 131 57.23 -92.87 78.01
N THR N 132 58.28 -93.31 78.71
CA THR N 132 58.45 -92.95 80.10
C THR N 132 58.72 -91.46 80.27
N GLU N 133 59.63 -90.92 79.47
CA GLU N 133 59.90 -89.49 79.57
C GLU N 133 58.66 -88.69 79.17
N LEU N 134 57.88 -89.19 78.23
CA LEU N 134 56.62 -88.53 77.90
C LEU N 134 55.69 -88.54 79.09
N LYS N 135 55.64 -89.66 79.81
CA LYS N 135 54.82 -89.71 81.02
C LYS N 135 55.30 -88.67 82.02
N THR N 136 56.61 -88.53 82.15
CA THR N 136 57.16 -87.52 83.04
C THR N 136 56.68 -86.13 82.64
N VAL N 137 56.83 -85.79 81.37
CA VAL N 137 56.54 -84.41 80.94
C VAL N 137 55.04 -84.14 81.02
N LEU N 138 54.22 -85.13 80.71
CA LEU N 138 52.77 -84.91 80.81
C LEU N 138 52.33 -84.81 82.26
N LYS N 139 52.98 -85.54 83.17
CA LYS N 139 52.72 -85.32 84.58
C LYS N 139 53.08 -83.89 84.95
N SER N 140 54.21 -83.41 84.43
CA SER N 140 54.57 -82.02 84.62
C SER N 140 53.46 -81.10 84.13
N PHE N 141 52.92 -81.38 82.93
CA PHE N 141 51.70 -80.71 82.49
C PHE N 141 50.63 -80.81 83.55
N LEU N 142 50.39 -82.02 84.05
CA LEU N 142 49.35 -82.23 85.03
C LEU N 142 49.71 -81.52 86.34
N SER N 143 48.67 -81.17 87.10
CA SER N 143 48.87 -80.59 88.41
C SER N 143 49.18 -81.69 89.41
N LYS N 144 49.22 -81.35 90.69
CA LYS N 144 49.57 -82.30 91.74
C LYS N 144 48.65 -83.50 91.70
N GLY N 145 49.27 -84.69 91.72
CA GLY N 145 48.54 -85.94 91.87
C GLY N 145 47.60 -86.29 90.73
N GLN N 146 47.39 -85.39 89.77
CA GLN N 146 46.47 -85.68 88.68
C GLN N 146 46.94 -86.90 87.90
N VAL N 147 45.99 -87.75 87.52
CA VAL N 147 46.29 -89.02 86.86
C VAL N 147 45.92 -88.90 85.39
N LEU N 148 46.66 -89.61 84.53
CA LEU N 148 46.49 -89.52 83.09
C LEU N 148 46.26 -90.90 82.50
N LYS N 149 45.21 -91.01 81.67
CA LYS N 149 44.84 -92.25 81.01
C LYS N 149 45.48 -92.23 79.62
N LEU N 150 46.71 -92.73 79.54
CA LEU N 150 47.54 -92.52 78.37
C LEU N 150 47.07 -93.37 77.21
N GLU N 151 47.70 -93.15 76.07
CA GLU N 151 47.47 -93.96 74.87
C GLU N 151 48.54 -93.59 73.85
N VAL N 152 49.09 -94.61 73.20
CA VAL N 152 50.01 -94.37 72.09
C VAL N 152 49.36 -94.84 70.80
N LYS N 153 48.64 -93.95 70.13
CA LYS N 153 48.07 -94.29 68.84
C LYS N 153 49.16 -94.27 67.78
N ILE N 154 49.00 -95.13 66.79
CA ILE N 154 49.95 -95.24 65.68
C ILE N 154 49.14 -94.95 64.42
N ASP N 155 49.12 -93.68 64.01
CA ASP N 155 48.33 -93.27 62.85
C ASP N 155 49.26 -92.94 61.70
N PRO N 156 49.40 -93.81 60.70
CA PRO N 156 50.17 -93.44 59.50
C PRO N 156 49.47 -92.39 58.65
N SER N 157 48.24 -92.00 58.98
CA SER N 157 47.60 -90.90 58.26
C SER N 157 48.58 -89.74 58.13
N ILE N 158 49.01 -89.18 59.26
CA ILE N 158 50.22 -88.38 59.24
C ILE N 158 51.36 -89.27 58.82
N MET N 159 52.17 -88.81 57.89
CA MET N 159 53.33 -89.56 57.46
C MET N 159 54.60 -89.08 58.17
N GLY N 160 54.49 -88.17 59.12
CA GLY N 160 55.64 -87.71 59.86
C GLY N 160 55.21 -86.86 61.04
N GLY N 161 56.18 -86.56 61.89
CA GLY N 161 55.92 -85.78 63.08
C GLY N 161 55.09 -86.55 64.09
N MET N 162 54.39 -85.80 64.95
CA MET N 162 53.58 -86.41 66.00
C MET N 162 52.49 -85.44 66.43
N ILE N 163 51.54 -85.96 67.20
CA ILE N 163 50.44 -85.18 67.75
C ILE N 163 50.25 -85.59 69.20
N VAL N 164 49.84 -84.64 70.04
CA VAL N 164 49.58 -84.90 71.44
C VAL N 164 48.26 -84.26 71.84
N ARG N 165 47.38 -85.06 72.45
CA ARG N 165 46.14 -84.59 73.03
C ARG N 165 46.12 -84.99 74.50
N ILE N 166 45.97 -84.01 75.38
CA ILE N 166 45.72 -84.25 76.79
C ILE N 166 44.42 -83.55 77.13
N GLY N 167 43.47 -84.29 77.69
CA GLY N 167 42.16 -83.74 77.99
C GLY N 167 41.70 -82.84 76.86
N GLU N 168 41.29 -81.62 77.19
CA GLU N 168 40.95 -80.66 76.16
C GLU N 168 42.19 -80.24 75.37
N LYS N 169 43.26 -79.86 76.07
CA LYS N 169 44.38 -79.20 75.43
C LYS N 169 44.91 -80.04 74.27
N TYR N 170 45.54 -79.37 73.31
CA TYR N 170 45.92 -79.99 72.06
C TYR N 170 47.18 -79.34 71.51
N VAL N 171 48.11 -80.16 71.05
CA VAL N 171 49.31 -79.65 70.39
C VAL N 171 49.70 -80.61 69.28
N ASP N 172 50.23 -80.07 68.20
CA ASP N 172 50.61 -80.88 67.04
C ASP N 172 51.99 -80.46 66.59
N MET N 173 52.89 -81.43 66.49
CA MET N 173 54.20 -81.29 65.87
C MET N 173 54.29 -82.28 64.72
N SER N 174 53.24 -82.33 63.90
CA SER N 174 53.12 -83.40 62.93
C SER N 174 53.60 -82.96 61.55
N ALA N 175 53.72 -83.95 60.66
CA ALA N 175 54.08 -83.65 59.30
C ALA N 175 53.01 -82.83 58.61
N LYS N 176 51.76 -83.28 58.66
CA LYS N 176 50.71 -82.60 57.92
C LYS N 176 50.57 -81.15 58.37
N THR N 177 50.53 -80.91 59.68
CA THR N 177 50.28 -79.56 60.15
C THR N 177 51.32 -78.59 59.59
N LYS N 178 52.60 -78.94 59.72
CA LYS N 178 53.63 -78.00 59.31
C LYS N 178 53.79 -77.95 57.80
N ILE N 179 53.58 -79.07 57.10
CA ILE N 179 53.62 -79.03 55.66
C ILE N 179 52.54 -78.10 55.14
N GLN N 180 51.32 -78.24 55.65
CA GLN N 180 50.26 -77.32 55.29
C GLN N 180 50.62 -75.89 55.65
N LYS N 181 51.13 -75.69 56.86
CA LYS N 181 51.45 -74.34 57.30
C LYS N 181 52.42 -73.68 56.33
N LEU N 182 53.54 -74.35 56.07
CA LEU N 182 54.55 -73.75 55.22
C LEU N 182 54.05 -73.58 53.79
N SER N 183 53.41 -74.61 53.23
CA SER N 183 52.97 -74.51 51.85
C SER N 183 51.92 -73.42 51.68
N ARG N 184 50.92 -73.37 52.56
CA ARG N 184 49.90 -72.33 52.47
C ARG N 184 50.51 -70.94 52.64
N ALA N 185 51.28 -70.74 53.73
CA ALA N 185 51.88 -69.44 53.97
C ALA N 185 52.84 -69.06 52.85
N MET N 186 53.36 -70.05 52.14
CA MET N 186 54.29 -69.85 51.04
C MET N 186 53.58 -69.70 49.70
N ARG N 187 52.28 -69.93 49.63
CA ARG N 187 51.55 -69.58 48.42
C ARG N 187 51.55 -68.09 48.16
N GLU N 188 51.78 -67.27 49.19
CA GLU N 188 51.92 -65.84 48.98
C GLU N 188 53.20 -65.54 48.21
N ALA O 6 64.71 -67.39 38.92
CA ALA O 6 65.91 -66.60 39.15
C ALA O 6 65.83 -65.88 40.50
N GLU O 7 65.20 -64.71 40.52
CA GLU O 7 64.97 -64.00 41.77
C GLU O 7 63.82 -64.61 42.57
N VAL O 8 62.87 -65.24 41.87
CA VAL O 8 61.73 -65.84 42.55
C VAL O 8 62.20 -66.85 43.58
N SER O 9 63.17 -67.68 43.22
CA SER O 9 63.67 -68.69 44.14
C SER O 9 64.18 -68.02 45.42
N SER O 10 65.01 -66.98 45.26
CA SER O 10 65.59 -66.33 46.41
C SER O 10 64.51 -65.69 47.29
N ILE O 11 63.54 -65.01 46.69
CA ILE O 11 62.52 -64.36 47.49
C ILE O 11 61.72 -65.38 48.27
N LEU O 12 61.35 -66.50 47.64
CA LEU O 12 60.59 -67.50 48.37
C LEU O 12 61.43 -68.20 49.42
N GLU O 13 62.73 -68.39 49.18
CA GLU O 13 63.60 -68.81 50.27
C GLU O 13 63.45 -67.88 51.46
N GLU O 14 63.65 -66.58 51.22
CA GLU O 14 63.69 -65.64 52.32
C GLU O 14 62.37 -65.60 53.06
N ARG O 15 61.26 -65.65 52.32
CA ARG O 15 59.96 -65.61 52.97
C ARG O 15 59.62 -66.90 53.68
N ILE O 16 60.20 -68.03 53.27
CA ILE O 16 60.09 -69.23 54.06
C ILE O 16 60.89 -69.11 55.35
N LEU O 17 62.06 -68.46 55.30
CA LEU O 17 62.76 -68.17 56.54
C LEU O 17 61.86 -67.41 57.50
N GLY O 18 61.06 -66.48 56.99
CA GLY O 18 60.11 -65.76 57.81
C GLY O 18 58.74 -66.38 57.78
N ALA O 19 58.44 -67.21 58.78
CA ALA O 19 57.13 -67.83 58.90
C ALA O 19 56.91 -68.23 60.34
N ASP O 20 55.64 -68.38 60.71
CA ASP O 20 55.27 -68.69 62.10
C ASP O 20 55.58 -70.17 62.37
N THR O 21 56.86 -70.44 62.64
CA THR O 21 57.26 -71.81 62.95
C THR O 21 56.69 -72.29 64.27
N SER O 22 56.39 -71.37 65.18
CA SER O 22 56.02 -71.73 66.54
C SER O 22 54.83 -72.69 66.55
N VAL O 23 54.69 -73.40 67.66
CA VAL O 23 53.54 -74.27 67.90
C VAL O 23 53.11 -74.08 69.35
N ASP O 24 51.81 -74.06 69.58
CA ASP O 24 51.27 -73.66 70.88
C ASP O 24 50.15 -74.61 71.29
N LEU O 25 49.65 -74.39 72.50
CA LEU O 25 48.57 -75.17 73.10
C LEU O 25 47.33 -74.29 73.19
N GLU O 26 46.19 -74.82 72.75
CA GLU O 26 44.99 -74.02 72.66
C GLU O 26 43.75 -74.90 72.76
N GLU O 27 42.63 -74.26 73.09
CA GLU O 27 41.36 -74.95 73.16
C GLU O 27 40.91 -75.37 71.77
N THR O 28 40.18 -76.49 71.72
CA THR O 28 39.80 -77.09 70.45
C THR O 28 38.54 -77.92 70.64
N GLY O 29 38.11 -78.57 69.55
CA GLY O 29 36.91 -79.39 69.60
C GLY O 29 36.76 -80.23 68.35
N ARG O 30 35.87 -81.22 68.46
CA ARG O 30 35.59 -82.14 67.37
C ARG O 30 34.24 -81.79 66.74
N VAL O 31 34.21 -81.70 65.42
CA VAL O 31 33.02 -81.28 64.69
C VAL O 31 32.00 -82.42 64.79
N LEU O 32 30.99 -82.23 65.64
CA LEU O 32 30.01 -83.29 65.85
C LEU O 32 29.17 -83.53 64.60
N SER O 33 28.62 -82.46 64.04
CA SER O 33 27.64 -82.58 62.96
C SER O 33 27.85 -81.47 61.95
N ILE O 34 27.37 -81.70 60.73
CA ILE O 34 27.41 -80.70 59.65
C ILE O 34 26.08 -80.69 58.94
N GLY O 35 25.56 -79.50 58.67
CA GLY O 35 24.29 -79.36 57.97
C GLY O 35 23.85 -77.91 57.82
N ASP O 36 23.32 -77.58 56.64
CA ASP O 36 22.83 -76.23 56.34
C ASP O 36 23.89 -75.18 56.63
N GLY O 37 25.11 -75.47 56.19
CA GLY O 37 26.20 -74.53 56.40
C GLY O 37 26.50 -74.25 57.86
N ILE O 38 26.07 -75.13 58.75
CA ILE O 38 26.35 -75.01 60.18
C ILE O 38 27.05 -76.28 60.63
N ALA O 39 28.17 -76.13 61.32
CA ALA O 39 28.94 -77.23 61.86
C ALA O 39 28.91 -77.13 63.38
N ARG O 40 28.44 -78.18 64.03
CA ARG O 40 28.36 -78.21 65.49
C ARG O 40 29.46 -79.10 66.05
N VAL O 41 30.07 -78.62 67.13
CA VAL O 41 31.32 -79.14 67.65
C VAL O 41 31.19 -79.37 69.15
N HIS O 42 31.75 -80.48 69.62
CA HIS O 42 31.89 -80.73 71.04
C HIS O 42 33.25 -80.27 71.52
N GLY O 43 33.31 -79.90 72.79
CA GLY O 43 34.52 -79.34 73.36
C GLY O 43 34.42 -77.83 73.40
N LEU O 44 35.54 -77.15 73.22
CA LEU O 44 35.55 -75.68 73.19
C LEU O 44 34.81 -75.13 74.40
N ARG O 45 35.09 -75.71 75.57
CA ARG O 45 34.30 -75.42 76.75
C ARG O 45 34.21 -73.93 77.03
N ASN O 46 35.35 -73.24 77.08
CA ASN O 46 35.36 -71.85 77.46
C ASN O 46 35.02 -70.90 76.31
N VAL O 47 35.12 -71.37 75.06
CA VAL O 47 35.12 -70.49 73.90
C VAL O 47 34.07 -69.40 74.08
N GLN O 48 34.50 -68.15 73.93
CA GLN O 48 33.59 -67.02 74.08
C GLN O 48 32.56 -67.02 72.96
N ALA O 49 31.42 -66.40 73.23
CA ALA O 49 30.37 -66.32 72.24
C ALA O 49 30.85 -65.53 71.02
N GLU O 50 30.20 -65.80 69.88
CA GLU O 50 30.49 -65.12 68.62
C GLU O 50 31.98 -65.11 68.31
N GLU O 51 32.72 -66.09 68.85
CA GLU O 51 34.16 -66.08 68.71
C GLU O 51 34.57 -66.61 67.34
N MET O 52 35.56 -65.95 66.75
CA MET O 52 36.17 -66.48 65.53
C MET O 52 36.88 -67.78 65.87
N VAL O 53 36.74 -68.76 64.99
CA VAL O 53 37.29 -70.08 65.21
C VAL O 53 37.80 -70.62 63.89
N GLU O 54 38.95 -71.27 63.93
CA GLU O 54 39.67 -71.69 62.75
C GLU O 54 39.40 -73.16 62.46
N PHE O 55 39.68 -73.56 61.23
CA PHE O 55 39.44 -74.92 60.78
C PHE O 55 40.73 -75.59 60.35
N SER O 56 40.72 -76.92 60.39
CA SER O 56 41.86 -77.67 59.87
C SER O 56 42.19 -77.23 58.47
N SER O 57 41.19 -77.07 57.62
CA SER O 57 41.40 -76.59 56.26
C SER O 57 41.89 -75.16 56.20
N GLY O 58 41.85 -74.43 57.32
CA GLY O 58 42.14 -73.02 57.31
C GLY O 58 41.01 -72.15 56.82
N LEU O 59 39.83 -72.72 56.62
CA LEU O 59 38.64 -71.98 56.18
C LEU O 59 37.89 -71.51 57.43
N LYS O 60 37.85 -70.20 57.63
CA LYS O 60 37.44 -69.66 58.93
C LYS O 60 35.96 -69.93 59.20
N GLY O 61 35.62 -69.84 60.49
CA GLY O 61 34.26 -70.03 60.95
C GLY O 61 34.04 -69.16 62.18
N MET O 62 32.78 -69.09 62.62
CA MET O 62 32.45 -68.30 63.80
C MET O 62 31.44 -69.06 64.64
N SER O 63 31.62 -69.00 65.96
CA SER O 63 30.75 -69.68 66.91
C SER O 63 29.90 -68.65 67.64
N LEU O 64 28.59 -68.75 67.49
CA LEU O 64 27.64 -67.93 68.22
C LEU O 64 26.80 -68.72 69.20
N ASN O 65 26.42 -69.96 68.85
CA ASN O 65 25.54 -70.78 69.69
C ASN O 65 26.34 -71.28 70.89
N LEU O 66 26.60 -70.37 71.81
CA LEU O 66 27.32 -70.72 73.03
C LEU O 66 26.42 -71.62 73.86
N GLU O 67 26.73 -72.92 73.86
CA GLU O 67 25.93 -73.89 74.60
C GLU O 67 26.88 -74.93 75.21
N PRO O 68 26.70 -75.29 76.49
CA PRO O 68 27.64 -76.24 77.11
C PRO O 68 27.89 -77.50 76.30
N ASP O 69 26.84 -78.27 76.00
CA ASP O 69 27.02 -79.56 75.33
C ASP O 69 27.87 -79.42 74.07
N ASN O 70 27.61 -78.39 73.27
CA ASN O 70 28.34 -78.21 72.02
C ASN O 70 28.05 -76.80 71.52
N VAL O 71 28.78 -76.40 70.49
CA VAL O 71 28.66 -75.06 69.90
C VAL O 71 28.47 -75.20 68.40
N GLY O 72 27.47 -74.50 67.88
CA GLY O 72 27.36 -74.34 66.45
C GLY O 72 28.34 -73.32 65.92
N VAL O 73 28.64 -73.43 64.63
CA VAL O 73 29.65 -72.58 64.02
C VAL O 73 29.36 -72.44 62.54
N VAL O 74 29.43 -71.21 62.04
CA VAL O 74 29.20 -70.92 60.63
C VAL O 74 30.50 -71.07 59.87
N VAL O 75 30.40 -71.40 58.60
CA VAL O 75 31.56 -71.66 57.75
C VAL O 75 31.70 -70.49 56.77
N PHE O 76 32.84 -69.82 56.82
CA PHE O 76 33.08 -68.67 55.94
C PHE O 76 33.59 -69.12 54.58
N GLY O 77 32.87 -70.04 53.96
CA GLY O 77 33.28 -70.59 52.69
C GLY O 77 32.70 -71.98 52.51
N ASN O 78 33.20 -72.67 51.50
CA ASN O 78 32.75 -74.01 51.18
C ASN O 78 32.82 -74.90 52.42
N ASP O 79 32.08 -76.00 52.41
CA ASP O 79 32.10 -76.96 53.50
C ASP O 79 32.26 -78.41 53.04
N LYS O 80 31.95 -78.72 51.78
CA LYS O 80 32.14 -80.09 51.32
C LYS O 80 33.58 -80.53 51.49
N LEU O 81 34.51 -79.58 51.50
CA LEU O 81 35.89 -79.91 51.86
C LEU O 81 35.96 -80.44 53.28
N ILE O 82 35.20 -79.85 54.20
CA ILE O 82 35.23 -80.29 55.58
C ILE O 82 34.72 -81.73 55.67
N LYS O 83 35.04 -82.37 56.79
CA LYS O 83 34.45 -83.66 57.14
C LYS O 83 34.12 -83.64 58.63
N GLU O 84 33.12 -84.44 59.01
CA GLU O 84 32.67 -84.49 60.39
C GLU O 84 33.84 -84.68 61.34
N GLY O 85 33.69 -84.13 62.55
CA GLY O 85 34.67 -84.32 63.59
C GLY O 85 35.99 -83.62 63.36
N ASP O 86 36.23 -83.09 62.17
CA ASP O 86 37.52 -82.50 61.87
C ASP O 86 37.85 -81.41 62.87
N ILE O 87 39.10 -81.40 63.33
CA ILE O 87 39.46 -80.58 64.48
C ILE O 87 39.16 -79.13 64.20
N VAL O 88 38.62 -78.45 65.21
CA VAL O 88 38.39 -77.01 65.18
C VAL O 88 39.15 -76.39 66.34
N LYS O 89 39.80 -75.27 66.09
CA LYS O 89 40.55 -74.56 67.10
C LYS O 89 39.94 -73.18 67.28
N ARG O 90 40.15 -72.60 68.45
CA ARG O 90 39.74 -71.23 68.71
C ARG O 90 40.98 -70.36 68.74
N THR O 91 41.03 -69.37 67.86
CA THR O 91 42.12 -68.41 67.87
C THR O 91 42.05 -67.47 69.05
N GLY O 92 40.99 -67.51 69.84
CA GLY O 92 40.78 -66.45 70.81
C GLY O 92 40.57 -65.12 70.12
N ALA O 93 39.89 -65.12 68.98
CA ALA O 93 39.64 -63.94 68.18
C ALA O 93 38.15 -63.68 68.08
N ILE O 94 37.75 -62.44 68.34
CA ILE O 94 36.36 -62.04 68.24
C ILE O 94 36.01 -61.72 66.80
#